data_2JOB
#
_entry.id   2JOB
#
_entity_poly.entity_id   1
_entity_poly.type   'polypeptide(L)'
_entity_poly.pdbx_seq_one_letter_code
;EAYVQGWEAVAAAVASKIVGLWRNEKTELLGHECKFTVKPYLKRFQVYYKGRMWCPGWTAIRGEASTRSQSGVAGKTAKD
FVRKAFQKGLISQQEANQWLSS
;
_entity_poly.pdbx_strand_id   A
#
# COMPACT_ATOMS: atom_id res chain seq x y z
N GLU A 1 -15.53 11.32 -0.25
CA GLU A 1 -15.33 12.78 -0.57
C GLU A 1 -13.83 13.10 -0.59
N ALA A 2 -13.42 14.01 -1.45
CA ALA A 2 -11.98 14.39 -1.53
C ALA A 2 -11.84 15.90 -1.73
N TYR A 3 -11.28 16.59 -0.77
CA TYR A 3 -11.12 18.07 -0.89
C TYR A 3 -9.69 18.49 -0.51
N VAL A 4 -9.14 19.46 -1.20
CA VAL A 4 -7.75 19.96 -0.91
C VAL A 4 -6.71 18.84 -1.15
N GLN A 5 -6.66 17.85 -0.30
CA GLN A 5 -5.68 16.74 -0.49
C GLN A 5 -6.27 15.66 -1.40
N GLY A 6 -6.55 16.01 -2.64
CA GLY A 6 -7.11 15.00 -3.59
C GLY A 6 -6.10 13.88 -3.83
N TRP A 7 -4.84 14.24 -4.00
CA TRP A 7 -3.79 13.20 -4.25
C TRP A 7 -3.68 12.25 -3.04
N GLU A 8 -3.83 12.76 -1.84
CA GLU A 8 -3.74 11.88 -0.63
C GLU A 8 -4.93 10.91 -0.62
N ALA A 9 -6.09 11.38 -1.02
CA ALA A 9 -7.29 10.48 -1.06
C ALA A 9 -7.08 9.40 -2.12
N VAL A 10 -6.50 9.76 -3.25
CA VAL A 10 -6.25 8.75 -4.32
C VAL A 10 -5.26 7.69 -3.80
N ALA A 11 -4.25 8.11 -3.06
CA ALA A 11 -3.27 7.13 -2.51
C ALA A 11 -3.98 6.18 -1.54
N ALA A 12 -4.88 6.71 -0.73
CA ALA A 12 -5.62 5.84 0.23
C ALA A 12 -6.47 4.82 -0.54
N ALA A 13 -7.10 5.23 -1.62
CA ALA A 13 -7.92 4.28 -2.43
C ALA A 13 -7.01 3.19 -3.02
N VAL A 14 -5.83 3.57 -3.47
CA VAL A 14 -4.89 2.56 -4.05
C VAL A 14 -4.48 1.56 -2.96
N ALA A 15 -4.24 2.04 -1.76
CA ALA A 15 -3.85 1.12 -0.65
C ALA A 15 -5.01 0.15 -0.35
N SER A 16 -6.22 0.63 -0.38
CA SER A 16 -7.39 -0.26 -0.11
C SER A 16 -7.48 -1.34 -1.21
N LYS A 17 -7.23 -0.95 -2.45
CA LYS A 17 -7.28 -1.95 -3.55
C LYS A 17 -6.17 -2.99 -3.38
N ILE A 18 -5.06 -2.61 -2.81
CA ILE A 18 -3.94 -3.59 -2.60
C ILE A 18 -4.40 -4.69 -1.63
N VAL A 19 -5.07 -4.33 -0.57
CA VAL A 19 -5.55 -5.36 0.40
C VAL A 19 -6.64 -6.23 -0.24
N GLY A 20 -7.53 -5.63 -1.00
CA GLY A 20 -8.61 -6.42 -1.66
C GLY A 20 -8.01 -7.32 -2.76
N LEU A 21 -6.88 -6.96 -3.30
CA LEU A 21 -6.25 -7.78 -4.39
C LEU A 21 -4.89 -8.34 -3.93
N TRP A 22 -4.77 -8.71 -2.68
CA TRP A 22 -3.48 -9.26 -2.17
C TRP A 22 -3.54 -10.79 -2.02
N ARG A 23 -2.51 -11.47 -2.42
CA ARG A 23 -2.46 -12.96 -2.29
C ARG A 23 -1.68 -13.33 -1.03
N ASN A 24 -1.34 -14.59 -0.86
CA ASN A 24 -0.56 -15.01 0.35
C ASN A 24 0.61 -14.04 0.60
N GLU A 25 1.33 -13.68 -0.43
CA GLU A 25 2.47 -12.73 -0.27
C GLU A 25 2.81 -12.06 -1.63
N LYS A 26 1.82 -11.78 -2.43
CA LYS A 26 2.07 -11.14 -3.76
C LYS A 26 0.88 -10.28 -4.18
N THR A 27 1.12 -9.24 -4.96
CA THR A 27 0.01 -8.38 -5.43
C THR A 27 0.39 -7.73 -6.76
N GLU A 28 -0.50 -6.99 -7.36
CA GLU A 28 -0.18 -6.33 -8.66
C GLU A 28 -0.62 -4.86 -8.65
N LEU A 29 0.29 -3.96 -8.95
CA LEU A 29 -0.06 -2.51 -8.96
C LEU A 29 -0.05 -1.96 -10.39
N LEU A 30 -1.14 -1.38 -10.82
CA LEU A 30 -1.21 -0.81 -12.22
C LEU A 30 -0.90 -1.89 -13.27
N GLY A 31 -1.20 -3.13 -12.99
CA GLY A 31 -0.92 -4.23 -13.98
C GLY A 31 0.50 -4.76 -13.80
N HIS A 32 1.31 -4.15 -12.95
CA HIS A 32 2.70 -4.65 -12.74
C HIS A 32 2.74 -5.66 -11.60
N GLU A 33 3.74 -6.49 -11.56
CA GLU A 33 3.85 -7.51 -10.46
C GLU A 33 4.49 -6.87 -9.22
N CYS A 34 3.97 -7.18 -8.05
CA CYS A 34 4.54 -6.60 -6.81
C CYS A 34 4.52 -7.64 -5.68
N LYS A 35 5.21 -7.36 -4.60
CA LYS A 35 5.24 -8.31 -3.46
C LYS A 35 4.75 -7.64 -2.17
N PHE A 36 3.62 -8.07 -1.67
CA PHE A 36 3.08 -7.48 -0.40
C PHE A 36 3.08 -8.57 0.68
N THR A 37 3.60 -8.28 1.86
CA THR A 37 3.64 -9.33 2.92
C THR A 37 3.34 -8.75 4.31
N VAL A 38 2.99 -9.60 5.25
CA VAL A 38 2.69 -9.14 6.63
C VAL A 38 3.42 -10.03 7.65
N LYS A 39 3.72 -9.51 8.82
CA LYS A 39 4.43 -10.33 9.85
C LYS A 39 4.19 -9.75 11.25
N PRO A 40 3.30 -10.39 11.98
CA PRO A 40 2.97 -9.94 13.36
C PRO A 40 4.05 -10.35 14.35
N TYR A 41 4.23 -9.60 15.40
CA TYR A 41 5.26 -9.95 16.43
C TYR A 41 4.60 -9.99 17.81
N LEU A 42 5.39 -10.15 18.84
CA LEU A 42 4.82 -10.22 20.21
C LEU A 42 5.70 -9.44 21.21
N LYS A 43 5.09 -8.82 22.17
CA LYS A 43 5.85 -8.06 23.21
C LYS A 43 5.65 -8.72 24.58
N ARG A 44 6.36 -8.24 25.58
CA ARG A 44 6.23 -8.83 26.96
C ARG A 44 4.76 -9.04 27.34
N PHE A 45 3.88 -8.17 26.87
CA PHE A 45 2.42 -8.31 27.19
C PHE A 45 1.58 -7.62 26.11
N GLN A 46 1.94 -7.79 24.86
CA GLN A 46 1.15 -7.14 23.75
C GLN A 46 1.39 -7.87 22.42
N VAL A 47 0.62 -7.53 21.41
CA VAL A 47 0.79 -8.15 20.07
C VAL A 47 0.78 -7.06 19.00
N TYR A 48 1.81 -6.97 18.19
CA TYR A 48 1.84 -5.91 17.14
C TYR A 48 1.78 -6.51 15.74
N TYR A 49 1.17 -5.80 14.82
CA TYR A 49 1.07 -6.31 13.42
C TYR A 49 1.93 -5.46 12.49
N LYS A 50 2.92 -6.06 11.88
CA LYS A 50 3.80 -5.29 10.94
C LYS A 50 3.57 -5.76 9.51
N GLY A 51 4.00 -4.98 8.56
CA GLY A 51 3.80 -5.38 7.13
C GLY A 51 4.69 -4.55 6.22
N ARG A 52 4.98 -5.06 5.04
CA ARG A 52 5.83 -4.31 4.08
C ARG A 52 5.51 -4.75 2.65
N MET A 53 5.50 -3.82 1.71
CA MET A 53 5.19 -4.20 0.30
C MET A 53 6.05 -3.39 -0.68
N TRP A 54 6.36 -3.98 -1.80
CA TRP A 54 7.20 -3.28 -2.83
C TRP A 54 6.93 -3.88 -4.21
N CYS A 55 7.43 -3.27 -5.25
CA CYS A 55 7.19 -3.80 -6.62
C CYS A 55 8.50 -4.14 -7.32
N PRO A 56 8.95 -5.36 -7.16
CA PRO A 56 10.21 -5.81 -7.80
C PRO A 56 9.96 -6.08 -9.29
N GLY A 57 10.02 -5.05 -10.10
CA GLY A 57 9.79 -5.23 -11.57
C GLY A 57 9.33 -3.89 -12.16
N TRP A 58 8.38 -3.23 -11.53
CA TRP A 58 7.89 -1.92 -12.04
C TRP A 58 8.93 -0.83 -11.79
N THR A 59 9.36 -0.69 -10.55
CA THR A 59 10.38 0.36 -10.23
C THR A 59 11.20 -0.08 -9.00
N ALA A 60 11.85 0.84 -8.34
CA ALA A 60 12.68 0.49 -7.14
C ALA A 60 12.20 1.30 -5.93
N ILE A 61 11.02 1.01 -5.43
CA ILE A 61 10.50 1.75 -4.24
C ILE A 61 9.80 0.77 -3.28
N ARG A 62 9.71 1.13 -2.02
CA ARG A 62 9.04 0.22 -1.04
C ARG A 62 8.21 1.03 -0.04
N GLY A 63 7.36 0.37 0.69
CA GLY A 63 6.52 1.07 1.70
C GLY A 63 6.02 0.05 2.73
N GLU A 64 6.20 0.33 3.99
CA GLU A 64 5.75 -0.61 5.04
C GLU A 64 5.08 0.13 6.21
N ALA A 65 4.38 -0.58 7.05
CA ALA A 65 3.69 0.07 8.20
C ALA A 65 3.41 -0.96 9.31
N SER A 66 3.17 -0.49 10.50
CA SER A 66 2.88 -1.43 11.64
C SER A 66 1.83 -0.82 12.57
N THR A 67 1.06 -1.65 13.24
CA THR A 67 0.01 -1.15 14.18
C THR A 67 -0.65 -2.33 14.91
N ARG A 68 -1.63 -2.05 15.74
CA ARG A 68 -2.32 -3.15 16.48
C ARG A 68 -3.39 -3.81 15.60
N SER A 69 -3.99 -3.04 14.72
CA SER A 69 -5.04 -3.61 13.81
C SER A 69 -4.41 -4.62 12.83
N GLN A 70 -5.15 -5.64 12.47
CA GLN A 70 -4.60 -6.66 11.51
C GLN A 70 -4.77 -6.19 10.07
N SER A 71 -5.98 -5.85 9.69
CA SER A 71 -6.22 -5.38 8.29
C SER A 71 -5.72 -3.94 8.12
N GLY A 72 -5.76 -3.15 9.17
CA GLY A 72 -5.29 -1.74 9.09
C GLY A 72 -3.83 -1.70 8.66
N VAL A 73 -3.01 -2.60 9.14
CA VAL A 73 -1.57 -2.60 8.74
C VAL A 73 -1.43 -2.87 7.24
N ALA A 74 -2.30 -3.68 6.68
CA ALA A 74 -2.22 -3.98 5.22
C ALA A 74 -2.49 -2.71 4.41
N GLY A 75 -3.52 -1.98 4.76
CA GLY A 75 -3.82 -0.71 4.03
C GLY A 75 -2.72 0.30 4.33
N LYS A 76 -2.17 0.24 5.52
CA LYS A 76 -1.07 1.18 5.89
C LYS A 76 0.20 0.86 5.10
N THR A 77 0.52 -0.39 4.93
CA THR A 77 1.75 -0.78 4.16
C THR A 77 1.59 -0.35 2.69
N ALA A 78 0.42 -0.53 2.12
CA ALA A 78 0.20 -0.12 0.71
C ALA A 78 0.19 1.41 0.60
N LYS A 79 -0.32 2.09 1.60
CA LYS A 79 -0.36 3.58 1.57
C LYS A 79 1.06 4.14 1.63
N ASP A 80 1.92 3.56 2.44
CA ASP A 80 3.32 4.06 2.54
C ASP A 80 4.06 3.83 1.22
N PHE A 81 3.82 2.72 0.57
CA PHE A 81 4.49 2.46 -0.73
C PHE A 81 3.97 3.44 -1.78
N VAL A 82 2.68 3.71 -1.77
CA VAL A 82 2.11 4.67 -2.76
C VAL A 82 2.64 6.09 -2.47
N ARG A 83 2.81 6.44 -1.22
CA ARG A 83 3.32 7.80 -0.89
C ARG A 83 4.77 7.95 -1.39
N LYS A 84 5.57 6.92 -1.26
CA LYS A 84 6.98 7.01 -1.74
C LYS A 84 7.00 7.13 -3.28
N ALA A 85 6.16 6.40 -3.95
CA ALA A 85 6.12 6.48 -5.45
C ALA A 85 5.48 7.79 -5.89
N PHE A 86 4.57 8.33 -5.10
CA PHE A 86 3.91 9.61 -5.46
C PHE A 86 4.89 10.79 -5.26
N GLN A 87 5.69 10.74 -4.23
CA GLN A 87 6.66 11.86 -3.99
C GLN A 87 7.71 11.89 -5.10
N LYS A 88 8.13 10.75 -5.58
CA LYS A 88 9.16 10.72 -6.67
C LYS A 88 8.51 11.12 -8.00
N GLY A 89 7.44 10.46 -8.39
CA GLY A 89 6.76 10.81 -9.67
C GLY A 89 6.45 9.53 -10.45
N LEU A 90 5.79 8.59 -9.84
CA LEU A 90 5.44 7.32 -10.56
C LEU A 90 3.93 7.10 -10.56
N ILE A 91 3.31 7.06 -9.40
CA ILE A 91 1.84 6.85 -9.35
C ILE A 91 1.11 8.15 -9.68
N SER A 92 0.48 8.22 -10.82
CA SER A 92 -0.26 9.45 -11.21
C SER A 92 -1.73 9.36 -10.80
N GLN A 93 -2.44 10.45 -10.83
CA GLN A 93 -3.89 10.43 -10.45
C GLN A 93 -4.69 9.60 -11.46
N GLN A 94 -4.51 9.85 -12.73
CA GLN A 94 -5.27 9.07 -13.77
C GLN A 94 -4.90 7.59 -13.71
N GLU A 95 -3.64 7.28 -13.56
CA GLU A 95 -3.22 5.84 -13.51
C GLU A 95 -3.86 5.15 -12.30
N ALA A 96 -3.86 5.80 -11.16
CA ALA A 96 -4.48 5.19 -9.94
C ALA A 96 -5.99 5.02 -10.15
N ASN A 97 -6.61 5.96 -10.81
CA ASN A 97 -8.08 5.85 -11.07
C ASN A 97 -8.38 4.69 -12.03
N GLN A 98 -7.55 4.49 -13.02
CA GLN A 98 -7.78 3.36 -13.97
C GLN A 98 -7.59 2.02 -13.24
N TRP A 99 -6.64 1.94 -12.36
CA TRP A 99 -6.42 0.67 -11.61
C TRP A 99 -7.62 0.40 -10.69
N LEU A 100 -8.13 1.43 -10.05
CA LEU A 100 -9.31 1.24 -9.14
C LEU A 100 -10.55 0.84 -9.95
N SER A 101 -10.66 1.34 -11.17
CA SER A 101 -11.84 0.98 -12.02
C SER A 101 -11.80 -0.51 -12.37
N SER A 102 -10.73 -0.98 -12.96
CA SER A 102 -10.62 -2.42 -13.32
C SER A 102 -9.15 -2.87 -13.30
N GLU A 1 -17.25 19.78 -0.56
CA GLU A 1 -16.65 18.99 -1.69
C GLU A 1 -15.33 19.64 -2.14
N ALA A 2 -14.49 18.88 -2.82
CA ALA A 2 -13.19 19.43 -3.29
C ALA A 2 -12.90 18.97 -4.72
N TYR A 3 -11.89 19.51 -5.35
CA TYR A 3 -11.55 19.11 -6.75
C TYR A 3 -10.32 18.19 -6.76
N VAL A 4 -9.19 18.70 -6.32
CA VAL A 4 -7.94 17.86 -6.32
C VAL A 4 -7.24 17.97 -4.95
N GLN A 5 -7.93 18.41 -3.92
CA GLN A 5 -7.29 18.52 -2.58
C GLN A 5 -7.60 17.28 -1.74
N GLY A 6 -6.82 16.24 -1.89
CA GLY A 6 -7.07 15.00 -1.10
C GLY A 6 -6.14 13.89 -1.60
N TRP A 7 -4.86 14.16 -1.68
CA TRP A 7 -3.89 13.13 -2.15
C TRP A 7 -3.93 11.89 -1.24
N GLU A 8 -4.13 12.11 0.04
CA GLU A 8 -4.21 10.97 0.99
C GLU A 8 -5.44 10.11 0.68
N ALA A 9 -6.53 10.72 0.29
CA ALA A 9 -7.75 9.94 -0.05
C ALA A 9 -7.49 9.09 -1.30
N VAL A 10 -6.83 9.66 -2.28
CA VAL A 10 -6.51 8.88 -3.51
C VAL A 10 -5.52 7.76 -3.15
N ALA A 11 -4.56 8.06 -2.32
CA ALA A 11 -3.57 7.03 -1.90
C ALA A 11 -4.29 5.94 -1.12
N ALA A 12 -5.23 6.30 -0.28
CA ALA A 12 -5.99 5.27 0.51
C ALA A 12 -6.76 4.37 -0.46
N ALA A 13 -7.35 4.94 -1.48
CA ALA A 13 -8.11 4.11 -2.47
C ALA A 13 -7.15 3.12 -3.13
N VAL A 14 -5.96 3.55 -3.47
CA VAL A 14 -4.97 2.63 -4.11
C VAL A 14 -4.59 1.54 -3.11
N ALA A 15 -4.40 1.91 -1.85
CA ALA A 15 -4.04 0.90 -0.81
C ALA A 15 -5.22 -0.05 -0.61
N SER A 16 -6.43 0.46 -0.66
CA SER A 16 -7.63 -0.41 -0.48
C SER A 16 -7.71 -1.42 -1.63
N LYS A 17 -7.38 -1.00 -2.84
CA LYS A 17 -7.41 -1.94 -3.99
C LYS A 17 -6.35 -3.03 -3.82
N ILE A 18 -5.22 -2.69 -3.23
CA ILE A 18 -4.15 -3.70 -3.02
C ILE A 18 -4.65 -4.77 -2.03
N VAL A 19 -5.24 -4.34 -0.94
CA VAL A 19 -5.76 -5.32 0.06
C VAL A 19 -6.88 -6.18 -0.57
N GLY A 20 -7.72 -5.58 -1.37
CA GLY A 20 -8.82 -6.36 -2.03
C GLY A 20 -8.21 -7.32 -3.07
N LEU A 21 -7.08 -6.97 -3.63
CA LEU A 21 -6.43 -7.86 -4.64
C LEU A 21 -5.08 -8.38 -4.14
N TRP A 22 -5.00 -8.71 -2.87
CA TRP A 22 -3.71 -9.23 -2.31
C TRP A 22 -3.77 -10.75 -2.15
N ARG A 23 -2.71 -11.43 -2.52
CA ARG A 23 -2.66 -12.91 -2.39
C ARG A 23 -1.91 -13.29 -1.10
N ASN A 24 -1.54 -14.53 -0.94
CA ASN A 24 -0.80 -14.95 0.29
C ASN A 24 0.37 -14.01 0.56
N GLU A 25 1.09 -13.62 -0.47
CA GLU A 25 2.25 -12.69 -0.29
C GLU A 25 2.61 -12.00 -1.62
N LYS A 26 1.62 -11.72 -2.44
CA LYS A 26 1.89 -11.05 -3.75
C LYS A 26 0.72 -10.16 -4.17
N THR A 27 0.98 -9.15 -4.95
CA THR A 27 -0.13 -8.25 -5.42
C THR A 27 0.27 -7.57 -6.73
N GLU A 28 -0.69 -7.22 -7.55
CA GLU A 28 -0.35 -6.56 -8.86
C GLU A 28 -0.69 -5.07 -8.81
N LEU A 29 0.31 -4.23 -9.02
CA LEU A 29 0.06 -2.75 -9.00
C LEU A 29 0.28 -2.16 -10.40
N LEU A 30 -0.68 -1.43 -10.91
CA LEU A 30 -0.55 -0.82 -12.29
C LEU A 30 -0.19 -1.89 -13.33
N GLY A 31 -0.68 -3.09 -13.17
CA GLY A 31 -0.38 -4.18 -14.15
C GLY A 31 1.06 -4.67 -13.97
N HIS A 32 1.63 -4.50 -12.80
CA HIS A 32 3.03 -4.94 -12.54
C HIS A 32 3.06 -5.91 -11.36
N GLU A 33 3.92 -6.89 -11.40
CA GLU A 33 4.01 -7.87 -10.27
C GLU A 33 4.67 -7.21 -9.05
N CYS A 34 4.01 -7.21 -7.94
CA CYS A 34 4.58 -6.62 -6.70
C CYS A 34 4.49 -7.63 -5.56
N LYS A 35 5.24 -7.45 -4.52
CA LYS A 35 5.21 -8.41 -3.38
C LYS A 35 4.70 -7.72 -2.11
N PHE A 36 3.59 -8.17 -1.60
CA PHE A 36 3.03 -7.57 -0.34
C PHE A 36 2.96 -8.66 0.73
N THR A 37 3.56 -8.42 1.88
CA THR A 37 3.53 -9.46 2.96
C THR A 37 3.20 -8.85 4.33
N VAL A 38 2.65 -9.64 5.22
CA VAL A 38 2.30 -9.14 6.58
C VAL A 38 2.70 -10.17 7.64
N LYS A 39 3.18 -9.73 8.78
CA LYS A 39 3.58 -10.70 9.85
C LYS A 39 3.57 -10.02 11.23
N PRO A 40 2.82 -10.59 12.14
CA PRO A 40 2.73 -10.03 13.51
C PRO A 40 3.97 -10.42 14.34
N TYR A 41 4.25 -9.67 15.38
CA TYR A 41 5.42 -9.98 16.24
C TYR A 41 5.01 -9.92 17.71
N LEU A 42 5.96 -9.94 18.59
CA LEU A 42 5.66 -9.89 20.05
C LEU A 42 6.40 -8.74 20.74
N LYS A 43 5.78 -8.16 21.72
CA LYS A 43 6.42 -7.03 22.48
C LYS A 43 6.59 -7.44 23.94
N ARG A 44 7.26 -6.60 24.72
CA ARG A 44 7.47 -6.92 26.17
C ARG A 44 6.22 -7.52 26.83
N PHE A 45 5.05 -7.11 26.40
CA PHE A 45 3.80 -7.67 26.98
C PHE A 45 2.60 -7.39 26.05
N GLN A 46 2.77 -7.55 24.75
CA GLN A 46 1.63 -7.27 23.81
C GLN A 46 1.92 -7.85 22.42
N VAL A 47 0.88 -8.16 21.67
CA VAL A 47 1.06 -8.70 20.30
C VAL A 47 0.88 -7.58 19.27
N TYR A 48 1.87 -7.32 18.46
CA TYR A 48 1.75 -6.21 17.47
C TYR A 48 1.65 -6.76 16.03
N TYR A 49 1.19 -5.95 15.12
CA TYR A 49 1.06 -6.40 13.70
C TYR A 49 1.88 -5.48 12.78
N LYS A 50 2.71 -6.05 11.94
CA LYS A 50 3.55 -5.23 11.02
C LYS A 50 3.47 -5.80 9.59
N GLY A 51 3.62 -4.97 8.59
CA GLY A 51 3.55 -5.47 7.19
C GLY A 51 4.47 -4.65 6.29
N ARG A 52 4.92 -5.23 5.19
CA ARG A 52 5.81 -4.52 4.25
C ARG A 52 5.53 -4.95 2.81
N MET A 53 5.61 -4.05 1.86
CA MET A 53 5.35 -4.43 0.45
C MET A 53 6.28 -3.66 -0.51
N TRP A 54 6.47 -4.20 -1.68
CA TRP A 54 7.35 -3.52 -2.70
C TRP A 54 7.05 -4.07 -4.09
N CYS A 55 7.79 -3.65 -5.09
CA CYS A 55 7.53 -4.16 -6.47
C CYS A 55 8.84 -4.59 -7.14
N PRO A 56 9.13 -5.86 -7.06
CA PRO A 56 10.37 -6.42 -7.68
C PRO A 56 10.21 -6.48 -9.21
N GLY A 57 10.35 -5.37 -9.87
CA GLY A 57 10.21 -5.33 -11.36
C GLY A 57 9.67 -3.97 -11.80
N TRP A 58 8.66 -3.46 -11.13
CA TRP A 58 8.10 -2.13 -11.49
C TRP A 58 9.11 -1.02 -11.18
N THR A 59 9.59 -0.98 -9.95
CA THR A 59 10.58 0.07 -9.56
C THR A 59 11.45 -0.44 -8.41
N ALA A 60 12.20 0.43 -7.79
CA ALA A 60 13.08 0.00 -6.66
C ALA A 60 12.67 0.72 -5.36
N ILE A 61 11.39 0.78 -5.08
CA ILE A 61 10.92 1.46 -3.83
C ILE A 61 10.15 0.46 -2.95
N ARG A 62 10.17 0.65 -1.65
CA ARG A 62 9.43 -0.27 -0.75
C ARG A 62 8.57 0.51 0.25
N GLY A 63 7.63 -0.16 0.85
CA GLY A 63 6.73 0.52 1.85
C GLY A 63 6.53 -0.40 3.05
N GLU A 64 6.21 0.17 4.19
CA GLU A 64 5.99 -0.67 5.41
C GLU A 64 5.16 0.09 6.43
N ALA A 65 4.46 -0.64 7.27
CA ALA A 65 3.61 0.01 8.30
C ALA A 65 3.18 -1.01 9.37
N SER A 66 2.93 -0.56 10.57
CA SER A 66 2.49 -1.50 11.65
C SER A 66 1.38 -0.89 12.49
N THR A 67 0.51 -1.71 13.04
CA THR A 67 -0.60 -1.19 13.89
C THR A 67 -1.34 -2.36 14.55
N ARG A 68 -2.14 -2.09 15.55
CA ARG A 68 -2.90 -3.19 16.24
C ARG A 68 -3.88 -3.83 15.27
N SER A 69 -4.40 -3.08 14.32
CA SER A 69 -5.37 -3.65 13.33
C SER A 69 -4.67 -4.68 12.43
N GLN A 70 -5.33 -5.79 12.18
CA GLN A 70 -4.71 -6.85 11.31
C GLN A 70 -4.82 -6.45 9.82
N SER A 71 -6.01 -6.19 9.35
CA SER A 71 -6.18 -5.78 7.93
C SER A 71 -5.77 -4.32 7.74
N GLY A 72 -5.95 -3.50 8.76
CA GLY A 72 -5.57 -2.07 8.66
C GLY A 72 -4.06 -1.94 8.38
N VAL A 73 -3.25 -2.78 8.97
CA VAL A 73 -1.78 -2.70 8.73
C VAL A 73 -1.46 -2.86 7.24
N ALA A 74 -2.21 -3.69 6.54
CA ALA A 74 -1.97 -3.88 5.08
C ALA A 74 -2.32 -2.60 4.32
N GLY A 75 -3.39 -1.94 4.70
CA GLY A 75 -3.78 -0.68 4.02
C GLY A 75 -2.70 0.39 4.26
N LYS A 76 -2.10 0.40 5.43
CA LYS A 76 -1.03 1.40 5.72
C LYS A 76 0.23 1.07 4.92
N THR A 77 0.55 -0.18 4.79
CA THR A 77 1.78 -0.57 4.02
C THR A 77 1.60 -0.23 2.53
N ALA A 78 0.41 -0.42 2.02
CA ALA A 78 0.16 -0.10 0.59
C ALA A 78 -0.03 1.41 0.40
N LYS A 79 -0.63 2.08 1.36
CA LYS A 79 -0.82 3.55 1.23
C LYS A 79 0.52 4.27 1.42
N ASP A 80 1.35 3.79 2.33
CA ASP A 80 2.68 4.43 2.53
C ASP A 80 3.54 4.23 1.27
N PHE A 81 3.43 3.10 0.62
CA PHE A 81 4.21 2.86 -0.62
C PHE A 81 3.73 3.80 -1.74
N VAL A 82 2.44 4.00 -1.83
CA VAL A 82 1.89 4.90 -2.89
C VAL A 82 2.33 6.34 -2.61
N ARG A 83 2.37 6.75 -1.35
CA ARG A 83 2.81 8.13 -1.01
C ARG A 83 4.27 8.33 -1.42
N LYS A 84 5.09 7.32 -1.24
CA LYS A 84 6.53 7.44 -1.64
C LYS A 84 6.62 7.44 -3.17
N ALA A 85 5.81 6.63 -3.83
CA ALA A 85 5.83 6.59 -5.32
C ALA A 85 5.31 7.91 -5.88
N PHE A 86 4.35 8.52 -5.23
CA PHE A 86 3.81 9.83 -5.71
C PHE A 86 4.89 10.91 -5.57
N GLN A 87 5.66 10.88 -4.51
CA GLN A 87 6.73 11.89 -4.32
C GLN A 87 7.83 11.71 -5.38
N LYS A 88 8.17 10.49 -5.71
CA LYS A 88 9.23 10.25 -6.74
C LYS A 88 8.69 10.58 -8.14
N GLY A 89 7.59 9.98 -8.52
CA GLY A 89 7.01 10.26 -9.87
C GLY A 89 6.65 8.93 -10.55
N LEU A 90 5.87 8.10 -9.90
CA LEU A 90 5.48 6.80 -10.52
C LEU A 90 3.96 6.70 -10.64
N ILE A 91 3.24 6.99 -9.58
CA ILE A 91 1.75 6.90 -9.64
C ILE A 91 1.16 8.28 -9.97
N SER A 92 0.57 8.42 -11.14
CA SER A 92 -0.04 9.73 -11.53
C SER A 92 -1.46 9.86 -10.94
N GLN A 93 -2.11 10.96 -11.20
CA GLN A 93 -3.49 11.16 -10.66
C GLN A 93 -4.49 10.33 -11.46
N GLN A 94 -4.61 10.56 -12.74
CA GLN A 94 -5.56 9.78 -13.58
C GLN A 94 -5.17 8.30 -13.59
N GLU A 95 -3.89 8.02 -13.64
CA GLU A 95 -3.42 6.60 -13.64
C GLU A 95 -3.99 5.85 -12.44
N ALA A 96 -3.95 6.45 -11.27
CA ALA A 96 -4.51 5.77 -10.05
C ALA A 96 -6.01 5.53 -10.24
N ASN A 97 -6.71 6.48 -10.82
CA ASN A 97 -8.18 6.29 -11.04
C ASN A 97 -8.41 5.15 -12.03
N GLN A 98 -7.59 5.04 -13.04
CA GLN A 98 -7.76 3.93 -14.03
C GLN A 98 -7.54 2.58 -13.34
N TRP A 99 -6.54 2.50 -12.47
CA TRP A 99 -6.29 1.22 -11.75
C TRP A 99 -7.44 0.96 -10.77
N LEU A 100 -7.93 2.00 -10.13
CA LEU A 100 -9.07 1.83 -9.17
C LEU A 100 -10.23 1.15 -9.90
N SER A 101 -10.49 1.53 -11.12
CA SER A 101 -11.60 0.90 -11.90
C SER A 101 -11.21 -0.53 -12.29
N SER A 102 -9.99 -0.71 -12.76
CA SER A 102 -9.54 -2.08 -13.17
C SER A 102 -8.07 -2.29 -12.76
N GLU A 1 -15.66 20.80 6.34
CA GLU A 1 -16.03 19.64 7.21
C GLU A 1 -16.23 18.38 6.36
N ALA A 2 -15.95 17.22 6.93
CA ALA A 2 -16.11 15.93 6.18
C ALA A 2 -15.35 15.98 4.84
N TYR A 3 -14.04 15.85 4.89
CA TYR A 3 -13.24 15.88 3.64
C TYR A 3 -12.00 14.98 3.77
N VAL A 4 -11.47 14.52 2.66
CA VAL A 4 -10.26 13.63 2.71
C VAL A 4 -9.18 14.12 1.72
N GLN A 5 -9.11 15.42 1.50
CA GLN A 5 -8.09 15.99 0.55
C GLN A 5 -8.25 15.41 -0.86
N GLY A 6 -7.34 15.72 -1.75
CA GLY A 6 -7.42 15.21 -3.14
C GLY A 6 -6.34 14.16 -3.37
N TRP A 7 -5.09 14.56 -3.29
CA TRP A 7 -3.96 13.59 -3.48
C TRP A 7 -4.06 12.45 -2.46
N GLU A 8 -4.27 12.79 -1.21
CA GLU A 8 -4.39 11.74 -0.16
C GLU A 8 -5.57 10.80 -0.48
N ALA A 9 -6.66 11.35 -0.97
CA ALA A 9 -7.83 10.50 -1.32
C ALA A 9 -7.44 9.51 -2.45
N VAL A 10 -6.69 9.99 -3.42
CA VAL A 10 -6.26 9.08 -4.53
C VAL A 10 -5.31 8.02 -3.97
N ALA A 11 -4.45 8.40 -3.06
CA ALA A 11 -3.51 7.42 -2.44
C ALA A 11 -4.30 6.41 -1.60
N ALA A 12 -5.31 6.87 -0.92
CA ALA A 12 -6.15 5.95 -0.09
C ALA A 12 -6.86 4.94 -1.00
N ALA A 13 -7.35 5.38 -2.13
CA ALA A 13 -8.04 4.44 -3.07
C ALA A 13 -7.04 3.38 -3.55
N VAL A 14 -5.82 3.78 -3.87
CA VAL A 14 -4.81 2.79 -4.33
C VAL A 14 -4.48 1.82 -3.19
N ALA A 15 -4.41 2.32 -1.97
CA ALA A 15 -4.14 1.42 -0.81
C ALA A 15 -5.28 0.42 -0.62
N SER A 16 -6.51 0.86 -0.86
CA SER A 16 -7.67 -0.07 -0.72
C SER A 16 -7.59 -1.17 -1.81
N LYS A 17 -7.20 -0.80 -3.00
CA LYS A 17 -7.08 -1.82 -4.09
C LYS A 17 -5.96 -2.81 -3.75
N ILE A 18 -4.94 -2.37 -3.05
CA ILE A 18 -3.83 -3.30 -2.68
C ILE A 18 -4.40 -4.40 -1.77
N VAL A 19 -5.11 -4.03 -0.74
CA VAL A 19 -5.71 -5.07 0.18
C VAL A 19 -6.81 -5.84 -0.56
N GLY A 20 -7.58 -5.18 -1.37
CA GLY A 20 -8.67 -5.87 -2.13
C GLY A 20 -8.06 -6.83 -3.17
N LEU A 21 -6.89 -6.53 -3.65
CA LEU A 21 -6.25 -7.42 -4.67
C LEU A 21 -4.95 -8.04 -4.13
N TRP A 22 -4.91 -8.37 -2.86
CA TRP A 22 -3.68 -8.98 -2.27
C TRP A 22 -3.84 -10.49 -2.10
N ARG A 23 -2.84 -11.24 -2.47
CA ARG A 23 -2.88 -12.73 -2.32
C ARG A 23 -2.12 -13.12 -1.04
N ASN A 24 -1.77 -14.38 -0.89
CA ASN A 24 -1.01 -14.79 0.34
C ASN A 24 0.18 -13.84 0.57
N GLU A 25 0.91 -13.55 -0.47
CA GLU A 25 2.08 -12.62 -0.34
C GLU A 25 2.42 -11.98 -1.70
N LYS A 26 1.42 -11.74 -2.52
CA LYS A 26 1.69 -11.13 -3.86
C LYS A 26 0.60 -10.11 -4.23
N THR A 27 0.97 -9.11 -5.00
CA THR A 27 -0.02 -8.07 -5.44
C THR A 27 0.41 -7.49 -6.79
N GLU A 28 -0.45 -6.78 -7.46
CA GLU A 28 -0.06 -6.21 -8.79
C GLU A 28 -0.39 -4.72 -8.83
N LEU A 29 0.61 -3.87 -8.94
CA LEU A 29 0.36 -2.40 -9.01
C LEU A 29 0.45 -1.91 -10.45
N LEU A 30 -0.62 -1.36 -10.96
CA LEU A 30 -0.64 -0.84 -12.37
C LEU A 30 -0.28 -1.95 -13.37
N GLY A 31 -0.59 -3.18 -13.06
CA GLY A 31 -0.26 -4.31 -13.99
C GLY A 31 1.15 -4.84 -13.69
N HIS A 32 1.92 -4.15 -12.90
CA HIS A 32 3.30 -4.64 -12.58
C HIS A 32 3.25 -5.64 -11.43
N GLU A 33 4.12 -6.61 -11.44
CA GLU A 33 4.13 -7.62 -10.33
C GLU A 33 4.70 -7.01 -9.06
N CYS A 34 4.04 -7.20 -7.95
CA CYS A 34 4.52 -6.64 -6.66
C CYS A 34 4.41 -7.68 -5.55
N LYS A 35 4.96 -7.38 -4.41
CA LYS A 35 4.88 -8.36 -3.27
C LYS A 35 4.46 -7.64 -1.99
N PHE A 36 3.36 -8.06 -1.42
CA PHE A 36 2.88 -7.43 -0.16
C PHE A 36 2.74 -8.50 0.92
N THR A 37 3.19 -8.23 2.13
CA THR A 37 3.08 -9.27 3.20
C THR A 37 2.74 -8.65 4.56
N VAL A 38 2.07 -9.40 5.40
CA VAL A 38 1.69 -8.89 6.76
C VAL A 38 1.92 -10.00 7.80
N LYS A 39 2.60 -9.69 8.87
CA LYS A 39 2.87 -10.74 9.92
C LYS A 39 3.04 -10.11 11.30
N PRO A 40 2.23 -10.55 12.24
CA PRO A 40 2.29 -10.01 13.62
C PRO A 40 3.49 -10.61 14.37
N TYR A 41 4.02 -9.87 15.32
CA TYR A 41 5.17 -10.38 16.12
C TYR A 41 4.78 -10.40 17.60
N LEU A 42 5.74 -10.64 18.46
CA LEU A 42 5.44 -10.69 19.92
C LEU A 42 6.43 -9.82 20.71
N LYS A 43 5.95 -9.18 21.75
CA LYS A 43 6.84 -8.33 22.59
C LYS A 43 6.88 -8.90 24.02
N ARG A 44 7.65 -8.29 24.89
CA ARG A 44 7.76 -8.79 26.31
C ARG A 44 6.40 -9.25 26.85
N PHE A 45 5.36 -8.51 26.57
CA PHE A 45 4.00 -8.90 27.05
C PHE A 45 2.90 -8.30 26.15
N GLN A 46 3.13 -8.24 24.86
CA GLN A 46 2.09 -7.66 23.94
C GLN A 46 2.32 -8.12 22.50
N VAL A 47 1.26 -8.38 21.77
CA VAL A 47 1.40 -8.82 20.35
C VAL A 47 1.22 -7.62 19.43
N TYR A 48 2.17 -7.36 18.57
CA TYR A 48 2.06 -6.20 17.64
C TYR A 48 1.83 -6.67 16.20
N TYR A 49 1.29 -5.80 15.37
CA TYR A 49 1.06 -6.18 13.94
C TYR A 49 1.93 -5.34 13.02
N LYS A 50 2.59 -5.96 12.08
CA LYS A 50 3.47 -5.20 11.15
C LYS A 50 3.38 -5.77 9.73
N GLY A 51 3.53 -4.95 8.73
CA GLY A 51 3.45 -5.44 7.33
C GLY A 51 4.45 -4.69 6.45
N ARG A 52 4.89 -5.32 5.39
CA ARG A 52 5.87 -4.68 4.46
C ARG A 52 5.60 -5.09 3.01
N MET A 53 5.91 -4.25 2.07
CA MET A 53 5.67 -4.61 0.64
C MET A 53 6.77 -4.05 -0.27
N TRP A 54 7.00 -4.70 -1.39
CA TRP A 54 8.05 -4.23 -2.34
C TRP A 54 7.70 -4.65 -3.78
N CYS A 55 8.06 -3.85 -4.76
CA CYS A 55 7.73 -4.21 -6.18
C CYS A 55 8.99 -4.42 -7.00
N PRO A 56 9.46 -5.65 -7.02
CA PRO A 56 10.67 -5.99 -7.81
C PRO A 56 10.33 -6.13 -9.30
N GLY A 57 10.26 -5.03 -10.00
CA GLY A 57 9.93 -5.08 -11.46
C GLY A 57 9.35 -3.73 -11.89
N TRP A 58 8.43 -3.19 -11.13
CA TRP A 58 7.82 -1.87 -11.49
C TRP A 58 8.84 -0.75 -11.28
N THR A 59 9.42 -0.68 -10.10
CA THR A 59 10.42 0.38 -9.82
C THR A 59 11.30 -0.05 -8.63
N ALA A 60 11.97 0.89 -8.00
CA ALA A 60 12.84 0.54 -6.84
C ALA A 60 12.33 1.25 -5.58
N ILE A 61 11.04 1.18 -5.33
CA ILE A 61 10.47 1.83 -4.11
C ILE A 61 9.73 0.79 -3.27
N ARG A 62 9.78 0.92 -1.96
CA ARG A 62 9.08 -0.05 -1.08
C ARG A 62 8.24 0.66 -0.03
N GLY A 63 7.44 -0.08 0.70
CA GLY A 63 6.59 0.54 1.74
C GLY A 63 6.43 -0.41 2.93
N GLU A 64 6.14 0.14 4.09
CA GLU A 64 5.97 -0.71 5.30
C GLU A 64 5.22 0.06 6.39
N ALA A 65 4.57 -0.65 7.27
CA ALA A 65 3.83 0.04 8.37
C ALA A 65 3.36 -0.96 9.44
N SER A 66 3.16 -0.50 10.65
CA SER A 66 2.71 -1.41 11.75
C SER A 66 1.62 -0.74 12.58
N THR A 67 0.77 -1.52 13.20
CA THR A 67 -0.34 -0.94 14.04
C THR A 67 -1.12 -2.05 14.74
N ARG A 68 -1.81 -1.72 15.81
CA ARG A 68 -2.61 -2.75 16.56
C ARG A 68 -3.64 -3.44 15.64
N SER A 69 -4.22 -2.71 14.72
CA SER A 69 -5.25 -3.31 13.81
C SER A 69 -4.62 -4.36 12.90
N GLN A 70 -5.33 -5.43 12.63
CA GLN A 70 -4.80 -6.51 11.74
C GLN A 70 -4.89 -6.07 10.27
N SER A 71 -6.04 -5.60 9.86
CA SER A 71 -6.21 -5.15 8.45
C SER A 71 -5.68 -3.71 8.29
N GLY A 72 -5.73 -2.93 9.34
CA GLY A 72 -5.23 -1.53 9.28
C GLY A 72 -3.73 -1.53 8.93
N VAL A 73 -2.98 -2.46 9.45
CA VAL A 73 -1.51 -2.52 9.14
C VAL A 73 -1.31 -2.72 7.63
N ALA A 74 -2.15 -3.49 7.00
CA ALA A 74 -2.01 -3.72 5.53
C ALA A 74 -2.36 -2.44 4.77
N GLY A 75 -3.36 -1.71 5.23
CA GLY A 75 -3.73 -0.44 4.55
C GLY A 75 -2.62 0.59 4.74
N LYS A 76 -1.93 0.54 5.86
CA LYS A 76 -0.82 1.51 6.10
C LYS A 76 0.38 1.17 5.22
N THR A 77 0.68 -0.10 5.06
CA THR A 77 1.84 -0.50 4.20
C THR A 77 1.54 -0.14 2.74
N ALA A 78 0.32 -0.32 2.31
CA ALA A 78 -0.06 0.00 0.92
C ALA A 78 -0.18 1.52 0.73
N LYS A 79 -0.69 2.23 1.72
CA LYS A 79 -0.81 3.70 1.61
C LYS A 79 0.58 4.34 1.67
N ASP A 80 1.45 3.83 2.51
CA ASP A 80 2.81 4.40 2.62
C ASP A 80 3.58 4.15 1.31
N PHE A 81 3.36 3.03 0.67
CA PHE A 81 4.04 2.76 -0.63
C PHE A 81 3.50 3.70 -1.71
N VAL A 82 2.21 3.94 -1.70
CA VAL A 82 1.60 4.86 -2.70
C VAL A 82 2.10 6.28 -2.48
N ARG A 83 2.25 6.69 -1.23
CA ARG A 83 2.75 8.07 -0.96
C ARG A 83 4.19 8.21 -1.45
N LYS A 84 5.00 7.20 -1.27
CA LYS A 84 6.41 7.28 -1.75
C LYS A 84 6.44 7.30 -3.29
N ALA A 85 5.59 6.52 -3.91
CA ALA A 85 5.53 6.50 -5.40
C ALA A 85 4.94 7.82 -5.91
N PHE A 86 3.99 8.38 -5.20
CA PHE A 86 3.38 9.67 -5.62
C PHE A 86 4.44 10.79 -5.57
N GLN A 87 5.27 10.79 -4.55
CA GLN A 87 6.33 11.84 -4.45
C GLN A 87 7.39 11.65 -5.54
N LYS A 88 7.70 10.42 -5.89
CA LYS A 88 8.71 10.17 -6.95
C LYS A 88 8.12 10.49 -8.34
N GLY A 89 7.00 9.92 -8.65
CA GLY A 89 6.35 10.17 -9.97
C GLY A 89 5.99 8.84 -10.64
N LEU A 90 5.28 7.99 -9.95
CA LEU A 90 4.89 6.67 -10.53
C LEU A 90 3.37 6.52 -10.51
N ILE A 91 2.74 6.74 -9.39
CA ILE A 91 1.26 6.61 -9.31
C ILE A 91 0.60 7.92 -9.74
N SER A 92 0.49 8.15 -11.02
CA SER A 92 -0.15 9.42 -11.51
C SER A 92 -1.62 9.43 -11.08
N GLN A 93 -2.19 10.59 -10.93
CA GLN A 93 -3.61 10.68 -10.50
C GLN A 93 -4.51 9.90 -11.48
N GLN A 94 -4.33 10.11 -12.76
CA GLN A 94 -5.17 9.38 -13.76
C GLN A 94 -4.80 7.89 -13.78
N GLU A 95 -3.52 7.58 -13.70
CA GLU A 95 -3.09 6.15 -13.70
C GLU A 95 -3.65 5.42 -12.48
N ALA A 96 -3.64 6.07 -11.34
CA ALA A 96 -4.18 5.42 -10.10
C ALA A 96 -5.65 5.06 -10.32
N ASN A 97 -6.41 5.94 -10.90
CA ASN A 97 -7.86 5.64 -11.16
C ASN A 97 -7.97 4.48 -12.15
N GLN A 98 -7.12 4.47 -13.15
CA GLN A 98 -7.16 3.36 -14.16
C GLN A 98 -6.92 2.02 -13.46
N TRP A 99 -5.98 1.98 -12.54
CA TRP A 99 -5.72 0.70 -11.82
C TRP A 99 -6.92 0.36 -10.93
N LEU A 100 -7.49 1.36 -10.30
CA LEU A 100 -8.69 1.12 -9.43
C LEU A 100 -9.81 0.47 -10.25
N SER A 101 -9.95 0.84 -11.49
CA SER A 101 -11.02 0.24 -12.35
C SER A 101 -10.78 -1.26 -12.52
N SER A 102 -9.54 -1.68 -12.65
CA SER A 102 -9.26 -3.14 -12.83
C SER A 102 -9.04 -3.80 -11.45
N GLU A 1 -5.04 24.31 7.83
CA GLU A 1 -4.04 23.45 7.12
C GLU A 1 -4.76 22.47 6.17
N ALA A 2 -5.56 21.59 6.72
CA ALA A 2 -6.28 20.59 5.86
C ALA A 2 -7.43 21.29 5.11
N TYR A 3 -7.40 21.28 3.80
CA TYR A 3 -8.48 21.93 3.01
C TYR A 3 -8.50 21.38 1.57
N VAL A 4 -7.40 21.41 0.89
CA VAL A 4 -7.35 20.88 -0.52
C VAL A 4 -7.36 19.34 -0.51
N GLN A 5 -8.04 18.74 -1.46
CA GLN A 5 -8.10 17.25 -1.52
C GLN A 5 -7.94 16.76 -2.96
N GLY A 6 -7.32 15.62 -3.16
CA GLY A 6 -7.14 15.10 -4.54
C GLY A 6 -6.05 14.03 -4.56
N TRP A 7 -4.80 14.43 -4.42
CA TRP A 7 -3.68 13.44 -4.43
C TRP A 7 -3.84 12.42 -3.30
N GLU A 8 -4.14 12.88 -2.11
CA GLU A 8 -4.31 11.94 -0.96
C GLU A 8 -5.47 10.98 -1.26
N ALA A 9 -6.55 11.51 -1.78
CA ALA A 9 -7.73 10.64 -2.12
C ALA A 9 -7.33 9.56 -3.12
N VAL A 10 -6.52 9.91 -4.10
CA VAL A 10 -6.08 8.91 -5.11
C VAL A 10 -5.20 7.85 -4.43
N ALA A 11 -4.35 8.26 -3.52
CA ALA A 11 -3.48 7.29 -2.81
C ALA A 11 -4.33 6.34 -1.97
N ALA A 12 -5.36 6.85 -1.34
CA ALA A 12 -6.25 5.98 -0.50
C ALA A 12 -7.00 5.00 -1.41
N ALA A 13 -7.43 5.45 -2.57
CA ALA A 13 -8.14 4.53 -3.51
C ALA A 13 -7.19 3.42 -3.98
N VAL A 14 -5.96 3.76 -4.26
CA VAL A 14 -4.98 2.71 -4.70
C VAL A 14 -4.79 1.70 -3.57
N ALA A 15 -4.70 2.16 -2.35
CA ALA A 15 -4.53 1.23 -1.20
C ALA A 15 -5.76 0.32 -1.09
N SER A 16 -6.93 0.86 -1.32
CA SER A 16 -8.18 0.04 -1.25
C SER A 16 -8.11 -1.08 -2.31
N LYS A 17 -7.64 -0.76 -3.49
CA LYS A 17 -7.54 -1.80 -4.56
C LYS A 17 -6.47 -2.83 -4.17
N ILE A 18 -5.44 -2.42 -3.44
CA ILE A 18 -4.39 -3.37 -3.01
C ILE A 18 -5.00 -4.44 -2.09
N VAL A 19 -5.79 -4.02 -1.12
CA VAL A 19 -6.41 -5.01 -0.19
C VAL A 19 -7.38 -5.92 -0.97
N GLY A 20 -8.09 -5.37 -1.92
CA GLY A 20 -9.04 -6.20 -2.73
C GLY A 20 -8.26 -7.12 -3.68
N LEU A 21 -7.06 -6.73 -4.07
CA LEU A 21 -6.26 -7.58 -5.01
C LEU A 21 -5.01 -8.13 -4.33
N TRP A 22 -5.06 -8.40 -3.05
CA TRP A 22 -3.85 -8.95 -2.36
C TRP A 22 -3.92 -10.48 -2.32
N ARG A 23 -2.84 -11.13 -2.70
CA ARG A 23 -2.80 -12.62 -2.68
C ARG A 23 -2.10 -13.10 -1.39
N ASN A 24 -1.82 -14.38 -1.28
CA ASN A 24 -1.16 -14.91 -0.04
C ASN A 24 0.00 -13.98 0.38
N GLU A 25 0.74 -13.48 -0.57
CA GLU A 25 1.88 -12.56 -0.27
C GLU A 25 2.32 -11.84 -1.56
N LYS A 26 1.39 -11.49 -2.40
CA LYS A 26 1.73 -10.80 -3.68
C LYS A 26 0.59 -9.88 -4.13
N THR A 27 0.86 -8.95 -5.00
CA THR A 27 -0.20 -8.03 -5.49
C THR A 27 0.19 -7.45 -6.85
N GLU A 28 -0.77 -7.12 -7.68
CA GLU A 28 -0.45 -6.56 -9.02
C GLU A 28 -0.74 -5.05 -9.03
N LEU A 29 0.29 -4.23 -9.10
CA LEU A 29 0.06 -2.75 -9.11
C LEU A 29 0.27 -2.17 -10.52
N LEU A 30 -0.72 -1.50 -11.05
CA LEU A 30 -0.61 -0.90 -12.42
C LEU A 30 -0.24 -1.98 -13.45
N GLY A 31 -0.72 -3.19 -13.28
CA GLY A 31 -0.40 -4.28 -14.24
C GLY A 31 1.03 -4.83 -14.00
N HIS A 32 1.68 -4.40 -12.94
CA HIS A 32 3.06 -4.90 -12.65
C HIS A 32 3.02 -5.89 -11.48
N GLU A 33 4.04 -6.70 -11.34
CA GLU A 33 4.06 -7.69 -10.23
C GLU A 33 4.66 -7.05 -8.97
N CYS A 34 3.96 -7.09 -7.87
CA CYS A 34 4.48 -6.48 -6.62
C CYS A 34 4.36 -7.47 -5.45
N LYS A 35 4.98 -7.18 -4.35
CA LYS A 35 4.91 -8.11 -3.18
C LYS A 35 4.37 -7.40 -1.92
N PHE A 36 3.22 -7.82 -1.46
CA PHE A 36 2.63 -7.21 -0.23
C PHE A 36 2.56 -8.30 0.85
N THR A 37 3.17 -8.08 1.99
CA THR A 37 3.15 -9.14 3.06
C THR A 37 2.99 -8.54 4.47
N VAL A 38 2.53 -9.35 5.39
CA VAL A 38 2.33 -8.88 6.80
C VAL A 38 3.01 -9.87 7.77
N LYS A 39 3.53 -9.38 8.87
CA LYS A 39 4.20 -10.29 9.86
C LYS A 39 4.12 -9.70 11.27
N PRO A 40 3.35 -10.35 12.11
CA PRO A 40 3.20 -9.90 13.52
C PRO A 40 4.39 -10.34 14.37
N TYR A 41 4.63 -9.69 15.47
CA TYR A 41 5.76 -10.08 16.37
C TYR A 41 5.25 -10.28 17.80
N LEU A 42 6.14 -10.56 18.70
CA LEU A 42 5.72 -10.78 20.12
C LEU A 42 6.76 -10.22 21.09
N LYS A 43 6.31 -9.66 22.18
CA LYS A 43 7.24 -9.09 23.19
C LYS A 43 7.05 -9.83 24.52
N ARG A 44 7.82 -9.49 25.53
CA ARG A 44 7.71 -10.17 26.86
C ARG A 44 6.24 -10.39 27.26
N PHE A 45 5.37 -9.47 26.94
CA PHE A 45 3.93 -9.63 27.30
C PHE A 45 3.04 -8.78 26.36
N GLN A 46 3.37 -8.72 25.10
CA GLN A 46 2.53 -7.91 24.15
C GLN A 46 2.71 -8.39 22.70
N VAL A 47 1.62 -8.50 21.98
CA VAL A 47 1.72 -8.95 20.55
C VAL A 47 1.66 -7.71 19.64
N TYR A 48 2.64 -7.55 18.78
CA TYR A 48 2.65 -6.37 17.87
C TYR A 48 2.32 -6.78 16.43
N TYR A 49 1.93 -5.84 15.60
CA TYR A 49 1.59 -6.18 14.19
C TYR A 49 2.34 -5.25 13.22
N LYS A 50 2.77 -5.76 12.10
CA LYS A 50 3.49 -4.91 11.12
C LYS A 50 3.34 -5.48 9.70
N GLY A 51 3.39 -4.64 8.70
CA GLY A 51 3.25 -5.14 7.30
C GLY A 51 4.06 -4.27 6.35
N ARG A 52 4.54 -4.84 5.28
CA ARG A 52 5.35 -4.06 4.30
C ARG A 52 5.04 -4.52 2.87
N MET A 53 5.04 -3.61 1.92
CA MET A 53 4.76 -4.01 0.51
C MET A 53 5.61 -3.18 -0.47
N TRP A 54 5.99 -3.78 -1.56
CA TRP A 54 6.82 -3.06 -2.58
C TRP A 54 6.60 -3.68 -3.97
N CYS A 55 7.40 -3.33 -4.93
CA CYS A 55 7.24 -3.89 -6.30
C CYS A 55 8.59 -4.35 -6.88
N PRO A 56 8.90 -5.61 -6.67
CA PRO A 56 10.16 -6.17 -7.19
C PRO A 56 10.07 -6.35 -8.72
N GLY A 57 10.29 -5.29 -9.45
CA GLY A 57 10.20 -5.38 -10.95
C GLY A 57 9.72 -4.03 -11.51
N TRP A 58 8.72 -3.44 -10.89
CA TRP A 58 8.20 -2.13 -11.39
C TRP A 58 9.17 -1.00 -11.05
N THR A 59 9.54 -0.89 -9.80
CA THR A 59 10.49 0.19 -9.39
C THR A 59 11.26 -0.24 -8.13
N ALA A 60 11.96 0.68 -7.50
CA ALA A 60 12.73 0.34 -6.27
C ALA A 60 12.21 1.13 -5.06
N ILE A 61 10.91 1.20 -4.90
CA ILE A 61 10.33 1.95 -3.75
C ILE A 61 9.54 0.98 -2.85
N ARG A 62 9.36 1.33 -1.60
CA ARG A 62 8.61 0.42 -0.68
C ARG A 62 7.79 1.21 0.35
N GLY A 63 6.89 0.54 1.02
CA GLY A 63 6.04 1.21 2.04
C GLY A 63 5.63 0.20 3.10
N GLU A 64 5.88 0.50 4.34
CA GLU A 64 5.50 -0.45 5.44
C GLU A 64 5.05 0.32 6.69
N ALA A 65 4.34 -0.35 7.56
CA ALA A 65 3.86 0.34 8.80
C ALA A 65 3.68 -0.67 9.94
N SER A 66 3.59 -0.18 11.16
CA SER A 66 3.40 -1.10 12.33
C SER A 66 2.41 -0.49 13.34
N THR A 67 1.58 -1.30 13.93
CA THR A 67 0.58 -0.77 14.93
C THR A 67 -0.15 -1.94 15.62
N ARG A 68 -0.90 -1.65 16.64
CA ARG A 68 -1.67 -2.74 17.35
C ARG A 68 -2.71 -3.35 16.41
N SER A 69 -3.30 -2.54 15.56
CA SER A 69 -4.33 -3.06 14.61
C SER A 69 -3.75 -4.16 13.72
N GLN A 70 -4.59 -5.03 13.23
CA GLN A 70 -4.12 -6.15 12.35
C GLN A 70 -4.41 -5.81 10.88
N SER A 71 -5.66 -5.64 10.54
CA SER A 71 -6.03 -5.31 9.12
C SER A 71 -5.66 -3.84 8.81
N GLY A 72 -5.71 -2.99 9.80
CA GLY A 72 -5.37 -1.55 9.57
C GLY A 72 -3.92 -1.41 9.09
N VAL A 73 -3.02 -2.20 9.63
CA VAL A 73 -1.58 -2.09 9.20
C VAL A 73 -1.45 -2.47 7.72
N ALA A 74 -2.23 -3.41 7.24
CA ALA A 74 -2.15 -3.82 5.80
C ALA A 74 -2.58 -2.63 4.92
N GLY A 75 -3.67 -1.98 5.27
CA GLY A 75 -4.12 -0.80 4.48
C GLY A 75 -3.05 0.28 4.54
N LYS A 76 -2.41 0.44 5.67
CA LYS A 76 -1.35 1.47 5.79
C LYS A 76 -0.12 1.05 4.97
N THR A 77 0.20 -0.23 4.97
CA THR A 77 1.37 -0.71 4.17
C THR A 77 1.19 -0.29 2.71
N ALA A 78 0.00 -0.46 2.18
CA ALA A 78 -0.26 -0.06 0.76
C ALA A 78 -0.26 1.46 0.65
N LYS A 79 -0.81 2.14 1.63
CA LYS A 79 -0.84 3.63 1.59
C LYS A 79 0.59 4.19 1.74
N ASP A 80 1.39 3.58 2.59
CA ASP A 80 2.80 4.06 2.77
C ASP A 80 3.60 3.83 1.49
N PHE A 81 3.30 2.80 0.74
CA PHE A 81 4.05 2.57 -0.53
C PHE A 81 3.49 3.48 -1.62
N VAL A 82 2.19 3.70 -1.61
CA VAL A 82 1.56 4.58 -2.64
C VAL A 82 2.00 6.03 -2.43
N ARG A 83 2.11 6.48 -1.20
CA ARG A 83 2.54 7.88 -0.95
C ARG A 83 4.00 8.05 -1.39
N LYS A 84 4.83 7.06 -1.14
CA LYS A 84 6.26 7.14 -1.56
C LYS A 84 6.34 7.15 -3.08
N ALA A 85 5.52 6.35 -3.73
CA ALA A 85 5.52 6.31 -5.23
C ALA A 85 4.92 7.61 -5.76
N PHE A 86 3.98 8.19 -5.04
CA PHE A 86 3.36 9.48 -5.48
C PHE A 86 4.43 10.57 -5.47
N GLN A 87 5.25 10.61 -4.45
CA GLN A 87 6.33 11.64 -4.37
C GLN A 87 7.37 11.40 -5.47
N LYS A 88 7.69 10.16 -5.75
CA LYS A 88 8.69 9.84 -6.82
C LYS A 88 8.11 10.16 -8.21
N GLY A 89 6.95 9.64 -8.51
CA GLY A 89 6.32 9.89 -9.82
C GLY A 89 5.95 8.56 -10.48
N LEU A 90 5.28 7.69 -9.75
CA LEU A 90 4.90 6.37 -10.33
C LEU A 90 3.37 6.19 -10.28
N ILE A 91 2.76 6.46 -9.14
CA ILE A 91 1.28 6.32 -9.05
C ILE A 91 0.64 7.71 -9.19
N SER A 92 0.55 8.20 -10.39
CA SER A 92 -0.07 9.55 -10.61
C SER A 92 -1.59 9.46 -10.50
N GLN A 93 -2.28 10.56 -10.73
CA GLN A 93 -3.77 10.54 -10.64
C GLN A 93 -4.37 9.72 -11.79
N GLN A 94 -4.01 10.03 -13.01
CA GLN A 94 -4.57 9.29 -14.18
C GLN A 94 -4.13 7.81 -14.15
N GLU A 95 -2.89 7.55 -13.83
CA GLU A 95 -2.42 6.12 -13.78
C GLU A 95 -3.12 5.38 -12.64
N ALA A 96 -3.33 6.02 -11.52
CA ALA A 96 -4.02 5.34 -10.39
C ALA A 96 -5.48 5.08 -10.77
N ASN A 97 -6.11 6.02 -11.44
CA ASN A 97 -7.53 5.82 -11.85
C ASN A 97 -7.63 4.68 -12.88
N GLN A 98 -6.68 4.59 -13.78
CA GLN A 98 -6.69 3.49 -14.79
C GLN A 98 -6.62 2.14 -14.08
N TRP A 99 -5.77 2.03 -13.08
CA TRP A 99 -5.64 0.75 -12.33
C TRP A 99 -6.94 0.50 -11.53
N LEU A 100 -7.50 1.55 -10.98
CA LEU A 100 -8.76 1.40 -10.19
C LEU A 100 -9.92 1.01 -11.12
N SER A 101 -9.96 1.59 -12.30
CA SER A 101 -11.07 1.27 -13.25
C SER A 101 -10.91 -0.16 -13.78
N SER A 102 -9.72 -0.52 -14.22
CA SER A 102 -9.45 -1.89 -14.76
C SER A 102 -10.37 -2.19 -15.96
N GLU A 1 -11.52 25.63 0.45
CA GLU A 1 -11.34 24.19 0.85
C GLU A 1 -10.81 24.10 2.28
N ALA A 2 -11.09 23.01 2.95
CA ALA A 2 -10.60 22.85 4.35
C ALA A 2 -9.53 21.75 4.42
N TYR A 3 -9.90 20.52 4.17
CA TYR A 3 -8.90 19.41 4.22
C TYR A 3 -8.35 19.13 2.82
N VAL A 4 -7.06 19.29 2.64
CA VAL A 4 -6.44 19.04 1.30
C VAL A 4 -5.90 17.60 1.23
N GLN A 5 -6.72 16.63 1.51
CA GLN A 5 -6.27 15.21 1.47
C GLN A 5 -6.68 14.55 0.14
N GLY A 6 -6.80 15.32 -0.92
CA GLY A 6 -7.20 14.72 -2.23
C GLY A 6 -6.13 13.73 -2.70
N TRP A 7 -4.89 14.14 -2.72
CA TRP A 7 -3.79 13.22 -3.15
C TRP A 7 -3.68 12.04 -2.17
N GLU A 8 -3.75 12.32 -0.89
CA GLU A 8 -3.66 11.23 0.13
C GLU A 8 -4.85 10.27 -0.05
N ALA A 9 -6.01 10.79 -0.35
CA ALA A 9 -7.21 9.92 -0.55
C ALA A 9 -6.97 8.99 -1.74
N VAL A 10 -6.39 9.49 -2.80
CA VAL A 10 -6.11 8.63 -3.98
C VAL A 10 -5.12 7.52 -3.59
N ALA A 11 -4.10 7.88 -2.85
CA ALA A 11 -3.11 6.85 -2.41
C ALA A 11 -3.79 5.85 -1.47
N ALA A 12 -4.66 6.34 -0.61
CA ALA A 12 -5.38 5.44 0.33
C ALA A 12 -6.27 4.46 -0.47
N ALA A 13 -6.92 4.96 -1.50
CA ALA A 13 -7.79 4.06 -2.33
C ALA A 13 -6.94 2.98 -2.98
N VAL A 14 -5.77 3.32 -3.44
CA VAL A 14 -4.88 2.31 -4.08
C VAL A 14 -4.47 1.27 -3.03
N ALA A 15 -4.18 1.70 -1.82
CA ALA A 15 -3.80 0.74 -0.74
C ALA A 15 -4.97 -0.20 -0.45
N SER A 16 -6.17 0.30 -0.43
CA SER A 16 -7.36 -0.58 -0.16
C SER A 16 -7.51 -1.60 -1.29
N LYS A 17 -7.27 -1.20 -2.51
CA LYS A 17 -7.38 -2.15 -3.66
C LYS A 17 -6.29 -3.23 -3.55
N ILE A 18 -5.15 -2.88 -3.02
CA ILE A 18 -4.04 -3.88 -2.86
C ILE A 18 -4.49 -5.01 -1.93
N VAL A 19 -5.04 -4.67 -0.79
CA VAL A 19 -5.50 -5.73 0.17
C VAL A 19 -6.61 -6.58 -0.47
N GLY A 20 -7.50 -5.94 -1.21
CA GLY A 20 -8.60 -6.69 -1.87
C GLY A 20 -8.02 -7.60 -2.97
N LEU A 21 -6.94 -7.20 -3.59
CA LEU A 21 -6.34 -8.03 -4.68
C LEU A 21 -4.97 -8.58 -4.24
N TRP A 22 -4.83 -8.93 -2.98
CA TRP A 22 -3.52 -9.47 -2.51
C TRP A 22 -3.57 -11.00 -2.41
N ARG A 23 -2.51 -11.66 -2.82
CA ARG A 23 -2.45 -13.14 -2.76
C ARG A 23 -1.69 -13.56 -1.49
N ASN A 24 -1.35 -14.83 -1.37
CA ASN A 24 -0.59 -15.31 -0.16
C ASN A 24 0.53 -14.32 0.20
N GLU A 25 1.24 -13.83 -0.81
CA GLU A 25 2.34 -12.85 -0.55
C GLU A 25 2.72 -12.12 -1.85
N LYS A 26 1.75 -11.79 -2.67
CA LYS A 26 2.05 -11.09 -3.95
C LYS A 26 0.80 -10.33 -4.45
N THR A 27 0.98 -9.14 -4.98
CA THR A 27 -0.18 -8.36 -5.50
C THR A 27 0.26 -7.51 -6.70
N GLU A 28 -0.67 -7.10 -7.52
CA GLU A 28 -0.30 -6.27 -8.71
C GLU A 28 -0.57 -4.78 -8.41
N LEU A 29 0.28 -3.92 -8.91
CA LEU A 29 0.08 -2.45 -8.70
C LEU A 29 0.09 -1.74 -10.04
N LEU A 30 -1.02 -1.18 -10.45
CA LEU A 30 -1.10 -0.46 -11.76
C LEU A 30 -0.73 -1.41 -12.92
N GLY A 31 -0.95 -2.70 -12.75
CA GLY A 31 -0.62 -3.67 -13.84
C GLY A 31 0.76 -4.29 -13.60
N HIS A 32 1.57 -3.71 -12.74
CA HIS A 32 2.93 -4.28 -12.49
C HIS A 32 2.87 -5.35 -11.38
N GLU A 33 3.77 -6.28 -11.39
CA GLU A 33 3.77 -7.34 -10.32
C GLU A 33 4.51 -6.82 -9.08
N CYS A 34 3.97 -7.09 -7.91
CA CYS A 34 4.64 -6.59 -6.67
C CYS A 34 4.62 -7.66 -5.57
N LYS A 35 5.33 -7.42 -4.49
CA LYS A 35 5.37 -8.40 -3.37
C LYS A 35 4.90 -7.73 -2.07
N PHE A 36 3.69 -8.03 -1.66
CA PHE A 36 3.14 -7.42 -0.41
C PHE A 36 3.04 -8.51 0.67
N THR A 37 3.50 -8.24 1.87
CA THR A 37 3.44 -9.28 2.95
C THR A 37 3.07 -8.66 4.31
N VAL A 38 2.48 -9.44 5.18
CA VAL A 38 2.10 -8.93 6.52
C VAL A 38 2.35 -10.02 7.59
N LYS A 39 2.77 -9.64 8.77
CA LYS A 39 3.05 -10.64 9.84
C LYS A 39 2.78 -10.07 11.23
N PRO A 40 2.00 -10.79 12.01
CA PRO A 40 1.69 -10.35 13.39
C PRO A 40 2.86 -10.64 14.32
N TYR A 41 3.06 -9.83 15.33
CA TYR A 41 4.19 -10.07 16.28
C TYR A 41 3.71 -9.94 17.72
N LEU A 42 4.63 -9.96 18.65
CA LEU A 42 4.25 -9.84 20.09
C LEU A 42 5.38 -9.19 20.90
N LYS A 43 5.02 -8.42 21.89
CA LYS A 43 6.03 -7.75 22.76
C LYS A 43 5.98 -8.36 24.17
N ARG A 44 6.82 -7.89 25.06
CA ARG A 44 6.83 -8.42 26.46
C ARG A 44 5.42 -8.66 27.00
N PHE A 45 4.49 -7.80 26.67
CA PHE A 45 3.09 -7.98 27.16
C PHE A 45 2.10 -7.26 26.22
N GLN A 46 2.25 -7.42 24.92
CA GLN A 46 1.32 -6.73 23.97
C GLN A 46 1.38 -7.37 22.58
N VAL A 47 0.43 -7.05 21.74
CA VAL A 47 0.42 -7.60 20.34
C VAL A 47 0.62 -6.46 19.35
N TYR A 48 1.45 -6.65 18.35
CA TYR A 48 1.69 -5.57 17.35
C TYR A 48 1.74 -6.16 15.94
N TYR A 49 0.96 -5.61 15.04
CA TYR A 49 0.96 -6.13 13.64
C TYR A 49 1.96 -5.34 12.79
N LYS A 50 2.50 -5.94 11.77
CA LYS A 50 3.48 -5.23 10.89
C LYS A 50 3.40 -5.77 9.47
N GLY A 51 3.66 -4.93 8.50
CA GLY A 51 3.60 -5.40 7.08
C GLY A 51 4.57 -4.60 6.22
N ARG A 52 4.91 -5.11 5.07
CA ARG A 52 5.86 -4.39 4.17
C ARG A 52 5.65 -4.87 2.72
N MET A 53 5.64 -3.96 1.78
CA MET A 53 5.44 -4.36 0.35
C MET A 53 6.40 -3.62 -0.58
N TRP A 54 6.75 -4.23 -1.69
CA TRP A 54 7.69 -3.59 -2.66
C TRP A 54 7.53 -4.23 -4.05
N CYS A 55 7.85 -3.50 -5.09
CA CYS A 55 7.71 -4.08 -6.47
C CYS A 55 9.09 -4.27 -7.11
N PRO A 56 9.64 -5.46 -6.92
CA PRO A 56 10.97 -5.78 -7.50
C PRO A 56 10.85 -6.04 -9.00
N GLY A 57 11.02 -5.03 -9.81
CA GLY A 57 10.90 -5.20 -11.28
C GLY A 57 10.41 -3.91 -11.93
N TRP A 58 9.37 -3.32 -11.40
CA TRP A 58 8.83 -2.05 -11.98
C TRP A 58 9.72 -0.87 -11.59
N THR A 59 9.97 -0.69 -10.32
CA THR A 59 10.82 0.44 -9.85
C THR A 59 11.65 0.01 -8.63
N ALA A 60 12.30 0.95 -7.99
CA ALA A 60 13.11 0.62 -6.79
C ALA A 60 12.56 1.36 -5.57
N ILE A 61 11.34 1.09 -5.21
CA ILE A 61 10.73 1.77 -4.03
C ILE A 61 10.12 0.73 -3.08
N ARG A 62 10.01 1.05 -1.82
CA ARG A 62 9.43 0.09 -0.84
C ARG A 62 8.47 0.79 0.11
N GLY A 63 7.61 0.05 0.75
CA GLY A 63 6.62 0.67 1.69
C GLY A 63 6.46 -0.23 2.92
N GLU A 64 6.47 0.35 4.10
CA GLU A 64 6.31 -0.46 5.33
C GLU A 64 5.33 0.21 6.29
N ALA A 65 4.65 -0.56 7.10
CA ALA A 65 3.69 0.04 8.07
C ALA A 65 3.34 -0.96 9.18
N SER A 66 3.32 -0.52 10.41
CA SER A 66 2.98 -1.43 11.55
C SER A 66 2.02 -0.75 12.52
N THR A 67 1.10 -1.50 13.07
CA THR A 67 0.11 -0.92 14.04
C THR A 67 -0.65 -2.05 14.75
N ARG A 68 -1.52 -1.69 15.68
CA ARG A 68 -2.30 -2.74 16.41
C ARG A 68 -3.35 -3.38 15.50
N SER A 69 -3.87 -2.64 14.55
CA SER A 69 -4.90 -3.20 13.61
C SER A 69 -4.31 -4.34 12.77
N GLN A 70 -5.09 -5.36 12.50
CA GLN A 70 -4.61 -6.51 11.68
C GLN A 70 -4.67 -6.17 10.19
N SER A 71 -5.80 -5.70 9.71
CA SER A 71 -5.92 -5.33 8.27
C SER A 71 -5.44 -3.89 8.06
N GLY A 72 -5.57 -3.05 9.06
CA GLY A 72 -5.12 -1.63 8.92
C GLY A 72 -3.61 -1.60 8.63
N VAL A 73 -2.85 -2.46 9.25
CA VAL A 73 -1.37 -2.48 8.99
C VAL A 73 -1.09 -2.81 7.51
N ALA A 74 -1.88 -3.69 6.94
CA ALA A 74 -1.68 -4.06 5.50
C ALA A 74 -2.03 -2.87 4.60
N GLY A 75 -3.14 -2.21 4.88
CA GLY A 75 -3.55 -1.03 4.06
C GLY A 75 -2.49 0.06 4.19
N LYS A 76 -1.89 0.20 5.34
CA LYS A 76 -0.84 1.25 5.53
C LYS A 76 0.42 0.87 4.73
N THR A 77 0.77 -0.40 4.71
CA THR A 77 1.97 -0.84 3.95
C THR A 77 1.80 -0.48 2.47
N ALA A 78 0.64 -0.76 1.92
CA ALA A 78 0.40 -0.42 0.49
C ALA A 78 0.31 1.10 0.32
N LYS A 79 -0.26 1.78 1.27
CA LYS A 79 -0.36 3.27 1.18
C LYS A 79 1.03 3.90 1.25
N ASP A 80 1.90 3.37 2.10
CA ASP A 80 3.27 3.94 2.21
C ASP A 80 4.01 3.76 0.88
N PHE A 81 3.87 2.63 0.24
CA PHE A 81 4.56 2.42 -1.07
C PHE A 81 3.92 3.33 -2.13
N VAL A 82 2.61 3.44 -2.12
CA VAL A 82 1.92 4.32 -3.11
C VAL A 82 2.30 5.78 -2.86
N ARG A 83 2.42 6.17 -1.60
CA ARG A 83 2.80 7.58 -1.28
C ARG A 83 4.24 7.84 -1.75
N LYS A 84 5.12 6.89 -1.59
CA LYS A 84 6.54 7.07 -2.04
C LYS A 84 6.58 7.20 -3.56
N ALA A 85 5.78 6.43 -4.26
CA ALA A 85 5.76 6.52 -5.76
C ALA A 85 5.13 7.85 -6.18
N PHE A 86 4.15 8.31 -5.44
CA PHE A 86 3.48 9.61 -5.76
C PHE A 86 4.51 10.75 -5.65
N GLN A 87 5.32 10.72 -4.63
CA GLN A 87 6.35 11.80 -4.47
C GLN A 87 7.41 11.71 -5.58
N LYS A 88 7.76 10.51 -5.98
CA LYS A 88 8.79 10.35 -7.06
C LYS A 88 8.20 10.72 -8.43
N GLY A 89 7.11 10.09 -8.80
CA GLY A 89 6.48 10.40 -10.11
C GLY A 89 6.14 9.09 -10.83
N LEU A 90 5.45 8.18 -10.18
CA LEU A 90 5.08 6.89 -10.83
C LEU A 90 3.56 6.70 -10.81
N ILE A 91 2.94 6.86 -9.67
CA ILE A 91 1.46 6.70 -9.60
C ILE A 91 0.79 8.07 -9.70
N SER A 92 0.26 8.39 -10.85
CA SER A 92 -0.42 9.71 -11.03
C SER A 92 -1.82 9.66 -10.43
N GLN A 93 -2.51 10.78 -10.39
CA GLN A 93 -3.88 10.79 -9.81
C GLN A 93 -4.85 10.07 -10.76
N GLN A 94 -4.88 10.46 -12.01
CA GLN A 94 -5.80 9.78 -12.98
C GLN A 94 -5.40 8.32 -13.18
N GLU A 95 -4.13 8.00 -13.04
CA GLU A 95 -3.69 6.59 -13.21
C GLU A 95 -4.25 5.73 -12.07
N ALA A 96 -4.19 6.23 -10.85
CA ALA A 96 -4.74 5.46 -9.70
C ALA A 96 -6.24 5.24 -9.91
N ASN A 97 -6.93 6.25 -10.39
CA ASN A 97 -8.40 6.10 -10.66
C ASN A 97 -8.63 5.03 -11.72
N GLN A 98 -7.79 4.96 -12.72
CA GLN A 98 -7.96 3.92 -13.79
C GLN A 98 -7.76 2.53 -13.18
N TRP A 99 -6.80 2.38 -12.30
CA TRP A 99 -6.56 1.06 -11.65
C TRP A 99 -7.70 0.74 -10.68
N LEU A 100 -8.21 1.75 -10.00
CA LEU A 100 -9.32 1.52 -9.02
C LEU A 100 -10.63 1.19 -9.76
N SER A 101 -10.85 1.75 -10.92
CA SER A 101 -12.11 1.46 -11.67
C SER A 101 -12.10 0.02 -12.19
N SER A 102 -10.98 -0.43 -12.71
CA SER A 102 -10.90 -1.83 -13.24
C SER A 102 -10.77 -2.84 -12.08
N GLU A 1 -3.07 26.59 -5.97
CA GLU A 1 -3.83 27.54 -6.83
C GLU A 1 -5.25 27.74 -6.30
N ALA A 2 -6.05 26.70 -6.29
CA ALA A 2 -7.45 26.83 -5.78
C ALA A 2 -7.77 25.65 -4.84
N TYR A 3 -8.99 25.59 -4.36
CA TYR A 3 -9.38 24.47 -3.44
C TYR A 3 -9.45 23.14 -4.22
N VAL A 4 -8.43 22.34 -4.11
CA VAL A 4 -8.42 21.02 -4.84
C VAL A 4 -7.73 19.95 -3.98
N GLN A 5 -8.44 19.43 -3.02
CA GLN A 5 -7.84 18.37 -2.14
C GLN A 5 -8.35 16.98 -2.56
N GLY A 6 -7.87 15.94 -1.91
CA GLY A 6 -8.32 14.56 -2.27
C GLY A 6 -7.12 13.65 -2.58
N TRP A 7 -5.92 14.19 -2.67
CA TRP A 7 -4.72 13.34 -2.97
C TRP A 7 -4.63 12.20 -1.95
N GLU A 8 -4.78 12.50 -0.68
CA GLU A 8 -4.72 11.44 0.37
C GLU A 8 -5.86 10.44 0.16
N ALA A 9 -7.01 10.90 -0.24
CA ALA A 9 -8.16 9.98 -0.47
C ALA A 9 -7.84 9.04 -1.63
N VAL A 10 -7.22 9.54 -2.67
CA VAL A 10 -6.86 8.67 -3.83
C VAL A 10 -5.81 7.64 -3.38
N ALA A 11 -4.86 8.06 -2.59
CA ALA A 11 -3.82 7.10 -2.09
C ALA A 11 -4.48 6.03 -1.23
N ALA A 12 -5.44 6.42 -0.41
CA ALA A 12 -6.16 5.42 0.45
C ALA A 12 -6.89 4.40 -0.43
N ALA A 13 -7.51 4.86 -1.49
CA ALA A 13 -8.23 3.92 -2.40
C ALA A 13 -7.24 2.94 -3.04
N VAL A 14 -6.07 3.41 -3.40
CA VAL A 14 -5.04 2.51 -4.00
C VAL A 14 -4.59 1.50 -2.95
N ALA A 15 -4.42 1.94 -1.72
CA ALA A 15 -4.00 1.00 -0.63
C ALA A 15 -5.08 -0.06 -0.42
N SER A 16 -6.34 0.34 -0.49
CA SER A 16 -7.45 -0.64 -0.31
C SER A 16 -7.40 -1.68 -1.44
N LYS A 17 -7.14 -1.26 -2.65
CA LYS A 17 -7.07 -2.22 -3.79
C LYS A 17 -5.89 -3.19 -3.57
N ILE A 18 -4.83 -2.74 -2.95
CA ILE A 18 -3.66 -3.65 -2.68
C ILE A 18 -4.13 -4.80 -1.76
N VAL A 19 -4.80 -4.47 -0.69
CA VAL A 19 -5.30 -5.53 0.24
C VAL A 19 -6.39 -6.36 -0.45
N GLY A 20 -7.26 -5.71 -1.20
CA GLY A 20 -8.35 -6.45 -1.92
C GLY A 20 -7.72 -7.39 -2.96
N LEU A 21 -6.60 -7.01 -3.54
CA LEU A 21 -5.94 -7.87 -4.56
C LEU A 21 -4.64 -8.48 -4.01
N TRP A 22 -4.62 -8.81 -2.74
CA TRP A 22 -3.39 -9.39 -2.13
C TRP A 22 -3.55 -10.91 -1.93
N ARG A 23 -2.55 -11.66 -2.33
CA ARG A 23 -2.58 -13.14 -2.15
C ARG A 23 -1.77 -13.52 -0.91
N ASN A 24 -1.40 -14.77 -0.77
CA ASN A 24 -0.60 -15.21 0.43
C ASN A 24 0.55 -14.23 0.68
N GLU A 25 1.27 -13.85 -0.37
CA GLU A 25 2.41 -12.89 -0.22
C GLU A 25 2.71 -12.19 -1.55
N LYS A 26 1.69 -11.92 -2.33
CA LYS A 26 1.91 -11.26 -3.65
C LYS A 26 0.76 -10.29 -3.98
N THR A 27 1.03 -9.26 -4.74
CA THR A 27 -0.05 -8.29 -5.10
C THR A 27 0.29 -7.62 -6.44
N GLU A 28 -0.61 -6.84 -6.97
CA GLU A 28 -0.35 -6.15 -8.27
C GLU A 28 -0.54 -4.64 -8.12
N LEU A 29 0.28 -3.86 -8.78
CA LEU A 29 0.13 -2.38 -8.70
C LEU A 29 0.05 -1.79 -10.11
N LEU A 30 -1.08 -1.23 -10.47
CA LEU A 30 -1.25 -0.65 -11.84
C LEU A 30 -0.98 -1.71 -12.92
N GLY A 31 -1.18 -2.97 -12.61
CA GLY A 31 -0.93 -4.05 -13.62
C GLY A 31 0.47 -4.66 -13.41
N HIS A 32 1.33 -3.99 -12.67
CA HIS A 32 2.71 -4.53 -12.45
C HIS A 32 2.68 -5.58 -11.32
N GLU A 33 3.56 -6.54 -11.39
CA GLU A 33 3.61 -7.59 -10.31
C GLU A 33 4.34 -7.04 -9.09
N CYS A 34 3.85 -7.35 -7.91
CA CYS A 34 4.50 -6.85 -6.66
C CYS A 34 4.52 -7.93 -5.59
N LYS A 35 5.29 -7.73 -4.54
CA LYS A 35 5.34 -8.73 -3.45
C LYS A 35 4.95 -8.07 -2.12
N PHE A 36 3.73 -8.28 -1.69
CA PHE A 36 3.26 -7.68 -0.41
C PHE A 36 3.11 -8.78 0.64
N THR A 37 3.66 -8.56 1.82
CA THR A 37 3.57 -9.61 2.88
C THR A 37 3.19 -8.99 4.24
N VAL A 38 2.63 -9.79 5.12
CA VAL A 38 2.23 -9.27 6.47
C VAL A 38 2.81 -10.18 7.56
N LYS A 39 3.47 -9.62 8.53
CA LYS A 39 4.06 -10.45 9.63
C LYS A 39 3.97 -9.71 10.98
N PRO A 40 3.00 -10.09 11.77
CA PRO A 40 2.81 -9.45 13.10
C PRO A 40 3.88 -9.94 14.10
N TYR A 41 4.07 -9.23 15.18
CA TYR A 41 5.08 -9.65 16.19
C TYR A 41 4.43 -9.72 17.57
N LEU A 42 5.21 -9.96 18.58
CA LEU A 42 4.66 -10.05 19.96
C LEU A 42 5.53 -9.25 20.93
N LYS A 43 4.93 -8.61 21.89
CA LYS A 43 5.69 -7.80 22.88
C LYS A 43 5.49 -8.39 24.29
N ARG A 44 6.19 -7.85 25.26
CA ARG A 44 6.07 -8.36 26.68
C ARG A 44 4.59 -8.58 27.05
N PHE A 45 3.71 -7.75 26.57
CA PHE A 45 2.26 -7.94 26.89
C PHE A 45 1.37 -7.31 25.80
N GLN A 46 1.76 -7.40 24.55
CA GLN A 46 0.92 -6.80 23.45
C GLN A 46 1.32 -7.35 22.07
N VAL A 47 0.35 -7.65 21.25
CA VAL A 47 0.66 -8.18 19.88
C VAL A 47 0.50 -7.05 18.86
N TYR A 48 1.53 -6.78 18.09
CA TYR A 48 1.45 -5.69 17.08
C TYR A 48 1.49 -6.29 15.66
N TYR A 49 0.76 -5.70 14.74
CA TYR A 49 0.76 -6.22 13.35
C TYR A 49 1.75 -5.42 12.49
N LYS A 50 2.21 -6.00 11.41
CA LYS A 50 3.17 -5.27 10.53
C LYS A 50 3.13 -5.85 9.12
N GLY A 51 3.39 -5.04 8.13
CA GLY A 51 3.37 -5.55 6.73
C GLY A 51 4.36 -4.78 5.87
N ARG A 52 4.95 -5.43 4.90
CA ARG A 52 5.93 -4.74 4.01
C ARG A 52 5.74 -5.21 2.56
N MET A 53 5.81 -4.30 1.61
CA MET A 53 5.63 -4.71 0.19
C MET A 53 6.64 -4.00 -0.72
N TRP A 54 6.89 -4.57 -1.87
CA TRP A 54 7.85 -3.97 -2.84
C TRP A 54 7.61 -4.54 -4.24
N CYS A 55 7.80 -3.74 -5.27
CA CYS A 55 7.57 -4.24 -6.66
C CYS A 55 8.89 -4.33 -7.43
N PRO A 56 9.51 -5.48 -7.37
CA PRO A 56 10.79 -5.69 -8.10
C PRO A 56 10.51 -5.88 -9.60
N GLY A 57 10.43 -4.79 -10.32
CA GLY A 57 10.15 -4.89 -11.79
C GLY A 57 9.73 -3.51 -12.31
N TRP A 58 8.78 -2.89 -11.65
CA TRP A 58 8.31 -1.54 -12.09
C TRP A 58 9.31 -0.47 -11.63
N THR A 59 9.76 -0.57 -10.40
CA THR A 59 10.74 0.42 -9.87
C THR A 59 11.58 -0.24 -8.76
N ALA A 60 12.40 0.54 -8.11
CA ALA A 60 13.26 -0.01 -7.01
C ALA A 60 12.88 0.67 -5.68
N ILE A 61 11.61 0.72 -5.38
CA ILE A 61 11.16 1.37 -4.11
C ILE A 61 10.43 0.35 -3.24
N ARG A 62 10.40 0.57 -1.94
CA ARG A 62 9.71 -0.37 -1.02
C ARG A 62 8.82 0.39 -0.03
N GLY A 63 7.87 -0.27 0.55
CA GLY A 63 6.97 0.40 1.53
C GLY A 63 6.68 -0.54 2.71
N GLU A 64 6.49 0.01 3.88
CA GLU A 64 6.20 -0.85 5.07
C GLU A 64 5.35 -0.08 6.08
N ALA A 65 4.65 -0.79 6.91
CA ALA A 65 3.79 -0.11 7.94
C ALA A 65 3.46 -1.07 9.08
N SER A 66 3.34 -0.54 10.29
CA SER A 66 3.03 -1.42 11.45
C SER A 66 2.02 -0.73 12.40
N THR A 67 1.11 -1.49 12.94
CA THR A 67 0.09 -0.91 13.89
C THR A 67 -0.69 -2.03 14.59
N ARG A 68 -1.57 -1.66 15.50
CA ARG A 68 -2.36 -2.70 16.23
C ARG A 68 -3.42 -3.31 15.30
N SER A 69 -3.98 -2.53 14.41
CA SER A 69 -5.02 -3.05 13.47
C SER A 69 -4.43 -4.18 12.62
N GLN A 70 -5.18 -5.25 12.43
CA GLN A 70 -4.67 -6.39 11.62
C GLN A 70 -4.69 -6.04 10.12
N SER A 71 -5.85 -5.72 9.59
CA SER A 71 -5.93 -5.36 8.15
C SER A 71 -5.48 -3.91 7.94
N GLY A 72 -5.64 -3.07 8.94
CA GLY A 72 -5.21 -1.64 8.82
C GLY A 72 -3.70 -1.59 8.52
N VAL A 73 -2.92 -2.45 9.11
CA VAL A 73 -1.44 -2.43 8.86
C VAL A 73 -1.17 -2.72 7.37
N ALA A 74 -1.91 -3.62 6.77
CA ALA A 74 -1.70 -3.93 5.33
C ALA A 74 -2.06 -2.71 4.48
N GLY A 75 -3.16 -2.08 4.77
CA GLY A 75 -3.56 -0.86 4.00
C GLY A 75 -2.51 0.23 4.22
N LYS A 76 -1.99 0.34 5.42
CA LYS A 76 -0.95 1.37 5.71
C LYS A 76 0.30 1.12 4.87
N THR A 77 0.70 -0.13 4.71
CA THR A 77 1.91 -0.44 3.90
C THR A 77 1.65 -0.02 2.45
N ALA A 78 0.49 -0.32 1.93
CA ALA A 78 0.15 0.07 0.53
C ALA A 78 0.07 1.61 0.44
N LYS A 79 -0.49 2.24 1.45
CA LYS A 79 -0.59 3.73 1.44
C LYS A 79 0.82 4.35 1.50
N ASP A 80 1.70 3.77 2.28
CA ASP A 80 3.09 4.32 2.39
C ASP A 80 3.85 4.10 1.07
N PHE A 81 3.53 3.06 0.34
CA PHE A 81 4.21 2.82 -0.95
C PHE A 81 3.64 3.75 -2.04
N VAL A 82 2.36 4.05 -1.97
CA VAL A 82 1.74 4.95 -2.99
C VAL A 82 2.24 6.39 -2.81
N ARG A 83 2.41 6.84 -1.58
CA ARG A 83 2.90 8.23 -1.37
C ARG A 83 4.37 8.33 -1.78
N LYS A 84 5.14 7.30 -1.54
CA LYS A 84 6.58 7.31 -1.94
C LYS A 84 6.68 7.35 -3.46
N ALA A 85 5.84 6.61 -4.15
CA ALA A 85 5.87 6.62 -5.63
C ALA A 85 5.35 7.97 -6.14
N PHE A 86 4.42 8.57 -5.43
CA PHE A 86 3.88 9.90 -5.85
C PHE A 86 4.99 10.95 -5.79
N GLN A 87 5.82 10.90 -4.76
CA GLN A 87 6.93 11.89 -4.63
C GLN A 87 7.96 11.69 -5.77
N LYS A 88 8.20 10.47 -6.18
CA LYS A 88 9.18 10.22 -7.27
C LYS A 88 8.53 10.50 -8.63
N GLY A 89 7.41 9.87 -8.91
CA GLY A 89 6.73 10.09 -10.21
C GLY A 89 6.31 8.74 -10.82
N LEU A 90 5.60 7.93 -10.09
CA LEU A 90 5.16 6.60 -10.62
C LEU A 90 3.64 6.46 -10.55
N ILE A 91 3.05 6.77 -9.42
CA ILE A 91 1.56 6.66 -9.30
C ILE A 91 0.94 8.05 -9.33
N SER A 92 0.44 8.47 -10.47
CA SER A 92 -0.18 9.82 -10.57
C SER A 92 -1.60 9.80 -9.97
N GLN A 93 -2.29 10.91 -10.04
CA GLN A 93 -3.67 10.98 -9.48
C GLN A 93 -4.65 10.17 -10.35
N GLN A 94 -4.78 10.50 -11.61
CA GLN A 94 -5.71 9.75 -12.49
C GLN A 94 -5.26 8.29 -12.64
N GLU A 95 -3.96 8.06 -12.66
CA GLU A 95 -3.45 6.65 -12.79
C GLU A 95 -3.97 5.79 -11.65
N ALA A 96 -3.97 6.30 -10.44
CA ALA A 96 -4.48 5.50 -9.28
C ALA A 96 -5.97 5.20 -9.47
N ASN A 97 -6.71 6.14 -9.99
CA ASN A 97 -8.17 5.92 -10.23
C ASN A 97 -8.35 4.91 -11.36
N GLN A 98 -7.51 4.97 -12.37
CA GLN A 98 -7.62 4.00 -13.50
C GLN A 98 -7.40 2.58 -12.99
N TRP A 99 -6.42 2.39 -12.13
CA TRP A 99 -6.17 1.03 -11.57
C TRP A 99 -7.38 0.61 -10.74
N LEU A 100 -7.92 1.51 -9.96
CA LEU A 100 -9.12 1.18 -9.12
C LEU A 100 -10.28 0.73 -10.02
N SER A 101 -10.43 1.33 -11.18
CA SER A 101 -11.53 0.93 -12.11
C SER A 101 -11.31 -0.50 -12.61
N SER A 102 -10.08 -0.87 -12.87
CA SER A 102 -9.77 -2.26 -13.38
C SER A 102 -10.50 -2.54 -14.70
N GLU A 1 -12.44 12.42 -2.70
CA GLU A 1 -13.60 12.78 -1.83
C GLU A 1 -13.51 14.26 -1.41
N ALA A 2 -12.48 14.62 -0.67
CA ALA A 2 -12.34 16.04 -0.24
C ALA A 2 -11.14 16.70 -0.95
N TYR A 3 -10.83 17.92 -0.60
CA TYR A 3 -9.67 18.61 -1.27
C TYR A 3 -8.45 18.60 -0.33
N VAL A 4 -7.45 19.42 -0.64
CA VAL A 4 -6.20 19.49 0.20
C VAL A 4 -5.38 18.20 0.07
N GLN A 5 -5.89 17.08 0.52
CA GLN A 5 -5.13 15.80 0.42
C GLN A 5 -5.62 15.01 -0.80
N GLY A 6 -5.53 15.60 -1.98
CA GLY A 6 -5.99 14.89 -3.22
C GLY A 6 -5.17 13.61 -3.43
N TRP A 7 -3.89 13.65 -3.12
CA TRP A 7 -3.04 12.43 -3.29
C TRP A 7 -3.52 11.32 -2.36
N GLU A 8 -3.85 11.66 -1.12
CA GLU A 8 -4.33 10.64 -0.16
C GLU A 8 -5.63 10.01 -0.65
N ALA A 9 -6.49 10.77 -1.28
CA ALA A 9 -7.78 10.20 -1.79
C ALA A 9 -7.48 9.24 -2.94
N VAL A 10 -6.58 9.62 -3.84
CA VAL A 10 -6.24 8.71 -4.97
C VAL A 10 -5.50 7.49 -4.41
N ALA A 11 -4.65 7.73 -3.45
CA ALA A 11 -3.90 6.60 -2.82
C ALA A 11 -4.91 5.68 -2.13
N ALA A 12 -5.84 6.24 -1.39
CA ALA A 12 -6.87 5.40 -0.70
C ALA A 12 -7.54 4.47 -1.69
N ALA A 13 -7.91 4.98 -2.85
CA ALA A 13 -8.55 4.11 -3.88
C ALA A 13 -7.59 2.99 -4.27
N VAL A 14 -6.32 3.31 -4.40
CA VAL A 14 -5.31 2.25 -4.75
C VAL A 14 -5.31 1.18 -3.66
N ALA A 15 -5.31 1.58 -2.41
CA ALA A 15 -5.32 0.59 -1.29
C ALA A 15 -6.53 -0.33 -1.41
N SER A 16 -7.68 0.23 -1.71
CA SER A 16 -8.92 -0.61 -1.86
C SER A 16 -8.70 -1.65 -2.97
N LYS A 17 -8.08 -1.24 -4.05
CA LYS A 17 -7.82 -2.20 -5.16
C LYS A 17 -6.74 -3.21 -4.73
N ILE A 18 -5.80 -2.80 -3.91
CA ILE A 18 -4.75 -3.75 -3.45
C ILE A 18 -5.35 -4.75 -2.45
N VAL A 19 -6.11 -4.29 -1.49
CA VAL A 19 -6.71 -5.23 -0.50
C VAL A 19 -7.76 -6.12 -1.18
N GLY A 20 -8.53 -5.57 -2.08
CA GLY A 20 -9.56 -6.38 -2.79
C GLY A 20 -8.90 -7.37 -3.77
N LEU A 21 -7.65 -7.16 -4.11
CA LEU A 21 -6.97 -8.08 -5.06
C LEU A 21 -5.64 -8.61 -4.50
N TRP A 22 -5.48 -8.63 -3.19
CA TRP A 22 -4.20 -9.14 -2.61
C TRP A 22 -4.31 -10.64 -2.30
N ARG A 23 -3.29 -11.39 -2.64
CA ARG A 23 -3.31 -12.86 -2.38
C ARG A 23 -2.52 -13.15 -1.10
N ASN A 24 -2.21 -14.40 -0.84
CA ASN A 24 -1.43 -14.75 0.40
C ASN A 24 -0.19 -13.86 0.52
N GLU A 25 0.50 -13.62 -0.57
CA GLU A 25 1.71 -12.76 -0.53
C GLU A 25 2.03 -12.19 -1.92
N LYS A 26 1.01 -11.85 -2.66
CA LYS A 26 1.24 -11.29 -4.04
C LYS A 26 0.17 -10.25 -4.40
N THR A 27 0.53 -9.26 -5.17
CA THR A 27 -0.45 -8.21 -5.57
C THR A 27 0.01 -7.54 -6.87
N GLU A 28 -0.89 -6.97 -7.62
CA GLU A 28 -0.49 -6.30 -8.89
C GLU A 28 -0.69 -4.79 -8.77
N LEU A 29 0.12 -4.01 -9.47
CA LEU A 29 -0.02 -2.53 -9.40
C LEU A 29 0.27 -1.92 -10.78
N LEU A 30 -0.68 -1.16 -11.31
CA LEU A 30 -0.49 -0.52 -12.65
C LEU A 30 -0.11 -1.57 -13.72
N GLY A 31 -0.64 -2.76 -13.61
CA GLY A 31 -0.32 -3.83 -14.62
C GLY A 31 1.08 -4.39 -14.35
N HIS A 32 1.56 -4.34 -13.12
CA HIS A 32 2.91 -4.88 -12.80
C HIS A 32 2.81 -5.89 -11.66
N GLU A 33 3.83 -6.69 -11.48
CA GLU A 33 3.81 -7.70 -10.38
C GLU A 33 4.42 -7.10 -9.10
N CYS A 34 3.73 -7.23 -7.99
CA CYS A 34 4.26 -6.67 -6.71
C CYS A 34 4.11 -7.70 -5.59
N LYS A 35 4.75 -7.47 -4.48
CA LYS A 35 4.65 -8.44 -3.35
C LYS A 35 4.22 -7.73 -2.05
N PHE A 36 3.02 -7.99 -1.62
CA PHE A 36 2.50 -7.37 -0.36
C PHE A 36 2.37 -8.45 0.72
N THR A 37 2.80 -8.18 1.93
CA THR A 37 2.70 -9.24 2.99
C THR A 37 2.52 -8.62 4.39
N VAL A 38 1.98 -9.40 5.30
CA VAL A 38 1.79 -8.92 6.71
C VAL A 38 2.30 -9.99 7.68
N LYS A 39 2.86 -9.58 8.80
CA LYS A 39 3.39 -10.58 9.78
C LYS A 39 3.25 -10.06 11.23
N PRO A 40 2.81 -10.93 12.10
CA PRO A 40 2.66 -10.55 13.54
C PRO A 40 4.03 -10.55 14.24
N TYR A 41 4.16 -9.79 15.30
CA TYR A 41 5.46 -9.75 16.02
C TYR A 41 5.23 -9.62 17.54
N LEU A 42 6.28 -9.37 18.26
CA LEU A 42 6.17 -9.24 19.75
C LEU A 42 7.10 -8.14 20.26
N LYS A 43 6.83 -7.64 21.45
CA LYS A 43 7.68 -6.57 22.04
C LYS A 43 8.04 -6.94 23.48
N ARG A 44 8.83 -6.10 24.13
CA ARG A 44 9.25 -6.37 25.55
C ARG A 44 8.09 -6.94 26.40
N PHE A 45 6.89 -6.46 26.18
CA PHE A 45 5.73 -6.97 26.97
C PHE A 45 4.39 -6.75 26.23
N GLN A 46 4.39 -6.86 24.91
CA GLN A 46 3.11 -6.67 24.15
C GLN A 46 3.21 -7.25 22.74
N VAL A 47 2.08 -7.45 22.09
CA VAL A 47 2.09 -8.02 20.71
C VAL A 47 1.86 -6.88 19.70
N TYR A 48 2.53 -6.91 18.58
CA TYR A 48 2.34 -5.83 17.57
C TYR A 48 2.33 -6.42 16.16
N TYR A 49 1.42 -5.98 15.33
CA TYR A 49 1.35 -6.51 13.94
C TYR A 49 2.08 -5.56 12.98
N LYS A 50 2.88 -6.10 12.09
CA LYS A 50 3.62 -5.24 11.12
C LYS A 50 3.40 -5.76 9.70
N GLY A 51 3.56 -4.91 8.71
CA GLY A 51 3.37 -5.37 7.31
C GLY A 51 4.30 -4.58 6.38
N ARG A 52 4.71 -5.18 5.29
CA ARG A 52 5.61 -4.47 4.34
C ARG A 52 5.36 -4.98 2.91
N MET A 53 5.29 -4.09 1.96
CA MET A 53 5.04 -4.52 0.54
C MET A 53 5.99 -3.79 -0.42
N TRP A 54 6.29 -4.41 -1.53
CA TRP A 54 7.20 -3.76 -2.54
C TRP A 54 6.82 -4.23 -3.95
N CYS A 55 7.56 -3.80 -4.94
CA CYS A 55 7.23 -4.22 -6.34
C CYS A 55 8.48 -4.67 -7.09
N PRO A 56 8.74 -5.96 -7.05
CA PRO A 56 9.92 -6.52 -7.74
C PRO A 56 9.67 -6.59 -9.27
N GLY A 57 10.00 -5.54 -9.97
CA GLY A 57 9.78 -5.52 -11.44
C GLY A 57 9.33 -4.12 -11.89
N TRP A 58 8.40 -3.53 -11.17
CA TRP A 58 7.91 -2.16 -11.54
C TRP A 58 8.99 -1.12 -11.21
N THR A 59 9.40 -1.05 -9.98
CA THR A 59 10.44 -0.06 -9.57
C THR A 59 11.20 -0.57 -8.34
N ALA A 60 11.86 0.32 -7.63
CA ALA A 60 12.63 -0.11 -6.42
C ALA A 60 12.13 0.65 -5.18
N ILE A 61 10.84 0.79 -5.01
CA ILE A 61 10.30 1.51 -3.82
C ILE A 61 9.32 0.60 -3.07
N ARG A 62 9.13 0.83 -1.79
CA ARG A 62 8.20 -0.03 -1.01
C ARG A 62 7.64 0.73 0.20
N GLY A 63 6.66 0.17 0.83
CA GLY A 63 6.04 0.83 2.03
C GLY A 63 5.83 -0.21 3.14
N GLU A 64 5.83 0.24 4.37
CA GLU A 64 5.62 -0.70 5.50
C GLU A 64 4.84 -0.01 6.63
N ALA A 65 4.16 -0.77 7.45
CA ALA A 65 3.36 -0.16 8.56
C ALA A 65 3.41 -1.04 9.81
N SER A 66 3.07 -0.48 10.95
CA SER A 66 3.09 -1.29 12.21
C SER A 66 1.98 -0.82 13.16
N THR A 67 1.30 -1.74 13.78
CA THR A 67 0.19 -1.39 14.74
C THR A 67 -0.36 -2.66 15.40
N ARG A 68 -1.11 -2.51 16.46
CA ARG A 68 -1.68 -3.72 17.14
C ARG A 68 -2.75 -4.39 16.25
N SER A 69 -3.41 -3.63 15.41
CA SER A 69 -4.46 -4.22 14.52
C SER A 69 -3.82 -5.18 13.50
N GLN A 70 -4.54 -6.19 13.09
CA GLN A 70 -4.00 -7.17 12.10
C GLN A 70 -4.18 -6.64 10.68
N SER A 71 -5.41 -6.49 10.23
CA SER A 71 -5.65 -5.96 8.85
C SER A 71 -5.35 -4.45 8.81
N GLY A 72 -5.40 -3.78 9.95
CA GLY A 72 -5.11 -2.33 9.99
C GLY A 72 -3.69 -2.07 9.44
N VAL A 73 -2.73 -2.85 9.88
CA VAL A 73 -1.33 -2.67 9.38
C VAL A 73 -1.28 -2.87 7.86
N ALA A 74 -2.05 -3.80 7.35
CA ALA A 74 -2.07 -4.05 5.87
C ALA A 74 -2.57 -2.81 5.13
N GLY A 75 -3.63 -2.20 5.62
CA GLY A 75 -4.16 -0.98 4.95
C GLY A 75 -3.11 0.12 4.96
N LYS A 76 -2.34 0.24 6.02
CA LYS A 76 -1.29 1.29 6.07
C LYS A 76 -0.11 0.90 5.18
N THR A 77 0.25 -0.36 5.13
CA THR A 77 1.40 -0.78 4.27
C THR A 77 1.09 -0.44 2.81
N ALA A 78 -0.14 -0.59 2.38
CA ALA A 78 -0.51 -0.25 0.97
C ALA A 78 -0.68 1.26 0.82
N LYS A 79 -1.06 1.94 1.87
CA LYS A 79 -1.24 3.41 1.79
C LYS A 79 0.11 4.11 1.90
N ASP A 80 0.97 3.60 2.73
CA ASP A 80 2.32 4.22 2.90
C ASP A 80 3.16 3.95 1.65
N PHE A 81 2.96 2.83 1.00
CA PHE A 81 3.73 2.53 -0.24
C PHE A 81 3.29 3.46 -1.37
N VAL A 82 2.01 3.69 -1.51
CA VAL A 82 1.52 4.60 -2.58
C VAL A 82 1.90 6.05 -2.24
N ARG A 83 1.95 6.37 -0.96
CA ARG A 83 2.34 7.76 -0.55
C ARG A 83 3.84 7.95 -0.75
N LYS A 84 4.65 6.94 -0.46
CA LYS A 84 6.12 7.08 -0.65
C LYS A 84 6.45 7.19 -2.13
N ALA A 85 5.73 6.49 -2.97
CA ALA A 85 5.99 6.58 -4.44
C ALA A 85 5.50 7.94 -4.96
N PHE A 86 4.44 8.45 -4.39
CA PHE A 86 3.92 9.78 -4.82
C PHE A 86 4.93 10.88 -4.45
N GLN A 87 5.53 10.77 -3.29
CA GLN A 87 6.53 11.79 -2.85
C GLN A 87 7.73 11.77 -3.80
N LYS A 88 8.18 10.59 -4.20
CA LYS A 88 9.34 10.50 -5.13
C LYS A 88 8.92 10.93 -6.54
N GLY A 89 7.93 10.27 -7.09
CA GLY A 89 7.45 10.64 -8.46
C GLY A 89 7.19 9.37 -9.26
N LEU A 90 6.37 8.48 -8.75
CA LEU A 90 6.06 7.21 -9.49
C LEU A 90 4.55 7.06 -9.70
N ILE A 91 3.79 7.06 -8.63
CA ILE A 91 2.31 6.91 -8.77
C ILE A 91 1.64 8.28 -8.85
N SER A 92 1.04 8.59 -9.96
CA SER A 92 0.35 9.91 -10.12
C SER A 92 -1.16 9.78 -9.90
N GLN A 93 -1.90 10.84 -10.08
CA GLN A 93 -3.38 10.79 -9.88
C GLN A 93 -4.04 10.06 -11.05
N GLN A 94 -3.76 10.46 -12.26
CA GLN A 94 -4.37 9.79 -13.44
C GLN A 94 -3.91 8.33 -13.53
N GLU A 95 -2.64 8.09 -13.27
CA GLU A 95 -2.11 6.69 -13.32
C GLU A 95 -2.93 5.78 -12.38
N ALA A 96 -3.18 6.24 -11.17
CA ALA A 96 -3.99 5.42 -10.22
C ALA A 96 -5.41 5.27 -10.76
N ASN A 97 -5.95 6.30 -11.35
CA ASN A 97 -7.33 6.22 -11.91
C ASN A 97 -7.35 5.21 -13.07
N GLN A 98 -6.30 5.18 -13.86
CA GLN A 98 -6.25 4.19 -14.98
C GLN A 98 -6.22 2.78 -14.41
N TRP A 99 -5.46 2.57 -13.36
CA TRP A 99 -5.41 1.20 -12.74
C TRP A 99 -6.79 0.87 -12.17
N LEU A 100 -7.42 1.82 -11.51
CA LEU A 100 -8.78 1.58 -10.94
C LEU A 100 -9.71 1.07 -12.03
N SER A 101 -9.58 1.59 -13.24
CA SER A 101 -10.44 1.12 -14.36
C SER A 101 -9.90 -0.21 -14.92
N SER A 102 -8.59 -0.29 -15.08
CA SER A 102 -7.98 -1.56 -15.60
C SER A 102 -6.49 -1.60 -15.23
N GLU A 1 -15.70 27.66 0.37
CA GLU A 1 -14.67 28.63 0.81
C GLU A 1 -13.31 27.94 0.97
N ALA A 2 -13.24 26.88 1.75
CA ALA A 2 -11.94 26.17 1.94
C ALA A 2 -11.56 25.40 0.66
N TYR A 3 -10.28 25.28 0.39
CA TYR A 3 -9.84 24.54 -0.84
C TYR A 3 -9.21 23.20 -0.45
N VAL A 4 -9.40 22.19 -1.26
CA VAL A 4 -8.80 20.84 -0.95
C VAL A 4 -8.19 20.22 -2.21
N GLN A 5 -7.05 19.61 -2.09
CA GLN A 5 -6.40 18.97 -3.28
C GLN A 5 -6.97 17.56 -3.51
N GLY A 6 -7.15 16.81 -2.45
CA GLY A 6 -7.69 15.42 -2.61
C GLY A 6 -6.55 14.43 -2.89
N TRP A 7 -5.32 14.89 -2.95
CA TRP A 7 -4.17 13.97 -3.22
C TRP A 7 -4.11 12.87 -2.15
N GLU A 8 -4.19 13.23 -0.90
CA GLU A 8 -4.15 12.21 0.20
C GLU A 8 -5.31 11.22 0.03
N ALA A 9 -6.46 11.70 -0.35
CA ALA A 9 -7.63 10.79 -0.54
C ALA A 9 -7.35 9.81 -1.68
N VAL A 10 -6.73 10.28 -2.75
CA VAL A 10 -6.41 9.37 -3.89
C VAL A 10 -5.40 8.31 -3.43
N ALA A 11 -4.42 8.71 -2.65
CA ALA A 11 -3.42 7.73 -2.14
C ALA A 11 -4.11 6.69 -1.25
N ALA A 12 -5.05 7.11 -0.43
CA ALA A 12 -5.78 6.15 0.45
C ALA A 12 -6.57 5.16 -0.42
N ALA A 13 -7.17 5.63 -1.48
CA ALA A 13 -7.94 4.71 -2.37
C ALA A 13 -6.98 3.69 -2.99
N VAL A 14 -5.81 4.11 -3.39
CA VAL A 14 -4.81 3.17 -3.99
C VAL A 14 -4.42 2.13 -2.94
N ALA A 15 -4.24 2.54 -1.70
CA ALA A 15 -3.88 1.58 -0.62
C ALA A 15 -5.03 0.58 -0.43
N SER A 16 -6.25 1.05 -0.49
CA SER A 16 -7.43 0.13 -0.35
C SER A 16 -7.44 -0.87 -1.50
N LYS A 17 -7.10 -0.44 -2.69
CA LYS A 17 -7.06 -1.36 -3.86
C LYS A 17 -6.06 -2.49 -3.58
N ILE A 18 -4.93 -2.16 -2.96
CA ILE A 18 -3.92 -3.19 -2.64
C ILE A 18 -4.47 -4.19 -1.62
N VAL A 19 -5.30 -3.74 -0.71
CA VAL A 19 -5.89 -4.66 0.31
C VAL A 19 -6.73 -5.74 -0.39
N GLY A 20 -7.62 -5.34 -1.27
CA GLY A 20 -8.47 -6.35 -2.00
C GLY A 20 -7.69 -7.00 -3.14
N LEU A 21 -6.55 -6.46 -3.51
CA LEU A 21 -5.76 -7.05 -4.64
C LEU A 21 -4.62 -7.94 -4.10
N TRP A 22 -4.20 -7.72 -2.87
CA TRP A 22 -3.11 -8.54 -2.27
C TRP A 22 -3.57 -9.99 -2.08
N ARG A 23 -2.76 -10.93 -2.52
CA ARG A 23 -3.10 -12.37 -2.35
C ARG A 23 -2.35 -12.93 -1.14
N ASN A 24 -2.20 -14.23 -1.04
CA ASN A 24 -1.48 -14.82 0.14
C ASN A 24 -0.15 -14.08 0.37
N GLU A 25 0.59 -13.84 -0.69
CA GLU A 25 1.91 -13.12 -0.54
C GLU A 25 2.36 -12.54 -1.90
N LYS A 26 1.44 -12.06 -2.70
CA LYS A 26 1.80 -11.49 -4.02
C LYS A 26 0.71 -10.51 -4.49
N THR A 27 1.05 -9.57 -5.34
CA THR A 27 0.02 -8.61 -5.84
C THR A 27 0.46 -8.02 -7.18
N GLU A 28 -0.48 -7.57 -7.97
CA GLU A 28 -0.13 -6.98 -9.30
C GLU A 28 -0.53 -5.50 -9.32
N LEU A 29 0.44 -4.62 -9.32
CA LEU A 29 0.11 -3.15 -9.31
C LEU A 29 0.53 -2.50 -10.64
N LEU A 30 -0.36 -1.76 -11.26
CA LEU A 30 -0.03 -1.09 -12.57
C LEU A 30 0.35 -2.14 -13.63
N GLY A 31 -0.21 -3.32 -13.53
CA GLY A 31 0.13 -4.40 -14.52
C GLY A 31 1.56 -4.89 -14.26
N HIS A 32 2.07 -4.70 -13.06
CA HIS A 32 3.45 -5.16 -12.74
C HIS A 32 3.41 -6.15 -11.57
N GLU A 33 4.45 -6.95 -11.42
CA GLU A 33 4.46 -7.93 -10.29
C GLU A 33 5.00 -7.29 -9.02
N CYS A 34 4.26 -7.38 -7.94
CA CYS A 34 4.71 -6.79 -6.65
C CYS A 34 4.59 -7.82 -5.53
N LYS A 35 5.19 -7.56 -4.40
CA LYS A 35 5.10 -8.53 -3.28
C LYS A 35 4.64 -7.83 -2.00
N PHE A 36 3.41 -8.07 -1.61
CA PHE A 36 2.87 -7.44 -0.37
C PHE A 36 2.72 -8.52 0.70
N THR A 37 3.09 -8.24 1.93
CA THR A 37 2.98 -9.29 2.99
C THR A 37 2.66 -8.69 4.36
N VAL A 38 2.01 -9.45 5.22
CA VAL A 38 1.68 -8.97 6.59
C VAL A 38 2.23 -9.99 7.60
N LYS A 39 2.89 -9.54 8.65
CA LYS A 39 3.47 -10.49 9.64
C LYS A 39 3.20 -10.01 11.08
N PRO A 40 2.49 -10.83 11.82
CA PRO A 40 2.18 -10.51 13.24
C PRO A 40 3.38 -10.79 14.15
N TYR A 41 3.48 -10.11 15.26
CA TYR A 41 4.62 -10.35 16.19
C TYR A 41 4.14 -10.31 17.64
N LEU A 42 5.05 -10.31 18.57
CA LEU A 42 4.68 -10.27 20.01
C LEU A 42 5.75 -9.52 20.83
N LYS A 43 5.39 -9.07 22.00
CA LYS A 43 6.36 -8.35 22.87
C LYS A 43 6.34 -8.95 24.28
N ARG A 44 7.18 -8.46 25.16
CA ARG A 44 7.23 -8.99 26.56
C ARG A 44 5.82 -9.23 27.12
N PHE A 45 4.89 -8.35 26.81
CA PHE A 45 3.49 -8.50 27.30
C PHE A 45 2.52 -7.77 26.37
N GLN A 46 2.69 -7.93 25.07
CA GLN A 46 1.77 -7.24 24.10
C GLN A 46 1.84 -7.89 22.71
N VAL A 47 0.96 -7.49 21.82
CA VAL A 47 0.96 -8.05 20.44
C VAL A 47 1.15 -6.91 19.43
N TYR A 48 2.02 -7.07 18.48
CA TYR A 48 2.24 -5.99 17.46
C TYR A 48 2.17 -6.57 16.05
N TYR A 49 1.32 -6.03 15.21
CA TYR A 49 1.21 -6.54 13.82
C TYR A 49 2.01 -5.67 12.86
N LYS A 50 2.78 -6.26 11.99
CA LYS A 50 3.59 -5.46 11.03
C LYS A 50 3.25 -5.87 9.59
N GLY A 51 3.62 -5.06 8.64
CA GLY A 51 3.33 -5.40 7.22
C GLY A 51 4.31 -4.67 6.30
N ARG A 52 4.84 -5.37 5.32
CA ARG A 52 5.82 -4.73 4.40
C ARG A 52 5.55 -5.17 2.95
N MET A 53 5.75 -4.28 2.00
CA MET A 53 5.51 -4.64 0.58
C MET A 53 6.60 -4.03 -0.32
N TRP A 54 6.94 -4.70 -1.40
CA TRP A 54 7.98 -4.17 -2.32
C TRP A 54 7.73 -4.67 -3.75
N CYS A 55 8.06 -3.88 -4.74
CA CYS A 55 7.82 -4.30 -6.16
C CYS A 55 9.16 -4.52 -6.89
N PRO A 56 9.67 -5.73 -6.80
CA PRO A 56 10.94 -6.07 -7.47
C PRO A 56 10.72 -6.28 -8.98
N GLY A 57 10.71 -5.21 -9.74
CA GLY A 57 10.48 -5.33 -11.21
C GLY A 57 9.84 -4.03 -11.73
N TRP A 58 8.83 -3.55 -11.05
CA TRP A 58 8.16 -2.29 -11.49
C TRP A 58 9.07 -1.09 -11.23
N THR A 59 9.47 -0.89 -10.00
CA THR A 59 10.36 0.27 -9.68
C THR A 59 11.19 -0.05 -8.42
N ALA A 60 11.72 0.95 -7.77
CA ALA A 60 12.54 0.71 -6.55
C ALA A 60 11.89 1.40 -5.34
N ILE A 61 10.61 1.22 -5.16
CA ILE A 61 9.90 1.86 -4.01
C ILE A 61 9.20 0.78 -3.17
N ARG A 62 9.03 1.01 -1.89
CA ARG A 62 8.34 0.00 -1.03
C ARG A 62 7.40 0.69 -0.03
N GLY A 63 6.59 -0.09 0.63
CA GLY A 63 5.65 0.49 1.64
C GLY A 63 5.63 -0.40 2.88
N GLU A 64 5.83 0.19 4.03
CA GLU A 64 5.84 -0.60 5.29
C GLU A 64 4.77 -0.10 6.26
N ALA A 65 4.52 -0.84 7.31
CA ALA A 65 3.49 -0.41 8.30
C ALA A 65 3.58 -1.22 9.60
N SER A 66 3.10 -0.67 10.69
CA SER A 66 3.14 -1.41 12.00
C SER A 66 2.05 -0.87 12.94
N THR A 67 1.29 -1.75 13.54
CA THR A 67 0.21 -1.32 14.48
C THR A 67 -0.45 -2.56 15.13
N ARG A 68 -1.47 -2.36 15.93
CA ARG A 68 -2.15 -3.52 16.58
C ARG A 68 -3.16 -4.15 15.63
N SER A 69 -3.86 -3.34 14.88
CA SER A 69 -4.89 -3.88 13.92
C SER A 69 -4.19 -4.64 12.77
N GLN A 70 -4.72 -5.79 12.42
CA GLN A 70 -4.11 -6.58 11.31
C GLN A 70 -4.47 -5.97 9.94
N SER A 71 -5.66 -5.42 9.80
CA SER A 71 -6.06 -4.79 8.51
C SER A 71 -5.49 -3.37 8.42
N GLY A 72 -5.40 -2.68 9.53
CA GLY A 72 -4.86 -1.29 9.52
C GLY A 72 -3.42 -1.31 8.99
N VAL A 73 -2.65 -2.32 9.32
CA VAL A 73 -1.25 -2.37 8.82
C VAL A 73 -1.24 -2.64 7.30
N ALA A 74 -2.17 -3.42 6.81
CA ALA A 74 -2.21 -3.70 5.34
C ALA A 74 -2.52 -2.41 4.57
N GLY A 75 -3.44 -1.61 5.08
CA GLY A 75 -3.77 -0.33 4.39
C GLY A 75 -2.57 0.60 4.45
N LYS A 76 -1.88 0.62 5.57
CA LYS A 76 -0.68 1.50 5.70
C LYS A 76 0.45 1.01 4.78
N THR A 77 0.69 -0.27 4.71
CA THR A 77 1.77 -0.79 3.83
C THR A 77 1.48 -0.38 2.37
N ALA A 78 0.23 -0.38 1.99
CA ALA A 78 -0.12 0.03 0.60
C ALA A 78 -0.13 1.56 0.49
N LYS A 79 -0.50 2.25 1.55
CA LYS A 79 -0.52 3.74 1.52
C LYS A 79 0.92 4.29 1.61
N ASP A 80 1.77 3.63 2.34
CA ASP A 80 3.19 4.10 2.45
C ASP A 80 3.89 3.95 1.10
N PHE A 81 3.64 2.88 0.39
CA PHE A 81 4.27 2.70 -0.95
C PHE A 81 3.66 3.71 -1.93
N VAL A 82 2.38 3.94 -1.82
CA VAL A 82 1.71 4.92 -2.74
C VAL A 82 2.23 6.33 -2.45
N ARG A 83 2.44 6.66 -1.19
CA ARG A 83 2.96 8.01 -0.86
C ARG A 83 4.34 8.21 -1.50
N LYS A 84 5.19 7.22 -1.40
CA LYS A 84 6.54 7.34 -2.02
C LYS A 84 6.41 7.31 -3.56
N ALA A 85 5.49 6.53 -4.06
CA ALA A 85 5.28 6.45 -5.53
C ALA A 85 4.66 7.77 -6.03
N PHE A 86 3.77 8.34 -5.25
CA PHE A 86 3.14 9.63 -5.66
C PHE A 86 4.20 10.73 -5.73
N GLN A 87 5.11 10.77 -4.78
CA GLN A 87 6.17 11.81 -4.78
C GLN A 87 7.17 11.58 -5.94
N LYS A 88 7.43 10.34 -6.28
CA LYS A 88 8.38 10.04 -7.40
C LYS A 88 7.71 10.34 -8.75
N GLY A 89 6.54 9.78 -8.97
CA GLY A 89 5.83 10.02 -10.25
C GLY A 89 5.43 8.68 -10.88
N LEU A 90 4.76 7.83 -10.14
CA LEU A 90 4.34 6.51 -10.70
C LEU A 90 2.81 6.44 -10.78
N ILE A 91 2.12 6.77 -9.71
CA ILE A 91 0.63 6.71 -9.72
C ILE A 91 0.05 8.12 -9.85
N SER A 92 -0.25 8.55 -11.05
CA SER A 92 -0.83 9.92 -11.25
C SER A 92 -2.32 9.91 -10.89
N GLN A 93 -2.97 11.04 -10.97
CA GLN A 93 -4.43 11.09 -10.62
C GLN A 93 -5.25 10.26 -11.62
N GLN A 94 -5.17 10.57 -12.89
CA GLN A 94 -5.94 9.78 -13.90
C GLN A 94 -5.46 8.33 -13.92
N GLU A 95 -4.18 8.11 -13.72
CA GLU A 95 -3.67 6.71 -13.70
C GLU A 95 -4.16 6.00 -12.45
N ALA A 96 -4.33 6.72 -11.35
CA ALA A 96 -4.83 6.08 -10.10
C ALA A 96 -6.22 5.50 -10.35
N ASN A 97 -7.06 6.20 -11.08
CA ASN A 97 -8.42 5.66 -11.38
C ASN A 97 -8.26 4.39 -12.22
N GLN A 98 -7.42 4.44 -13.23
CA GLN A 98 -7.19 3.22 -14.07
C GLN A 98 -6.51 2.15 -13.20
N TRP A 99 -5.61 2.58 -12.34
CA TRP A 99 -4.90 1.63 -11.43
C TRP A 99 -5.89 0.98 -10.47
N LEU A 100 -6.84 1.74 -9.98
CA LEU A 100 -7.85 1.18 -9.04
C LEU A 100 -8.74 0.15 -9.77
N SER A 101 -9.08 0.42 -11.00
CA SER A 101 -9.93 -0.55 -11.77
C SER A 101 -9.09 -1.75 -12.21
N SER A 102 -7.91 -1.52 -12.73
CA SER A 102 -7.03 -2.65 -13.17
C SER A 102 -5.71 -2.64 -12.41
N GLU A 1 -3.61 7.29 12.18
CA GLU A 1 -3.90 8.24 11.06
C GLU A 1 -5.37 8.12 10.65
N ALA A 2 -6.09 9.22 10.65
CA ALA A 2 -7.53 9.20 10.27
C ALA A 2 -7.95 10.56 9.69
N TYR A 3 -7.15 11.13 8.83
CA TYR A 3 -7.49 12.45 8.23
C TYR A 3 -6.63 12.71 6.98
N VAL A 4 -7.25 13.02 5.88
CA VAL A 4 -6.48 13.27 4.62
C VAL A 4 -6.75 14.69 4.09
N GLN A 5 -5.89 15.21 3.25
CA GLN A 5 -6.11 16.57 2.71
C GLN A 5 -6.66 16.49 1.28
N GLY A 6 -6.09 15.65 0.44
CA GLY A 6 -6.58 15.51 -0.95
C GLY A 6 -5.95 14.28 -1.59
N TRP A 7 -4.66 14.31 -1.83
CA TRP A 7 -3.98 13.13 -2.45
C TRP A 7 -3.93 11.96 -1.46
N GLU A 8 -3.93 12.24 -0.17
CA GLU A 8 -3.90 11.14 0.84
C GLU A 8 -5.13 10.25 0.66
N ALA A 9 -6.26 10.83 0.30
CA ALA A 9 -7.49 10.01 0.08
C ALA A 9 -7.30 9.12 -1.15
N VAL A 10 -6.68 9.64 -2.19
CA VAL A 10 -6.44 8.81 -3.41
C VAL A 10 -5.50 7.65 -3.04
N ALA A 11 -4.51 7.92 -2.21
CA ALA A 11 -3.57 6.85 -1.80
C ALA A 11 -4.34 5.79 -1.01
N ALA A 12 -5.23 6.20 -0.14
CA ALA A 12 -6.04 5.23 0.66
C ALA A 12 -6.84 4.34 -0.28
N ALA A 13 -7.42 4.91 -1.32
CA ALA A 13 -8.20 4.08 -2.29
C ALA A 13 -7.28 3.06 -2.95
N VAL A 14 -6.09 3.48 -3.33
CA VAL A 14 -5.12 2.53 -3.96
C VAL A 14 -4.70 1.48 -2.93
N ALA A 15 -4.48 1.89 -1.70
CA ALA A 15 -4.10 0.91 -0.64
C ALA A 15 -5.26 -0.06 -0.39
N SER A 16 -6.48 0.43 -0.42
CA SER A 16 -7.66 -0.46 -0.22
C SER A 16 -7.72 -1.50 -1.36
N LYS A 17 -7.40 -1.08 -2.56
CA LYS A 17 -7.43 -2.03 -3.71
C LYS A 17 -6.32 -3.08 -3.54
N ILE A 18 -5.21 -2.69 -2.93
CA ILE A 18 -4.10 -3.66 -2.71
C ILE A 18 -4.59 -4.80 -1.82
N VAL A 19 -5.23 -4.48 -0.71
CA VAL A 19 -5.75 -5.54 0.21
C VAL A 19 -6.78 -6.40 -0.52
N GLY A 20 -7.62 -5.78 -1.33
CA GLY A 20 -8.65 -6.55 -2.08
C GLY A 20 -7.99 -7.50 -3.09
N LEU A 21 -6.87 -7.10 -3.65
CA LEU A 21 -6.17 -7.97 -4.64
C LEU A 21 -4.84 -8.48 -4.06
N TRP A 22 -4.80 -8.78 -2.78
CA TRP A 22 -3.53 -9.26 -2.16
C TRP A 22 -3.56 -10.78 -1.96
N ARG A 23 -2.46 -11.43 -2.27
CA ARG A 23 -2.37 -12.91 -2.08
C ARG A 23 -1.61 -13.18 -0.77
N ASN A 24 -1.18 -14.40 -0.55
CA ASN A 24 -0.43 -14.70 0.71
C ASN A 24 0.72 -13.70 0.90
N GLU A 25 1.40 -13.35 -0.17
CA GLU A 25 2.53 -12.36 -0.05
C GLU A 25 2.81 -11.72 -1.42
N LYS A 26 1.79 -11.50 -2.22
CA LYS A 26 2.01 -10.88 -3.57
C LYS A 26 0.74 -10.15 -4.05
N THR A 27 0.90 -9.02 -4.68
CA THR A 27 -0.29 -8.26 -5.20
C THR A 27 0.09 -7.57 -6.51
N GLU A 28 -0.90 -7.25 -7.32
CA GLU A 28 -0.59 -6.59 -8.63
C GLU A 28 -0.85 -5.08 -8.56
N LEU A 29 0.15 -4.29 -8.85
CA LEU A 29 -0.04 -2.80 -8.83
C LEU A 29 -0.03 -2.27 -10.27
N LEU A 30 -1.12 -1.71 -10.71
CA LEU A 30 -1.22 -1.16 -12.10
C LEU A 30 -0.95 -2.27 -13.14
N GLY A 31 -1.29 -3.50 -12.82
CA GLY A 31 -1.06 -4.63 -13.78
C GLY A 31 0.36 -5.23 -13.58
N HIS A 32 1.19 -4.61 -12.78
CA HIS A 32 2.57 -5.15 -12.55
C HIS A 32 2.57 -6.11 -11.36
N GLU A 33 3.60 -6.90 -11.24
CA GLU A 33 3.67 -7.86 -10.09
C GLU A 33 4.44 -7.22 -8.92
N CYS A 34 3.85 -7.24 -7.75
CA CYS A 34 4.53 -6.64 -6.55
C CYS A 34 4.56 -7.67 -5.41
N LYS A 35 5.28 -7.36 -4.36
CA LYS A 35 5.35 -8.30 -3.21
C LYS A 35 4.90 -7.60 -1.92
N PHE A 36 3.68 -7.83 -1.51
CA PHE A 36 3.16 -7.20 -0.26
C PHE A 36 2.92 -8.29 0.78
N THR A 37 3.33 -8.05 2.01
CA THR A 37 3.13 -9.09 3.07
C THR A 37 2.95 -8.43 4.44
N VAL A 38 2.58 -9.22 5.42
CA VAL A 38 2.37 -8.68 6.81
C VAL A 38 3.16 -9.54 7.82
N LYS A 39 3.85 -8.91 8.75
CA LYS A 39 4.65 -9.68 9.74
C LYS A 39 4.40 -9.15 11.17
N PRO A 40 3.38 -9.67 11.80
CA PRO A 40 3.04 -9.25 13.18
C PRO A 40 3.96 -9.95 14.20
N TYR A 41 4.08 -9.40 15.38
CA TYR A 41 4.95 -10.04 16.43
C TYR A 41 4.13 -10.31 17.69
N LEU A 42 4.77 -10.85 18.69
CA LEU A 42 4.06 -11.16 19.97
C LEU A 42 5.01 -11.02 21.17
N LYS A 43 4.50 -10.61 22.29
CA LYS A 43 5.35 -10.44 23.51
C LYS A 43 4.64 -11.07 24.71
N ARG A 44 5.29 -11.07 25.86
CA ARG A 44 4.67 -11.66 27.10
C ARG A 44 3.20 -11.28 27.23
N PHE A 45 2.85 -10.05 26.90
CA PHE A 45 1.43 -9.61 27.00
C PHE A 45 1.12 -8.50 25.99
N GLN A 46 1.80 -8.49 24.86
CA GLN A 46 1.54 -7.42 23.84
C GLN A 46 1.68 -8.00 22.42
N VAL A 47 0.77 -7.66 21.54
CA VAL A 47 0.86 -8.17 20.14
C VAL A 47 1.10 -7.00 19.19
N TYR A 48 2.21 -7.00 18.49
CA TYR A 48 2.50 -5.88 17.54
C TYR A 48 2.14 -6.30 16.11
N TYR A 49 1.84 -5.35 15.27
CA TYR A 49 1.47 -5.68 13.85
C TYR A 49 2.33 -4.87 12.88
N LYS A 50 2.95 -5.53 11.93
CA LYS A 50 3.80 -4.79 10.95
C LYS A 50 3.53 -5.30 9.53
N GLY A 51 3.82 -4.50 8.54
CA GLY A 51 3.58 -4.93 7.14
C GLY A 51 4.62 -4.28 6.22
N ARG A 52 5.00 -4.97 5.17
CA ARG A 52 6.01 -4.40 4.22
C ARG A 52 5.66 -4.79 2.78
N MET A 53 5.88 -3.91 1.83
CA MET A 53 5.56 -4.25 0.41
C MET A 53 6.52 -3.54 -0.55
N TRP A 54 6.77 -4.15 -1.68
CA TRP A 54 7.70 -3.54 -2.69
C TRP A 54 7.51 -4.21 -4.06
N CYS A 55 7.79 -3.51 -5.12
CA CYS A 55 7.62 -4.11 -6.48
C CYS A 55 8.99 -4.31 -7.15
N PRO A 56 9.55 -5.48 -6.98
CA PRO A 56 10.86 -5.81 -7.58
C PRO A 56 10.70 -6.04 -9.10
N GLY A 57 10.80 -4.99 -9.88
CA GLY A 57 10.65 -5.14 -11.35
C GLY A 57 9.98 -3.89 -11.92
N TRP A 58 8.92 -3.43 -11.31
CA TRP A 58 8.23 -2.20 -11.81
C TRP A 58 9.08 -0.96 -11.55
N THR A 59 9.53 -0.79 -10.32
CA THR A 59 10.37 0.38 -9.97
C THR A 59 11.31 0.04 -8.80
N ALA A 60 11.96 1.01 -8.25
CA ALA A 60 12.89 0.75 -7.11
C ALA A 60 12.43 1.50 -5.86
N ILE A 61 11.25 1.19 -5.37
CA ILE A 61 10.73 1.88 -4.15
C ILE A 61 10.06 0.85 -3.22
N ARG A 62 10.08 1.10 -1.94
CA ARG A 62 9.45 0.15 -0.97
C ARG A 62 8.59 0.90 0.05
N GLY A 63 7.63 0.23 0.62
CA GLY A 63 6.75 0.89 1.63
C GLY A 63 6.51 -0.07 2.80
N GLU A 64 6.29 0.46 3.98
CA GLU A 64 6.06 -0.42 5.16
C GLU A 64 5.27 0.33 6.25
N ALA A 65 4.64 -0.40 7.13
CA ALA A 65 3.83 0.26 8.21
C ALA A 65 3.88 -0.58 9.50
N SER A 66 3.82 0.06 10.64
CA SER A 66 3.85 -0.68 11.93
C SER A 66 2.83 -0.09 12.91
N THR A 67 2.14 -0.93 13.64
CA THR A 67 1.12 -0.46 14.63
C THR A 67 0.46 -1.66 15.33
N ARG A 68 -0.66 -1.46 15.96
CA ARG A 68 -1.36 -2.58 16.66
C ARG A 68 -2.52 -3.11 15.79
N SER A 69 -3.04 -2.30 14.90
CA SER A 69 -4.17 -2.76 14.02
C SER A 69 -3.72 -3.94 13.14
N GLN A 70 -4.65 -4.77 12.74
CA GLN A 70 -4.29 -5.94 11.89
C GLN A 70 -4.45 -5.59 10.40
N SER A 71 -5.62 -5.16 10.00
CA SER A 71 -5.85 -4.78 8.57
C SER A 71 -5.33 -3.38 8.30
N GLY A 72 -5.34 -2.51 9.29
CA GLY A 72 -4.85 -1.11 9.10
C GLY A 72 -3.38 -1.12 8.65
N VAL A 73 -2.55 -1.91 9.28
CA VAL A 73 -1.11 -1.95 8.90
C VAL A 73 -0.96 -2.35 7.42
N ALA A 74 -1.77 -3.27 6.95
CA ALA A 74 -1.67 -3.69 5.52
C ALA A 74 -2.04 -2.51 4.61
N GLY A 75 -3.13 -1.84 4.90
CA GLY A 75 -3.53 -0.67 4.07
C GLY A 75 -2.46 0.41 4.19
N LYS A 76 -1.93 0.60 5.37
CA LYS A 76 -0.86 1.63 5.56
C LYS A 76 0.38 1.28 4.74
N THR A 77 0.76 0.02 4.70
CA THR A 77 1.96 -0.38 3.91
C THR A 77 1.73 -0.09 2.42
N ALA A 78 0.54 -0.36 1.94
CA ALA A 78 0.24 -0.09 0.50
C ALA A 78 0.01 1.41 0.29
N LYS A 79 -0.61 2.06 1.25
CA LYS A 79 -0.87 3.53 1.11
C LYS A 79 0.45 4.31 1.20
N ASP A 80 1.35 3.88 2.06
CA ASP A 80 2.66 4.59 2.18
C ASP A 80 3.48 4.36 0.91
N PHE A 81 3.37 3.19 0.32
CA PHE A 81 4.12 2.89 -0.93
C PHE A 81 3.58 3.77 -2.07
N VAL A 82 2.28 3.94 -2.15
CA VAL A 82 1.69 4.80 -3.22
C VAL A 82 2.14 6.25 -3.04
N ARG A 83 2.22 6.71 -1.81
CA ARG A 83 2.67 8.12 -1.58
C ARG A 83 4.13 8.28 -2.04
N LYS A 84 4.96 7.29 -1.80
CA LYS A 84 6.38 7.39 -2.26
C LYS A 84 6.44 7.32 -3.79
N ALA A 85 5.55 6.56 -4.38
CA ALA A 85 5.53 6.48 -5.88
C ALA A 85 4.89 7.75 -6.45
N PHE A 86 4.02 8.37 -5.69
CA PHE A 86 3.36 9.63 -6.15
C PHE A 86 4.37 10.77 -6.17
N GLN A 87 5.22 10.87 -5.16
CA GLN A 87 6.23 11.98 -5.14
C GLN A 87 7.27 11.80 -6.24
N LYS A 88 7.64 10.58 -6.55
CA LYS A 88 8.64 10.33 -7.63
C LYS A 88 7.99 10.55 -9.00
N GLY A 89 6.91 9.87 -9.28
CA GLY A 89 6.23 10.04 -10.58
C GLY A 89 5.83 8.68 -11.16
N LEU A 90 5.14 7.87 -10.38
CA LEU A 90 4.70 6.53 -10.89
C LEU A 90 3.18 6.44 -10.88
N ILE A 91 2.58 6.54 -9.71
CA ILE A 91 1.09 6.46 -9.63
C ILE A 91 0.51 7.86 -9.80
N SER A 92 0.49 8.36 -11.01
CA SER A 92 -0.06 9.72 -11.27
C SER A 92 -1.55 9.78 -10.91
N GLN A 93 -2.16 10.93 -11.06
CA GLN A 93 -3.62 11.06 -10.74
C GLN A 93 -4.45 10.13 -11.63
N GLN A 94 -4.30 10.25 -12.93
CA GLN A 94 -5.07 9.37 -13.86
C GLN A 94 -4.61 7.92 -13.75
N GLU A 95 -3.36 7.69 -13.40
CA GLU A 95 -2.85 6.29 -13.26
C GLU A 95 -3.59 5.57 -12.13
N ALA A 96 -3.76 6.21 -11.00
CA ALA A 96 -4.48 5.57 -9.88
C ALA A 96 -5.94 5.34 -10.26
N ASN A 97 -6.52 6.26 -10.99
CA ASN A 97 -7.95 6.09 -11.42
C ASN A 97 -8.06 4.92 -12.41
N GLN A 98 -7.09 4.75 -13.27
CA GLN A 98 -7.14 3.63 -14.25
C GLN A 98 -7.06 2.29 -13.51
N TRP A 99 -6.22 2.18 -12.52
CA TRP A 99 -6.12 0.91 -11.74
C TRP A 99 -7.42 0.69 -10.97
N LEU A 100 -7.96 1.74 -10.38
CA LEU A 100 -9.24 1.61 -9.62
C LEU A 100 -10.34 1.04 -10.54
N SER A 101 -10.35 1.44 -11.78
CA SER A 101 -11.36 0.91 -12.73
C SER A 101 -10.97 -0.51 -13.17
N SER A 102 -9.70 -0.71 -13.47
CA SER A 102 -9.22 -2.05 -13.90
C SER A 102 -7.84 -2.34 -13.30
N GLU A 1 -6.63 26.90 -0.71
CA GLU A 1 -6.25 25.57 -1.29
C GLU A 1 -4.92 25.08 -0.70
N ALA A 2 -4.94 24.65 0.54
CA ALA A 2 -3.70 24.16 1.19
C ALA A 2 -4.02 23.13 2.28
N TYR A 3 -3.02 22.47 2.81
CA TYR A 3 -3.22 21.43 3.89
C TYR A 3 -3.94 20.19 3.33
N VAL A 4 -5.18 20.33 2.93
CA VAL A 4 -5.93 19.15 2.38
C VAL A 4 -5.54 18.94 0.91
N GLN A 5 -5.34 17.70 0.51
CA GLN A 5 -4.95 17.42 -0.91
C GLN A 5 -5.67 16.17 -1.44
N GLY A 6 -5.91 16.12 -2.73
CA GLY A 6 -6.61 14.94 -3.32
C GLY A 6 -5.62 13.79 -3.55
N TRP A 7 -4.34 14.10 -3.65
CA TRP A 7 -3.33 13.01 -3.88
C TRP A 7 -3.36 12.00 -2.74
N GLU A 8 -3.39 12.47 -1.50
CA GLU A 8 -3.42 11.52 -0.34
C GLU A 8 -4.68 10.66 -0.40
N ALA A 9 -5.79 11.24 -0.79
CA ALA A 9 -7.06 10.45 -0.89
C ALA A 9 -6.91 9.38 -1.97
N VAL A 10 -6.28 9.73 -3.08
CA VAL A 10 -6.08 8.72 -4.18
C VAL A 10 -5.16 7.60 -3.66
N ALA A 11 -4.16 7.95 -2.91
CA ALA A 11 -3.23 6.92 -2.35
C ALA A 11 -3.98 5.99 -1.41
N ALA A 12 -4.89 6.53 -0.61
CA ALA A 12 -5.69 5.67 0.32
C ALA A 12 -6.54 4.69 -0.49
N ALA A 13 -7.13 5.15 -1.57
CA ALA A 13 -7.97 4.25 -2.41
C ALA A 13 -7.09 3.14 -3.00
N VAL A 14 -5.90 3.48 -3.44
CA VAL A 14 -4.98 2.45 -4.01
C VAL A 14 -4.63 1.42 -2.93
N ALA A 15 -4.39 1.88 -1.71
CA ALA A 15 -4.07 0.94 -0.61
C ALA A 15 -5.27 0.02 -0.35
N SER A 16 -6.47 0.56 -0.42
CA SER A 16 -7.68 -0.28 -0.21
C SER A 16 -7.76 -1.37 -1.28
N LYS A 17 -7.46 -1.04 -2.51
CA LYS A 17 -7.50 -2.05 -3.60
C LYS A 17 -6.42 -3.12 -3.36
N ILE A 18 -5.31 -2.75 -2.78
CA ILE A 18 -4.23 -3.75 -2.50
C ILE A 18 -4.73 -4.78 -1.49
N VAL A 19 -5.36 -4.34 -0.42
CA VAL A 19 -5.88 -5.28 0.60
C VAL A 19 -6.93 -6.22 -0.02
N GLY A 20 -7.79 -5.70 -0.86
CA GLY A 20 -8.84 -6.55 -1.50
C GLY A 20 -8.23 -7.44 -2.62
N LEU A 21 -7.08 -7.09 -3.15
CA LEU A 21 -6.48 -7.91 -4.25
C LEU A 21 -5.10 -8.48 -3.86
N TRP A 22 -4.80 -8.57 -2.59
CA TRP A 22 -3.47 -9.12 -2.17
C TRP A 22 -3.58 -10.64 -1.97
N ARG A 23 -2.60 -11.38 -2.41
CA ARG A 23 -2.62 -12.87 -2.24
C ARG A 23 -1.79 -13.25 -1.02
N ASN A 24 -1.51 -14.52 -0.83
CA ASN A 24 -0.68 -14.94 0.36
C ASN A 24 0.54 -14.03 0.52
N GLU A 25 1.21 -13.73 -0.58
CA GLU A 25 2.41 -12.83 -0.52
C GLU A 25 2.69 -12.19 -1.89
N LYS A 26 1.66 -11.92 -2.66
CA LYS A 26 1.90 -11.31 -4.01
C LYS A 26 0.81 -10.26 -4.32
N THR A 27 1.14 -9.30 -5.14
CA THR A 27 0.16 -8.24 -5.51
C THR A 27 0.55 -7.64 -6.88
N GLU A 28 -0.34 -6.89 -7.48
CA GLU A 28 -0.02 -6.28 -8.82
C GLU A 28 -0.48 -4.82 -8.85
N LEU A 29 0.44 -3.90 -9.05
CA LEU A 29 0.06 -2.46 -9.08
C LEU A 29 0.16 -1.91 -10.51
N LEU A 30 -0.94 -1.42 -11.04
CA LEU A 30 -0.94 -0.85 -12.44
C LEU A 30 -0.44 -1.90 -13.45
N GLY A 31 -0.69 -3.17 -13.19
CA GLY A 31 -0.24 -4.23 -14.12
C GLY A 31 1.19 -4.67 -13.80
N HIS A 32 1.89 -3.94 -12.96
CA HIS A 32 3.29 -4.32 -12.60
C HIS A 32 3.27 -5.35 -11.47
N GLU A 33 4.15 -6.32 -11.53
CA GLU A 33 4.20 -7.35 -10.45
C GLU A 33 4.77 -6.75 -9.16
N CYS A 34 4.15 -7.04 -8.05
CA CYS A 34 4.64 -6.50 -6.74
C CYS A 34 4.55 -7.59 -5.67
N LYS A 35 5.15 -7.33 -4.54
CA LYS A 35 5.12 -8.34 -3.43
C LYS A 35 4.69 -7.66 -2.13
N PHE A 36 3.61 -8.13 -1.55
CA PHE A 36 3.12 -7.52 -0.28
C PHE A 36 3.10 -8.59 0.82
N THR A 37 3.54 -8.27 2.01
CA THR A 37 3.55 -9.30 3.10
C THR A 37 3.13 -8.69 4.45
N VAL A 38 2.54 -9.50 5.30
CA VAL A 38 2.11 -9.00 6.65
C VAL A 38 2.57 -10.01 7.72
N LYS A 39 3.23 -9.54 8.75
CA LYS A 39 3.71 -10.47 9.81
C LYS A 39 3.59 -9.83 11.20
N PRO A 40 2.78 -10.44 12.04
CA PRO A 40 2.58 -9.92 13.42
C PRO A 40 3.78 -10.31 14.29
N TYR A 41 4.01 -9.59 15.37
CA TYR A 41 5.14 -9.90 16.27
C TYR A 41 4.67 -9.94 17.72
N LEU A 42 5.60 -9.99 18.64
CA LEU A 42 5.22 -10.04 20.09
C LEU A 42 6.15 -9.15 20.91
N LYS A 43 5.61 -8.53 21.93
CA LYS A 43 6.41 -7.65 22.82
C LYS A 43 6.45 -8.26 24.22
N ARG A 44 7.17 -7.63 25.13
CA ARG A 44 7.26 -8.14 26.54
C ARG A 44 5.89 -8.66 27.03
N PHE A 45 4.83 -7.98 26.69
CA PHE A 45 3.48 -8.43 27.13
C PHE A 45 2.40 -7.83 26.20
N GLN A 46 2.60 -7.91 24.90
CA GLN A 46 1.58 -7.35 23.96
C GLN A 46 1.76 -7.91 22.54
N VAL A 47 0.70 -8.01 21.79
CA VAL A 47 0.79 -8.52 20.38
C VAL A 47 0.81 -7.34 19.41
N TYR A 48 1.65 -7.36 18.42
CA TYR A 48 1.72 -6.22 17.45
C TYR A 48 1.53 -6.72 16.01
N TYR A 49 1.16 -5.84 15.12
CA TYR A 49 0.96 -6.24 13.71
C TYR A 49 1.82 -5.37 12.78
N LYS A 50 2.54 -5.99 11.88
CA LYS A 50 3.42 -5.21 10.95
C LYS A 50 3.27 -5.73 9.52
N GLY A 51 3.59 -4.90 8.55
CA GLY A 51 3.47 -5.34 7.13
C GLY A 51 4.47 -4.58 6.26
N ARG A 52 4.98 -5.23 5.24
CA ARG A 52 5.97 -4.58 4.33
C ARG A 52 5.69 -4.98 2.87
N MET A 53 5.92 -4.09 1.94
CA MET A 53 5.66 -4.45 0.51
C MET A 53 6.70 -3.80 -0.42
N TRP A 54 6.96 -4.43 -1.53
CA TRP A 54 7.96 -3.87 -2.50
C TRP A 54 7.67 -4.40 -3.92
N CYS A 55 8.01 -3.63 -4.93
CA CYS A 55 7.74 -4.07 -6.33
C CYS A 55 9.05 -4.32 -7.09
N PRO A 56 9.52 -5.54 -7.01
CA PRO A 56 10.77 -5.92 -7.71
C PRO A 56 10.50 -6.15 -9.20
N GLY A 57 10.51 -5.09 -9.98
CA GLY A 57 10.25 -5.22 -11.44
C GLY A 57 9.81 -3.87 -12.01
N TRP A 58 8.88 -3.21 -11.36
CA TRP A 58 8.42 -1.88 -11.87
C TRP A 58 9.45 -0.79 -11.54
N THR A 59 9.81 -0.66 -10.29
CA THR A 59 10.80 0.38 -9.89
C THR A 59 11.53 -0.06 -8.60
N ALA A 60 12.15 0.87 -7.92
CA ALA A 60 12.88 0.52 -6.67
C ALA A 60 12.28 1.26 -5.47
N ILE A 61 10.97 1.21 -5.34
CA ILE A 61 10.30 1.90 -4.19
C ILE A 61 9.58 0.87 -3.32
N ARG A 62 9.52 1.11 -2.03
CA ARG A 62 8.83 0.14 -1.13
C ARG A 62 7.98 0.87 -0.09
N GLY A 63 7.04 0.18 0.51
CA GLY A 63 6.16 0.81 1.53
C GLY A 63 6.02 -0.11 2.74
N GLU A 64 6.19 0.41 3.92
CA GLU A 64 6.08 -0.40 5.15
C GLU A 64 5.08 0.24 6.12
N ALA A 65 4.55 -0.52 7.05
CA ALA A 65 3.58 0.07 8.03
C ALA A 65 3.25 -0.94 9.15
N SER A 66 2.90 -0.45 10.31
CA SER A 66 2.56 -1.36 11.45
C SER A 66 1.43 -0.76 12.29
N THR A 67 0.53 -1.58 12.78
CA THR A 67 -0.60 -1.06 13.63
C THR A 67 -1.41 -2.23 14.22
N ARG A 68 -2.08 -2.00 15.32
CA ARG A 68 -2.88 -3.09 15.98
C ARG A 68 -3.92 -3.68 15.01
N SER A 69 -4.50 -2.85 14.16
CA SER A 69 -5.53 -3.37 13.20
C SER A 69 -4.91 -4.41 12.26
N GLN A 70 -5.59 -5.50 12.04
CA GLN A 70 -5.05 -6.56 11.12
C GLN A 70 -5.08 -6.06 9.67
N SER A 71 -6.26 -5.76 9.16
CA SER A 71 -6.35 -5.26 7.76
C SER A 71 -5.83 -3.81 7.68
N GLY A 72 -5.95 -3.07 8.77
CA GLY A 72 -5.46 -1.65 8.78
C GLY A 72 -3.97 -1.61 8.45
N VAL A 73 -3.21 -2.56 8.96
CA VAL A 73 -1.74 -2.57 8.66
C VAL A 73 -1.51 -2.82 7.17
N ALA A 74 -2.34 -3.65 6.56
CA ALA A 74 -2.18 -3.93 5.09
C ALA A 74 -2.48 -2.67 4.28
N GLY A 75 -3.48 -1.92 4.67
CA GLY A 75 -3.80 -0.66 3.93
C GLY A 75 -2.69 0.36 4.16
N LYS A 76 -2.10 0.36 5.32
CA LYS A 76 -1.00 1.32 5.62
C LYS A 76 0.26 0.95 4.82
N THR A 77 0.58 -0.32 4.74
CA THR A 77 1.80 -0.74 3.96
C THR A 77 1.60 -0.37 2.49
N ALA A 78 0.42 -0.55 1.97
CA ALA A 78 0.16 -0.19 0.55
C ALA A 78 0.09 1.33 0.40
N LYS A 79 -0.46 2.01 1.38
CA LYS A 79 -0.54 3.49 1.32
C LYS A 79 0.86 4.09 1.41
N ASP A 80 1.71 3.52 2.22
CA ASP A 80 3.10 4.05 2.35
C ASP A 80 3.84 3.90 1.02
N PHE A 81 3.68 2.79 0.35
CA PHE A 81 4.37 2.61 -0.97
C PHE A 81 3.81 3.60 -2.00
N VAL A 82 2.52 3.82 -2.00
CA VAL A 82 1.93 4.79 -2.97
C VAL A 82 2.41 6.21 -2.66
N ARG A 83 2.57 6.53 -1.40
CA ARG A 83 3.06 7.89 -1.03
C ARG A 83 4.51 8.08 -1.50
N LYS A 84 5.33 7.07 -1.35
CA LYS A 84 6.75 7.18 -1.80
C LYS A 84 6.81 7.25 -3.33
N ALA A 85 5.95 6.52 -4.00
CA ALA A 85 5.95 6.57 -5.49
C ALA A 85 5.45 7.93 -5.99
N PHE A 86 4.52 8.53 -5.29
CA PHE A 86 4.01 9.87 -5.70
C PHE A 86 5.09 10.94 -5.45
N GLN A 87 5.84 10.80 -4.38
CA GLN A 87 6.92 11.79 -4.07
C GLN A 87 7.99 11.78 -5.18
N LYS A 88 8.17 10.65 -5.83
CA LYS A 88 9.19 10.57 -6.92
C LYS A 88 8.54 10.86 -8.28
N GLY A 89 7.52 10.14 -8.63
CA GLY A 89 6.84 10.38 -9.95
C GLY A 89 6.54 9.05 -10.63
N LEU A 90 5.81 8.17 -9.97
CA LEU A 90 5.47 6.86 -10.58
C LEU A 90 3.96 6.62 -10.58
N ILE A 91 3.30 6.88 -9.48
CA ILE A 91 1.83 6.69 -9.41
C ILE A 91 1.12 8.03 -9.65
N SER A 92 0.43 8.15 -10.76
CA SER A 92 -0.29 9.43 -11.07
C SER A 92 -1.73 9.37 -10.54
N GLN A 93 -2.36 10.50 -10.41
CA GLN A 93 -3.77 10.53 -9.91
C GLN A 93 -4.70 9.77 -10.87
N GLN A 94 -4.68 10.14 -12.13
CA GLN A 94 -5.57 9.45 -13.12
C GLN A 94 -5.22 7.96 -13.22
N GLU A 95 -3.95 7.62 -13.25
CA GLU A 95 -3.55 6.18 -13.33
C GLU A 95 -4.11 5.41 -12.14
N ALA A 96 -4.06 5.98 -10.96
CA ALA A 96 -4.60 5.28 -9.77
C ALA A 96 -6.11 5.07 -9.93
N ASN A 97 -6.80 6.05 -10.46
CA ASN A 97 -8.28 5.90 -10.66
C ASN A 97 -8.56 4.79 -11.67
N GLN A 98 -7.76 4.69 -12.71
CA GLN A 98 -7.96 3.61 -13.73
C GLN A 98 -7.76 2.24 -13.07
N TRP A 99 -6.77 2.12 -12.21
CA TRP A 99 -6.53 0.82 -11.53
C TRP A 99 -7.67 0.53 -10.55
N LEU A 100 -8.19 1.54 -9.91
CA LEU A 100 -9.32 1.34 -8.94
C LEU A 100 -10.59 0.89 -9.68
N SER A 101 -10.76 1.31 -10.91
CA SER A 101 -11.97 0.90 -11.69
C SER A 101 -12.10 -0.63 -11.74
N SER A 102 -11.01 -1.32 -11.93
CA SER A 102 -11.06 -2.82 -11.99
C SER A 102 -9.70 -3.41 -11.60
N GLU A 1 -6.77 29.04 1.32
CA GLU A 1 -6.57 27.61 1.67
C GLU A 1 -6.89 26.71 0.48
N ALA A 2 -8.09 26.78 -0.05
CA ALA A 2 -8.49 25.94 -1.23
C ALA A 2 -8.31 24.45 -0.90
N TYR A 3 -8.12 23.62 -1.89
CA TYR A 3 -7.94 22.15 -1.63
C TYR A 3 -6.62 21.90 -0.90
N VAL A 4 -6.63 20.99 0.05
CA VAL A 4 -5.36 20.69 0.80
C VAL A 4 -4.92 19.24 0.57
N GLN A 5 -5.81 18.28 0.73
CA GLN A 5 -5.44 16.86 0.51
C GLN A 5 -5.47 16.52 -0.98
N GLY A 6 -4.73 15.51 -1.39
CA GLY A 6 -4.71 15.13 -2.83
C GLY A 6 -4.19 13.69 -2.97
N TRP A 7 -2.88 13.51 -2.97
CA TRP A 7 -2.31 12.13 -3.10
C TRP A 7 -2.68 11.26 -1.90
N GLU A 8 -3.02 11.87 -0.78
CA GLU A 8 -3.40 11.07 0.42
C GLU A 8 -4.73 10.35 0.15
N ALA A 9 -5.65 11.02 -0.51
CA ALA A 9 -6.96 10.38 -0.82
C ALA A 9 -6.74 9.32 -1.91
N VAL A 10 -5.91 9.61 -2.88
CA VAL A 10 -5.63 8.62 -3.96
C VAL A 10 -4.86 7.43 -3.35
N ALA A 11 -3.94 7.72 -2.46
CA ALA A 11 -3.16 6.62 -1.81
C ALA A 11 -4.10 5.73 -0.99
N ALA A 12 -5.06 6.33 -0.31
CA ALA A 12 -6.03 5.51 0.50
C ALA A 12 -6.82 4.60 -0.43
N ALA A 13 -7.24 5.08 -1.56
CA ALA A 13 -8.01 4.24 -2.53
C ALA A 13 -7.10 3.12 -3.07
N VAL A 14 -5.87 3.44 -3.36
CA VAL A 14 -4.93 2.39 -3.87
C VAL A 14 -4.70 1.34 -2.77
N ALA A 15 -4.55 1.79 -1.54
CA ALA A 15 -4.34 0.83 -0.42
C ALA A 15 -5.56 -0.09 -0.29
N SER A 16 -6.75 0.46 -0.44
CA SER A 16 -7.98 -0.39 -0.36
C SER A 16 -7.96 -1.46 -1.45
N LYS A 17 -7.56 -1.10 -2.64
CA LYS A 17 -7.49 -2.10 -3.74
C LYS A 17 -6.39 -3.14 -3.47
N ILE A 18 -5.34 -2.75 -2.79
CA ILE A 18 -4.24 -3.70 -2.47
C ILE A 18 -4.74 -4.76 -1.48
N VAL A 19 -5.45 -4.35 -0.46
CA VAL A 19 -5.98 -5.32 0.55
C VAL A 19 -6.97 -6.29 -0.12
N GLY A 20 -7.80 -5.80 -1.01
CA GLY A 20 -8.79 -6.68 -1.70
C GLY A 20 -8.09 -7.59 -2.72
N LEU A 21 -6.96 -7.17 -3.26
CA LEU A 21 -6.25 -8.02 -4.27
C LEU A 21 -4.88 -8.51 -3.73
N TRP A 22 -4.75 -8.67 -2.44
CA TRP A 22 -3.45 -9.14 -1.88
C TRP A 22 -3.48 -10.66 -1.67
N ARG A 23 -2.44 -11.35 -2.10
CA ARG A 23 -2.38 -12.83 -1.93
C ARG A 23 -1.52 -13.16 -0.70
N ASN A 24 -1.12 -14.39 -0.54
CA ASN A 24 -0.27 -14.75 0.65
C ASN A 24 0.87 -13.75 0.82
N GLU A 25 1.49 -13.37 -0.27
CA GLU A 25 2.63 -12.38 -0.21
C GLU A 25 2.88 -11.77 -1.60
N LYS A 26 1.84 -11.51 -2.34
CA LYS A 26 2.01 -10.93 -3.71
C LYS A 26 0.86 -9.98 -4.06
N THR A 27 1.09 -9.09 -5.01
CA THR A 27 0.02 -8.13 -5.43
C THR A 27 0.40 -7.50 -6.78
N GLU A 28 -0.56 -7.06 -7.55
CA GLU A 28 -0.24 -6.46 -8.88
C GLU A 28 -0.54 -4.95 -8.85
N LEU A 29 0.49 -4.13 -8.91
CA LEU A 29 0.25 -2.65 -8.88
C LEU A 29 0.50 -2.04 -10.27
N LEU A 30 -0.43 -1.27 -10.77
CA LEU A 30 -0.28 -0.62 -12.11
C LEU A 30 0.04 -1.67 -13.20
N GLY A 31 -0.53 -2.85 -13.10
CA GLY A 31 -0.28 -3.90 -14.13
C GLY A 31 1.16 -4.44 -13.97
N HIS A 32 1.74 -4.32 -12.80
CA HIS A 32 3.12 -4.83 -12.58
C HIS A 32 3.13 -5.82 -11.43
N GLU A 33 4.06 -6.76 -11.44
CA GLU A 33 4.10 -7.76 -10.33
C GLU A 33 4.79 -7.17 -9.10
N CYS A 34 4.14 -7.25 -7.97
CA CYS A 34 4.73 -6.70 -6.71
C CYS A 34 4.68 -7.76 -5.61
N LYS A 35 5.32 -7.50 -4.50
CA LYS A 35 5.32 -8.47 -3.37
C LYS A 35 4.89 -7.79 -2.07
N PHE A 36 3.65 -7.98 -1.69
CA PHE A 36 3.15 -7.35 -0.44
C PHE A 36 2.84 -8.44 0.60
N THR A 37 3.22 -8.23 1.84
CA THR A 37 2.96 -9.27 2.89
C THR A 37 2.74 -8.61 4.26
N VAL A 38 2.30 -9.40 5.22
CA VAL A 38 2.06 -8.87 6.61
C VAL A 38 2.69 -9.83 7.63
N LYS A 39 3.47 -9.32 8.56
CA LYS A 39 4.11 -10.22 9.57
C LYS A 39 4.04 -9.60 10.98
N PRO A 40 3.02 -9.99 11.70
CA PRO A 40 2.83 -9.49 13.10
C PRO A 40 3.78 -10.22 14.06
N TYR A 41 3.88 -9.76 15.29
CA TYR A 41 4.77 -10.45 16.28
C TYR A 41 4.24 -10.23 17.69
N LEU A 42 4.95 -10.75 18.66
CA LEU A 42 4.52 -10.59 20.08
C LEU A 42 5.53 -9.75 20.85
N LYS A 43 5.08 -9.04 21.85
CA LYS A 43 5.98 -8.20 22.67
C LYS A 43 5.92 -8.64 24.14
N ARG A 44 6.69 -8.02 24.99
CA ARG A 44 6.71 -8.40 26.44
C ARG A 44 5.30 -8.69 26.97
N PHE A 45 4.33 -7.92 26.56
CA PHE A 45 2.92 -8.17 27.03
C PHE A 45 1.90 -7.60 26.02
N GLN A 46 2.18 -7.67 24.75
CA GLN A 46 1.21 -7.13 23.73
C GLN A 46 1.52 -7.69 22.34
N VAL A 47 0.51 -7.91 21.54
CA VAL A 47 0.74 -8.43 20.15
C VAL A 47 0.73 -7.26 19.16
N TYR A 48 1.80 -7.10 18.42
CA TYR A 48 1.86 -5.96 17.44
C TYR A 48 1.76 -6.49 16.01
N TYR A 49 1.23 -5.68 15.12
CA TYR A 49 1.09 -6.11 13.70
C TYR A 49 2.07 -5.34 12.81
N LYS A 50 2.41 -5.88 11.67
CA LYS A 50 3.37 -5.17 10.76
C LYS A 50 3.18 -5.66 9.33
N GLY A 51 3.44 -4.80 8.36
CA GLY A 51 3.28 -5.21 6.94
C GLY A 51 4.34 -4.51 6.09
N ARG A 52 4.76 -5.14 5.02
CA ARG A 52 5.79 -4.53 4.13
C ARG A 52 5.56 -4.98 2.67
N MET A 53 5.83 -4.12 1.73
CA MET A 53 5.62 -4.50 0.30
C MET A 53 6.70 -3.87 -0.60
N TRP A 54 7.00 -4.52 -1.69
CA TRP A 54 8.03 -3.99 -2.64
C TRP A 54 7.77 -4.53 -4.05
N CYS A 55 8.08 -3.77 -5.07
CA CYS A 55 7.81 -4.23 -6.46
C CYS A 55 9.12 -4.51 -7.22
N PRO A 56 9.58 -5.74 -7.12
CA PRO A 56 10.82 -6.15 -7.82
C PRO A 56 10.53 -6.38 -9.31
N GLY A 57 10.57 -5.33 -10.10
CA GLY A 57 10.31 -5.46 -11.56
C GLY A 57 9.70 -4.15 -12.08
N TRP A 58 8.72 -3.62 -11.36
CA TRP A 58 8.09 -2.34 -11.78
C TRP A 58 9.06 -1.17 -11.59
N THR A 59 9.54 -0.98 -10.39
CA THR A 59 10.50 0.13 -10.12
C THR A 59 11.41 -0.25 -8.94
N ALA A 60 12.08 0.72 -8.37
CA ALA A 60 12.99 0.43 -7.22
C ALA A 60 12.51 1.20 -5.98
N ILE A 61 11.28 0.98 -5.58
CA ILE A 61 10.73 1.69 -4.38
C ILE A 61 10.06 0.68 -3.44
N ARG A 62 9.91 1.03 -2.20
CA ARG A 62 9.27 0.09 -1.23
C ARG A 62 8.26 0.84 -0.34
N GLY A 63 7.51 0.10 0.43
CA GLY A 63 6.50 0.75 1.32
C GLY A 63 6.09 -0.24 2.41
N GLU A 64 6.16 0.17 3.66
CA GLU A 64 5.77 -0.74 4.77
C GLU A 64 5.17 0.06 5.93
N ALA A 65 4.36 -0.59 6.74
CA ALA A 65 3.73 0.13 7.90
C ALA A 65 3.30 -0.87 8.98
N SER A 66 3.21 -0.42 10.21
CA SER A 66 2.80 -1.34 11.32
C SER A 66 1.72 -0.67 12.19
N THR A 67 0.80 -1.46 12.70
CA THR A 67 -0.29 -0.92 13.57
C THR A 67 -1.10 -2.08 14.17
N ARG A 68 -1.70 -1.87 15.33
CA ARG A 68 -2.50 -2.97 15.96
C ARG A 68 -3.62 -3.46 15.03
N SER A 69 -4.10 -2.63 14.15
CA SER A 69 -5.19 -3.05 13.21
C SER A 69 -4.71 -4.16 12.27
N GLN A 70 -5.49 -5.20 12.12
CA GLN A 70 -5.09 -6.33 11.23
C GLN A 70 -5.14 -5.90 9.75
N SER A 71 -6.26 -5.37 9.32
CA SER A 71 -6.39 -4.92 7.90
C SER A 71 -5.74 -3.53 7.74
N GLY A 72 -5.73 -2.74 8.79
CA GLY A 72 -5.12 -1.38 8.70
C GLY A 72 -3.64 -1.48 8.36
N VAL A 73 -2.91 -2.39 8.98
CA VAL A 73 -1.46 -2.53 8.67
C VAL A 73 -1.25 -2.84 7.18
N ALA A 74 -2.14 -3.61 6.59
CA ALA A 74 -2.00 -3.93 5.15
C ALA A 74 -2.34 -2.69 4.31
N GLY A 75 -3.38 -1.98 4.67
CA GLY A 75 -3.74 -0.75 3.92
C GLY A 75 -2.65 0.31 4.12
N LYS A 76 -2.10 0.39 5.32
CA LYS A 76 -1.02 1.37 5.59
C LYS A 76 0.23 1.03 4.77
N THR A 77 0.56 -0.25 4.66
CA THR A 77 1.75 -0.65 3.87
C THR A 77 1.56 -0.19 2.41
N ALA A 78 0.39 -0.39 1.88
CA ALA A 78 0.12 0.04 0.47
C ALA A 78 0.12 1.57 0.38
N LYS A 79 -0.41 2.23 1.40
CA LYS A 79 -0.43 3.72 1.40
C LYS A 79 1.01 4.26 1.45
N ASP A 80 1.86 3.63 2.22
CA ASP A 80 3.28 4.10 2.31
C ASP A 80 3.95 3.97 0.95
N PHE A 81 3.68 2.92 0.22
CA PHE A 81 4.30 2.77 -1.14
C PHE A 81 3.70 3.78 -2.11
N VAL A 82 2.42 4.05 -2.01
CA VAL A 82 1.79 5.04 -2.94
C VAL A 82 2.23 6.45 -2.57
N ARG A 83 2.44 6.72 -1.30
CA ARG A 83 2.90 8.08 -0.88
C ARG A 83 4.32 8.32 -1.39
N LYS A 84 5.18 7.32 -1.29
CA LYS A 84 6.57 7.48 -1.79
C LYS A 84 6.55 7.48 -3.32
N ALA A 85 5.70 6.67 -3.92
CA ALA A 85 5.60 6.65 -5.40
C ALA A 85 5.02 7.98 -5.90
N PHE A 86 4.08 8.54 -5.17
CA PHE A 86 3.49 9.85 -5.59
C PHE A 86 4.60 10.91 -5.61
N GLN A 87 5.44 10.93 -4.62
CA GLN A 87 6.55 11.93 -4.57
C GLN A 87 7.58 11.66 -5.68
N LYS A 88 7.84 10.41 -5.97
CA LYS A 88 8.83 10.07 -7.04
C LYS A 88 8.25 10.37 -8.42
N GLY A 89 7.07 9.86 -8.71
CA GLY A 89 6.44 10.10 -10.04
C GLY A 89 6.00 8.77 -10.64
N LEU A 90 5.22 8.00 -9.92
CA LEU A 90 4.75 6.68 -10.46
C LEU A 90 3.23 6.55 -10.32
N ILE A 91 2.70 6.81 -9.15
CA ILE A 91 1.23 6.71 -8.96
C ILE A 91 0.57 8.08 -9.16
N SER A 92 0.17 8.38 -10.37
CA SER A 92 -0.48 9.70 -10.64
C SER A 92 -1.95 9.66 -10.15
N GLN A 93 -2.60 10.79 -10.12
CA GLN A 93 -4.02 10.82 -9.66
C GLN A 93 -4.91 10.03 -10.62
N GLN A 94 -4.88 10.34 -11.89
CA GLN A 94 -5.73 9.60 -12.88
C GLN A 94 -5.22 8.17 -13.04
N GLU A 95 -3.93 7.97 -13.01
CA GLU A 95 -3.38 6.58 -13.17
C GLU A 95 -3.86 5.69 -12.02
N ALA A 96 -3.83 6.20 -10.81
CA ALA A 96 -4.30 5.40 -9.64
C ALA A 96 -5.80 5.14 -9.79
N ASN A 97 -6.54 6.12 -10.26
CA ASN A 97 -8.01 5.96 -10.46
C ASN A 97 -8.27 4.86 -11.49
N GLN A 98 -7.50 4.81 -12.56
CA GLN A 98 -7.71 3.74 -13.58
C GLN A 98 -7.41 2.38 -12.95
N TRP A 99 -6.37 2.28 -12.15
CA TRP A 99 -6.06 0.98 -11.49
C TRP A 99 -7.17 0.65 -10.48
N LEU A 100 -7.69 1.67 -9.82
CA LEU A 100 -8.79 1.44 -8.84
C LEU A 100 -9.98 0.78 -9.52
N SER A 101 -10.35 1.24 -10.70
CA SER A 101 -11.49 0.62 -11.42
C SER A 101 -11.05 -0.69 -12.08
N SER A 102 -9.95 -0.67 -12.78
CA SER A 102 -9.44 -1.90 -13.45
C SER A 102 -7.96 -1.71 -13.84
N GLU A 1 -16.91 17.22 -0.62
CA GLU A 1 -16.53 17.88 -1.90
C GLU A 1 -15.06 17.61 -2.23
N ALA A 2 -14.78 17.19 -3.44
CA ALA A 2 -13.36 16.91 -3.82
C ALA A 2 -13.08 17.38 -5.26
N TYR A 3 -12.06 18.19 -5.44
CA TYR A 3 -11.74 18.69 -6.82
C TYR A 3 -10.27 19.12 -6.89
N VAL A 4 -9.87 20.06 -6.07
CA VAL A 4 -8.45 20.53 -6.08
C VAL A 4 -7.67 19.90 -4.92
N GLN A 5 -8.33 19.60 -3.83
CA GLN A 5 -7.63 18.98 -2.66
C GLN A 5 -8.18 17.58 -2.40
N GLY A 6 -7.32 16.64 -2.06
CA GLY A 6 -7.78 15.25 -1.78
C GLY A 6 -6.77 14.24 -2.33
N TRP A 7 -5.54 14.32 -1.90
CA TRP A 7 -4.49 13.38 -2.39
C TRP A 7 -4.47 12.12 -1.51
N GLU A 8 -4.67 12.26 -0.23
CA GLU A 8 -4.67 11.07 0.68
C GLU A 8 -5.81 10.11 0.29
N ALA A 9 -6.95 10.65 -0.09
CA ALA A 9 -8.09 9.78 -0.49
C ALA A 9 -7.69 8.95 -1.72
N VAL A 10 -7.00 9.54 -2.66
CA VAL A 10 -6.56 8.78 -3.87
C VAL A 10 -5.53 7.72 -3.44
N ALA A 11 -4.63 8.09 -2.58
CA ALA A 11 -3.61 7.11 -2.10
C ALA A 11 -4.31 5.99 -1.31
N ALA A 12 -5.29 6.35 -0.51
CA ALA A 12 -6.06 5.33 0.27
C ALA A 12 -6.80 4.39 -0.68
N ALA A 13 -7.35 4.93 -1.75
CA ALA A 13 -8.08 4.08 -2.74
C ALA A 13 -7.11 3.07 -3.37
N VAL A 14 -5.90 3.47 -3.66
CA VAL A 14 -4.92 2.52 -4.25
C VAL A 14 -4.52 1.48 -3.20
N ALA A 15 -4.35 1.91 -1.97
CA ALA A 15 -3.97 0.96 -0.88
C ALA A 15 -5.13 -0.01 -0.63
N SER A 16 -6.35 0.47 -0.66
CA SER A 16 -7.52 -0.44 -0.43
C SER A 16 -7.61 -1.47 -1.57
N LYS A 17 -7.29 -1.07 -2.78
CA LYS A 17 -7.35 -2.03 -3.92
C LYS A 17 -6.30 -3.13 -3.73
N ILE A 18 -5.15 -2.79 -3.17
CA ILE A 18 -4.09 -3.81 -2.93
C ILE A 18 -4.60 -4.83 -1.90
N VAL A 19 -5.17 -4.35 -0.81
CA VAL A 19 -5.69 -5.27 0.24
C VAL A 19 -6.86 -6.10 -0.32
N GLY A 20 -7.71 -5.50 -1.11
CA GLY A 20 -8.86 -6.24 -1.70
C GLY A 20 -8.35 -7.28 -2.72
N LEU A 21 -7.20 -7.06 -3.30
CA LEU A 21 -6.65 -8.02 -4.31
C LEU A 21 -5.29 -8.57 -3.87
N TRP A 22 -5.06 -8.70 -2.58
CA TRP A 22 -3.76 -9.23 -2.09
C TRP A 22 -3.83 -10.75 -1.88
N ARG A 23 -2.82 -11.47 -2.29
CA ARG A 23 -2.81 -12.95 -2.12
C ARG A 23 -1.98 -13.30 -0.87
N ASN A 24 -1.64 -14.55 -0.68
CA ASN A 24 -0.83 -14.94 0.52
C ASN A 24 0.36 -13.99 0.69
N GLU A 25 1.03 -13.65 -0.40
CA GLU A 25 2.19 -12.70 -0.32
C GLU A 25 2.48 -12.07 -1.69
N LYS A 26 1.46 -11.84 -2.49
CA LYS A 26 1.67 -11.24 -3.83
C LYS A 26 0.57 -10.24 -4.16
N THR A 27 0.90 -9.21 -4.91
CA THR A 27 -0.13 -8.18 -5.28
C THR A 27 0.29 -7.49 -6.59
N GLU A 28 -0.63 -6.84 -7.26
CA GLU A 28 -0.28 -6.15 -8.53
C GLU A 28 -0.36 -4.63 -8.35
N LEU A 29 0.41 -3.89 -9.12
CA LEU A 29 0.37 -2.40 -9.01
C LEU A 29 0.60 -1.77 -10.38
N LEU A 30 -0.36 -1.01 -10.86
CA LEU A 30 -0.24 -0.35 -12.21
C LEU A 30 0.08 -1.38 -13.31
N GLY A 31 -0.42 -2.59 -13.18
CA GLY A 31 -0.16 -3.63 -14.21
C GLY A 31 1.22 -4.26 -14.00
N HIS A 32 1.77 -4.17 -12.81
CA HIS A 32 3.13 -4.75 -12.56
C HIS A 32 3.06 -5.73 -11.38
N GLU A 33 3.87 -6.77 -11.41
CA GLU A 33 3.87 -7.75 -10.29
C GLU A 33 4.59 -7.18 -9.06
N CYS A 34 4.00 -7.30 -7.91
CA CYS A 34 4.64 -6.78 -6.66
C CYS A 34 4.52 -7.81 -5.53
N LYS A 35 5.29 -7.65 -4.49
CA LYS A 35 5.21 -8.62 -3.35
C LYS A 35 4.77 -7.91 -2.07
N PHE A 36 3.71 -8.39 -1.47
CA PHE A 36 3.20 -7.76 -0.21
C PHE A 36 3.13 -8.83 0.89
N THR A 37 3.78 -8.60 2.01
CA THR A 37 3.74 -9.62 3.11
C THR A 37 3.40 -8.97 4.46
N VAL A 38 2.85 -9.74 5.37
CA VAL A 38 2.50 -9.21 6.72
C VAL A 38 3.21 -10.03 7.81
N LYS A 39 3.68 -9.39 8.86
CA LYS A 39 4.39 -10.15 9.94
C LYS A 39 4.12 -9.52 11.31
N PRO A 40 3.32 -10.21 12.11
CA PRO A 40 3.00 -9.71 13.47
C PRO A 40 4.15 -9.99 14.44
N TYR A 41 4.20 -9.30 15.55
CA TYR A 41 5.28 -9.53 16.54
C TYR A 41 4.69 -9.68 17.94
N LEU A 42 5.52 -9.80 18.93
CA LEU A 42 5.01 -9.96 20.33
C LEU A 42 6.04 -9.43 21.34
N LYS A 43 5.59 -9.12 22.53
CA LYS A 43 6.50 -8.60 23.59
C LYS A 43 6.18 -9.30 24.92
N ARG A 44 6.96 -9.01 25.95
CA ARG A 44 6.72 -9.64 27.29
C ARG A 44 5.22 -9.66 27.63
N PHE A 45 4.50 -8.64 27.24
CA PHE A 45 3.03 -8.59 27.52
C PHE A 45 2.32 -7.69 26.49
N GLN A 46 2.69 -7.79 25.24
CA GLN A 46 2.04 -6.93 24.19
C GLN A 46 2.05 -7.61 22.82
N VAL A 47 1.10 -7.29 21.99
CA VAL A 47 1.05 -7.89 20.62
C VAL A 47 1.06 -6.76 19.58
N TYR A 48 1.77 -6.93 18.50
CA TYR A 48 1.82 -5.85 17.46
C TYR A 48 1.67 -6.43 16.05
N TYR A 49 1.23 -5.64 15.11
CA TYR A 49 1.07 -6.13 13.71
C TYR A 49 1.89 -5.27 12.75
N LYS A 50 2.64 -5.90 11.89
CA LYS A 50 3.48 -5.13 10.92
C LYS A 50 3.31 -5.67 9.50
N GLY A 51 3.69 -4.91 8.51
CA GLY A 51 3.55 -5.39 7.11
C GLY A 51 4.51 -4.64 6.19
N ARG A 52 5.07 -5.34 5.24
CA ARG A 52 6.03 -4.71 4.29
C ARG A 52 5.66 -5.07 2.85
N MET A 53 5.89 -4.18 1.90
CA MET A 53 5.54 -4.50 0.49
C MET A 53 6.50 -3.80 -0.48
N TRP A 54 6.61 -4.32 -1.67
CA TRP A 54 7.53 -3.71 -2.69
C TRP A 54 7.20 -4.26 -4.08
N CYS A 55 7.87 -3.78 -5.10
CA CYS A 55 7.58 -4.28 -6.48
C CYS A 55 8.88 -4.68 -7.19
N PRO A 56 9.19 -5.96 -7.11
CA PRO A 56 10.42 -6.49 -7.75
C PRO A 56 10.23 -6.62 -9.27
N GLY A 57 10.38 -5.54 -9.99
CA GLY A 57 10.19 -5.59 -11.47
C GLY A 57 9.69 -4.22 -11.96
N TRP A 58 8.70 -3.67 -11.30
CA TRP A 58 8.16 -2.33 -11.71
C TRP A 58 9.20 -1.24 -11.46
N THR A 59 9.64 -1.10 -10.23
CA THR A 59 10.65 -0.06 -9.90
C THR A 59 11.52 -0.52 -8.72
N ALA A 60 12.26 0.38 -8.12
CA ALA A 60 13.13 0.01 -6.96
C ALA A 60 12.71 0.78 -5.71
N ILE A 61 11.43 0.75 -5.40
CA ILE A 61 10.93 1.47 -4.19
C ILE A 61 10.21 0.47 -3.26
N ARG A 62 10.24 0.72 -1.97
CA ARG A 62 9.56 -0.21 -1.02
C ARG A 62 8.65 0.56 -0.06
N GLY A 63 7.78 -0.15 0.62
CA GLY A 63 6.85 0.50 1.57
C GLY A 63 6.64 -0.38 2.80
N GLU A 64 6.34 0.20 3.93
CA GLU A 64 6.12 -0.61 5.16
C GLU A 64 5.18 0.13 6.12
N ALA A 65 4.57 -0.59 7.02
CA ALA A 65 3.63 0.06 7.99
C ALA A 65 3.25 -0.92 9.11
N SER A 66 3.01 -0.40 10.28
CA SER A 66 2.61 -1.28 11.43
C SER A 66 1.48 -0.63 12.23
N THR A 67 0.60 -1.43 12.78
CA THR A 67 -0.53 -0.87 13.59
C THR A 67 -1.28 -2.01 14.32
N ARG A 68 -2.19 -1.66 15.20
CA ARG A 68 -2.94 -2.72 15.96
C ARG A 68 -3.89 -3.49 15.03
N SER A 69 -4.58 -2.82 14.15
CA SER A 69 -5.54 -3.51 13.24
C SER A 69 -4.79 -4.42 12.25
N GLN A 70 -5.32 -5.60 12.00
CA GLN A 70 -4.67 -6.55 11.05
C GLN A 70 -4.84 -6.07 9.61
N SER A 71 -6.05 -5.78 9.20
CA SER A 71 -6.27 -5.31 7.80
C SER A 71 -5.76 -3.86 7.65
N GLY A 72 -5.88 -3.07 8.68
CA GLY A 72 -5.41 -1.65 8.61
C GLY A 72 -3.90 -1.61 8.35
N VAL A 73 -3.15 -2.53 8.90
CA VAL A 73 -1.67 -2.53 8.67
C VAL A 73 -1.36 -2.75 7.19
N ALA A 74 -2.11 -3.60 6.53
CA ALA A 74 -1.87 -3.86 5.07
C ALA A 74 -2.22 -2.61 4.26
N GLY A 75 -3.27 -1.93 4.64
CA GLY A 75 -3.67 -0.69 3.91
C GLY A 75 -2.59 0.37 4.07
N LYS A 76 -2.01 0.48 5.25
CA LYS A 76 -0.94 1.49 5.46
C LYS A 76 0.31 1.14 4.65
N THR A 77 0.68 -0.13 4.61
CA THR A 77 1.90 -0.51 3.81
C THR A 77 1.69 -0.16 2.34
N ALA A 78 0.50 -0.34 1.83
CA ALA A 78 0.23 0.00 0.41
C ALA A 78 0.07 1.52 0.26
N LYS A 79 -0.52 2.17 1.23
CA LYS A 79 -0.69 3.65 1.14
C LYS A 79 0.68 4.34 1.24
N ASP A 80 1.55 3.84 2.10
CA ASP A 80 2.91 4.47 2.23
C ASP A 80 3.70 4.23 0.94
N PHE A 81 3.50 3.10 0.29
CA PHE A 81 4.24 2.83 -0.98
C PHE A 81 3.74 3.78 -2.08
N VAL A 82 2.45 4.02 -2.13
CA VAL A 82 1.91 4.94 -3.18
C VAL A 82 2.40 6.38 -2.89
N ARG A 83 2.49 6.74 -1.64
CA ARG A 83 2.99 8.11 -1.29
C ARG A 83 4.44 8.27 -1.76
N LYS A 84 5.25 7.25 -1.57
CA LYS A 84 6.67 7.33 -2.04
C LYS A 84 6.69 7.40 -3.57
N ALA A 85 5.85 6.63 -4.21
CA ALA A 85 5.81 6.65 -5.70
C ALA A 85 5.27 8.00 -6.19
N PHE A 86 4.33 8.57 -5.47
CA PHE A 86 3.77 9.90 -5.86
C PHE A 86 4.86 10.98 -5.73
N GLN A 87 5.71 10.86 -4.74
CA GLN A 87 6.80 11.87 -4.56
C GLN A 87 7.73 11.88 -5.78
N LYS A 88 8.03 10.72 -6.33
CA LYS A 88 8.92 10.67 -7.52
C LYS A 88 8.12 10.95 -8.80
N GLY A 89 7.12 10.15 -9.07
CA GLY A 89 6.28 10.36 -10.29
C GLY A 89 5.92 9.01 -10.93
N LEU A 90 5.40 8.09 -10.15
CA LEU A 90 5.04 6.76 -10.72
C LEU A 90 3.52 6.55 -10.64
N ILE A 91 2.92 6.85 -9.50
CA ILE A 91 1.45 6.67 -9.37
C ILE A 91 0.75 8.04 -9.36
N SER A 92 0.37 8.53 -10.52
CA SER A 92 -0.31 9.85 -10.59
C SER A 92 -1.74 9.73 -10.03
N GLN A 93 -2.36 10.83 -9.72
CA GLN A 93 -3.75 10.77 -9.17
C GLN A 93 -4.69 10.11 -10.19
N GLN A 94 -4.68 10.57 -11.42
CA GLN A 94 -5.56 9.98 -12.46
C GLN A 94 -5.17 8.51 -12.73
N GLU A 95 -3.89 8.24 -12.79
CA GLU A 95 -3.43 6.83 -13.03
C GLU A 95 -3.96 5.91 -11.93
N ALA A 96 -3.93 6.35 -10.70
CA ALA A 96 -4.45 5.50 -9.58
C ALA A 96 -5.94 5.22 -9.80
N ASN A 97 -6.69 6.21 -10.22
CA ASN A 97 -8.15 5.98 -10.47
C ASN A 97 -8.32 4.97 -11.61
N GLN A 98 -7.54 5.10 -12.65
CA GLN A 98 -7.64 4.13 -13.79
C GLN A 98 -7.34 2.71 -13.29
N TRP A 99 -6.37 2.57 -12.43
CA TRP A 99 -6.04 1.23 -11.88
C TRP A 99 -7.20 0.71 -11.04
N LEU A 100 -7.84 1.59 -10.30
CA LEU A 100 -9.00 1.17 -9.44
C LEU A 100 -10.16 0.70 -10.33
N SER A 101 -10.40 1.36 -11.45
CA SER A 101 -11.51 0.96 -12.35
C SER A 101 -11.10 -0.25 -13.20
N SER A 102 -9.97 -0.15 -13.87
CA SER A 102 -9.48 -1.28 -14.74
C SER A 102 -10.48 -1.59 -15.87
N GLU A 1 -22.21 17.30 5.06
CA GLU A 1 -20.96 17.94 4.56
C GLU A 1 -19.73 17.15 5.04
N ALA A 2 -19.40 16.08 4.38
CA ALA A 2 -18.22 15.26 4.79
C ALA A 2 -16.94 15.83 4.15
N TYR A 3 -15.86 15.85 4.89
CA TYR A 3 -14.57 16.38 4.33
C TYR A 3 -13.90 15.33 3.45
N VAL A 4 -13.24 15.75 2.39
CA VAL A 4 -12.57 14.78 1.48
C VAL A 4 -11.24 15.36 0.97
N GLN A 5 -10.27 14.51 0.70
CA GLN A 5 -8.96 15.01 0.19
C GLN A 5 -8.84 14.77 -1.32
N GLY A 6 -7.79 15.26 -1.94
CA GLY A 6 -7.62 15.07 -3.41
C GLY A 6 -6.60 13.95 -3.66
N TRP A 7 -5.35 14.20 -3.33
CA TRP A 7 -4.29 13.16 -3.55
C TRP A 7 -4.52 11.97 -2.61
N GLU A 8 -4.96 12.22 -1.40
CA GLU A 8 -5.22 11.11 -0.44
C GLU A 8 -6.39 10.26 -0.92
N ALA A 9 -7.39 10.86 -1.52
CA ALA A 9 -8.55 10.08 -2.04
C ALA A 9 -8.10 9.20 -3.21
N VAL A 10 -7.28 9.72 -4.09
CA VAL A 10 -6.80 8.90 -5.23
C VAL A 10 -5.85 7.83 -4.71
N ALA A 11 -5.03 8.17 -3.76
CA ALA A 11 -4.09 7.17 -3.18
C ALA A 11 -4.90 6.11 -2.41
N ALA A 12 -5.91 6.53 -1.69
CA ALA A 12 -6.76 5.57 -0.94
C ALA A 12 -7.41 4.58 -1.91
N ALA A 13 -7.87 5.06 -3.04
CA ALA A 13 -8.50 4.14 -4.05
C ALA A 13 -7.48 3.09 -4.48
N VAL A 14 -6.26 3.50 -4.73
CA VAL A 14 -5.21 2.51 -5.14
C VAL A 14 -5.00 1.49 -4.02
N ALA A 15 -4.91 1.96 -2.79
CA ALA A 15 -4.73 1.03 -1.64
C ALA A 15 -5.92 0.09 -1.53
N SER A 16 -7.13 0.59 -1.76
CA SER A 16 -8.34 -0.26 -1.68
C SER A 16 -8.28 -1.36 -2.76
N LYS A 17 -7.79 -1.03 -3.94
CA LYS A 17 -7.70 -2.05 -5.02
C LYS A 17 -6.67 -3.12 -4.63
N ILE A 18 -5.62 -2.73 -3.94
CA ILE A 18 -4.58 -3.74 -3.54
C ILE A 18 -5.22 -4.80 -2.63
N VAL A 19 -5.96 -4.38 -1.63
CA VAL A 19 -6.62 -5.37 -0.71
C VAL A 19 -7.60 -6.25 -1.50
N GLY A 20 -8.32 -5.67 -2.43
CA GLY A 20 -9.28 -6.46 -3.25
C GLY A 20 -8.54 -7.43 -4.17
N LEU A 21 -7.32 -7.09 -4.56
CA LEU A 21 -6.54 -7.99 -5.46
C LEU A 21 -5.27 -8.51 -4.76
N TRP A 22 -5.36 -8.79 -3.49
CA TRP A 22 -4.16 -9.30 -2.75
C TRP A 22 -4.23 -10.83 -2.61
N ARG A 23 -3.12 -11.49 -2.87
CA ARG A 23 -3.08 -12.98 -2.75
C ARG A 23 -2.46 -13.33 -1.39
N ASN A 24 -2.08 -14.57 -1.16
CA ASN A 24 -1.47 -14.95 0.16
C ASN A 24 -0.35 -13.96 0.53
N GLU A 25 0.47 -13.60 -0.41
CA GLU A 25 1.57 -12.63 -0.13
C GLU A 25 2.05 -11.96 -1.44
N LYS A 26 1.16 -11.69 -2.34
CA LYS A 26 1.55 -11.05 -3.64
C LYS A 26 0.40 -10.19 -4.18
N THR A 27 0.70 -9.23 -5.02
CA THR A 27 -0.37 -8.35 -5.60
C THR A 27 0.12 -7.74 -6.91
N GLU A 28 -0.71 -6.94 -7.54
CA GLU A 28 -0.29 -6.29 -8.82
C GLU A 28 -0.51 -4.78 -8.75
N LEU A 29 0.37 -4.01 -9.33
CA LEU A 29 0.21 -2.52 -9.31
C LEU A 29 0.54 -1.94 -10.68
N LEU A 30 -0.39 -1.21 -11.27
CA LEU A 30 -0.17 -0.61 -12.62
C LEU A 30 0.19 -1.69 -13.66
N GLY A 31 -0.30 -2.89 -13.48
CA GLY A 31 0.01 -3.99 -14.45
C GLY A 31 1.37 -4.62 -14.15
N HIS A 32 1.88 -4.44 -12.96
CA HIS A 32 3.21 -5.03 -12.62
C HIS A 32 3.06 -6.01 -11.45
N GLU A 33 4.05 -6.85 -11.24
CA GLU A 33 3.98 -7.83 -10.12
C GLU A 33 4.56 -7.21 -8.85
N CYS A 34 3.88 -7.35 -7.74
CA CYS A 34 4.39 -6.77 -6.46
C CYS A 34 4.25 -7.76 -5.31
N LYS A 35 4.91 -7.49 -4.22
CA LYS A 35 4.83 -8.41 -3.04
C LYS A 35 4.22 -7.69 -1.84
N PHE A 36 3.10 -8.16 -1.36
CA PHE A 36 2.44 -7.52 -0.18
C PHE A 36 2.12 -8.58 0.87
N THR A 37 2.54 -8.40 2.10
CA THR A 37 2.24 -9.43 3.15
C THR A 37 2.20 -8.80 4.55
N VAL A 38 1.77 -9.57 5.51
CA VAL A 38 1.70 -9.08 6.92
C VAL A 38 2.42 -10.06 7.87
N LYS A 39 3.01 -9.57 8.93
CA LYS A 39 3.71 -10.47 9.89
C LYS A 39 3.82 -9.82 11.27
N PRO A 40 3.21 -10.44 12.25
CA PRO A 40 3.24 -9.90 13.62
C PRO A 40 4.59 -10.18 14.29
N TYR A 41 4.98 -9.37 15.24
CA TYR A 41 6.28 -9.58 15.94
C TYR A 41 6.04 -9.58 17.45
N LEU A 42 7.09 -9.53 18.22
CA LEU A 42 6.94 -9.53 19.70
C LEU A 42 7.93 -8.54 20.34
N LYS A 43 7.53 -7.95 21.44
CA LYS A 43 8.42 -6.99 22.15
C LYS A 43 8.75 -7.54 23.55
N ARG A 44 9.57 -6.82 24.28
CA ARG A 44 9.97 -7.28 25.67
C ARG A 44 8.79 -7.92 26.42
N PHE A 45 7.62 -7.36 26.30
CA PHE A 45 6.43 -7.95 27.00
C PHE A 45 5.13 -7.55 26.28
N GLN A 46 5.14 -7.43 24.97
CA GLN A 46 3.90 -7.05 24.24
C GLN A 46 3.97 -7.50 22.77
N VAL A 47 2.86 -7.97 22.23
CA VAL A 47 2.86 -8.42 20.80
C VAL A 47 2.33 -7.29 19.91
N TYR A 48 2.80 -7.20 18.69
CA TYR A 48 2.33 -6.12 17.78
C TYR A 48 2.17 -6.65 16.35
N TYR A 49 1.28 -6.07 15.58
CA TYR A 49 1.07 -6.53 14.18
C TYR A 49 1.79 -5.59 13.21
N LYS A 50 2.57 -6.13 12.31
CA LYS A 50 3.30 -5.27 11.33
C LYS A 50 3.10 -5.80 9.91
N GLY A 51 3.41 -5.01 8.92
CA GLY A 51 3.23 -5.48 7.51
C GLY A 51 4.16 -4.70 6.59
N ARG A 52 4.56 -5.30 5.50
CA ARG A 52 5.47 -4.60 4.55
C ARG A 52 5.17 -5.02 3.11
N MET A 53 5.08 -4.09 2.20
CA MET A 53 4.79 -4.45 0.78
C MET A 53 5.65 -3.61 -0.17
N TRP A 54 5.83 -4.08 -1.38
CA TRP A 54 6.65 -3.34 -2.39
C TRP A 54 6.46 -3.95 -3.78
N CYS A 55 7.27 -3.57 -4.74
CA CYS A 55 7.13 -4.16 -6.11
C CYS A 55 8.51 -4.57 -6.66
N PRO A 56 8.84 -5.82 -6.46
CA PRO A 56 10.13 -6.36 -6.96
C PRO A 56 10.07 -6.56 -8.48
N GLY A 57 10.27 -5.49 -9.23
CA GLY A 57 10.22 -5.58 -10.72
C GLY A 57 9.76 -4.24 -11.29
N TRP A 58 8.74 -3.66 -10.72
CA TRP A 58 8.23 -2.34 -11.21
C TRP A 58 9.23 -1.23 -10.87
N THR A 59 9.57 -1.09 -9.61
CA THR A 59 10.55 -0.04 -9.20
C THR A 59 11.31 -0.50 -7.94
N ALA A 60 11.99 0.40 -7.29
CA ALA A 60 12.75 0.02 -6.06
C ALA A 60 12.21 0.79 -4.85
N ILE A 61 10.92 0.81 -4.67
CA ILE A 61 10.31 1.54 -3.52
C ILE A 61 9.44 0.58 -2.69
N ARG A 62 9.32 0.83 -1.41
CA ARG A 62 8.49 -0.06 -0.55
C ARG A 62 7.67 0.74 0.47
N GLY A 63 6.69 0.11 1.05
CA GLY A 63 5.84 0.80 2.07
C GLY A 63 5.43 -0.20 3.15
N GLU A 64 5.60 0.14 4.39
CA GLU A 64 5.23 -0.79 5.49
C GLU A 64 4.59 -0.04 6.67
N ALA A 65 4.05 -0.76 7.60
CA ALA A 65 3.38 -0.10 8.78
C ALA A 65 3.11 -1.13 9.89
N SER A 66 2.67 -0.66 11.04
CA SER A 66 2.38 -1.59 12.18
C SER A 66 1.35 -0.99 13.13
N THR A 67 0.55 -1.81 13.75
CA THR A 67 -0.49 -1.30 14.72
C THR A 67 -1.14 -2.49 15.46
N ARG A 68 -1.91 -2.20 16.48
CA ARG A 68 -2.58 -3.31 17.25
C ARG A 68 -3.60 -4.03 16.36
N SER A 69 -4.30 -3.31 15.53
CA SER A 69 -5.32 -3.93 14.62
C SER A 69 -4.64 -4.82 13.58
N GLN A 70 -5.39 -5.68 12.96
CA GLN A 70 -4.83 -6.58 11.91
C GLN A 70 -5.10 -6.01 10.52
N SER A 71 -6.34 -5.76 10.19
CA SER A 71 -6.68 -5.19 8.86
C SER A 71 -6.14 -3.76 8.72
N GLY A 72 -6.04 -3.04 9.81
CA GLY A 72 -5.52 -1.65 9.75
C GLY A 72 -4.09 -1.63 9.19
N VAL A 73 -3.27 -2.57 9.60
CA VAL A 73 -1.87 -2.61 9.09
C VAL A 73 -1.85 -2.90 7.58
N ALA A 74 -2.78 -3.70 7.10
CA ALA A 74 -2.83 -4.03 5.64
C ALA A 74 -3.18 -2.78 4.83
N GLY A 75 -4.09 -1.97 5.32
CA GLY A 75 -4.46 -0.74 4.57
C GLY A 75 -3.28 0.25 4.61
N LYS A 76 -2.55 0.26 5.70
CA LYS A 76 -1.39 1.19 5.81
C LYS A 76 -0.23 0.70 4.93
N THR A 77 0.02 -0.59 4.87
CA THR A 77 1.14 -1.10 4.02
C THR A 77 0.91 -0.64 2.57
N ALA A 78 -0.28 -0.76 2.09
CA ALA A 78 -0.57 -0.32 0.69
C ALA A 78 -0.57 1.21 0.62
N LYS A 79 -1.02 1.86 1.67
CA LYS A 79 -1.05 3.35 1.66
C LYS A 79 0.37 3.91 1.81
N ASP A 80 1.20 3.27 2.59
CA ASP A 80 2.59 3.77 2.77
C ASP A 80 3.40 3.59 1.48
N PHE A 81 3.16 2.51 0.76
CA PHE A 81 3.91 2.29 -0.51
C PHE A 81 3.45 3.29 -1.58
N VAL A 82 2.17 3.56 -1.66
CA VAL A 82 1.69 4.54 -2.69
C VAL A 82 2.19 5.94 -2.34
N ARG A 83 2.27 6.27 -1.07
CA ARG A 83 2.77 7.62 -0.67
C ARG A 83 4.26 7.74 -1.00
N LYS A 84 5.01 6.68 -0.80
CA LYS A 84 6.47 6.73 -1.13
C LYS A 84 6.68 6.92 -2.63
N ALA A 85 5.89 6.26 -3.44
CA ALA A 85 6.03 6.42 -4.92
C ALA A 85 5.54 7.82 -5.33
N PHE A 86 4.54 8.33 -4.65
CA PHE A 86 4.02 9.70 -4.98
C PHE A 86 5.10 10.74 -4.69
N GLN A 87 5.81 10.58 -3.59
CA GLN A 87 6.89 11.56 -3.25
C GLN A 87 8.04 11.49 -4.28
N LYS A 88 8.37 10.30 -4.72
CA LYS A 88 9.47 10.16 -5.74
C LYS A 88 9.00 10.64 -7.11
N GLY A 89 7.87 10.17 -7.57
CA GLY A 89 7.35 10.60 -8.89
C GLY A 89 7.02 9.36 -9.74
N LEU A 90 6.22 8.46 -9.22
CA LEU A 90 5.86 7.23 -9.98
C LEU A 90 4.34 7.09 -10.07
N ILE A 91 3.65 7.16 -8.95
CA ILE A 91 2.16 7.02 -8.98
C ILE A 91 1.53 8.39 -9.23
N SER A 92 1.05 8.61 -10.43
CA SER A 92 0.41 9.93 -10.75
C SER A 92 -1.06 9.91 -10.30
N GLN A 93 -1.72 11.04 -10.37
CA GLN A 93 -3.15 11.11 -9.95
C GLN A 93 -4.03 10.31 -10.92
N GLN A 94 -3.99 10.65 -12.20
CA GLN A 94 -4.82 9.91 -13.20
C GLN A 94 -4.36 8.44 -13.30
N GLU A 95 -3.08 8.21 -13.23
CA GLU A 95 -2.57 6.80 -13.32
C GLU A 95 -3.28 5.91 -12.29
N ALA A 96 -3.47 6.41 -11.09
CA ALA A 96 -4.18 5.59 -10.06
C ALA A 96 -5.63 5.34 -10.50
N ASN A 97 -6.26 6.34 -11.08
CA ASN A 97 -7.66 6.16 -11.57
C ASN A 97 -7.66 5.19 -12.76
N GLN A 98 -6.67 5.29 -13.62
CA GLN A 98 -6.59 4.38 -14.80
C GLN A 98 -6.44 2.93 -14.32
N TRP A 99 -5.65 2.70 -13.30
CA TRP A 99 -5.49 1.31 -12.77
C TRP A 99 -6.78 0.90 -12.06
N LEU A 100 -7.37 1.81 -11.34
CA LEU A 100 -8.64 1.51 -10.62
C LEU A 100 -9.75 1.25 -11.63
N SER A 101 -9.78 2.02 -12.70
CA SER A 101 -10.84 1.83 -13.75
C SER A 101 -10.57 0.55 -14.55
N SER A 102 -9.42 0.46 -15.17
CA SER A 102 -9.07 -0.76 -15.97
C SER A 102 -10.07 -0.93 -17.14
N GLU A 1 -0.13 26.48 -6.73
CA GLU A 1 -0.24 25.74 -5.43
C GLU A 1 -1.56 24.96 -5.37
N ALA A 2 -1.71 24.09 -4.39
CA ALA A 2 -2.97 23.31 -4.26
C ALA A 2 -3.93 24.00 -3.27
N TYR A 3 -5.14 24.27 -3.69
CA TYR A 3 -6.12 24.94 -2.79
C TYR A 3 -7.03 23.89 -2.13
N VAL A 4 -7.65 23.05 -2.91
CA VAL A 4 -8.55 21.99 -2.33
C VAL A 4 -7.84 20.63 -2.36
N GLN A 5 -8.23 19.72 -1.50
CA GLN A 5 -7.58 18.38 -1.47
C GLN A 5 -7.95 17.59 -2.74
N GLY A 6 -7.35 16.44 -2.94
CA GLY A 6 -7.66 15.63 -4.16
C GLY A 6 -6.59 14.54 -4.32
N TRP A 7 -5.35 14.94 -4.47
CA TRP A 7 -4.24 13.93 -4.63
C TRP A 7 -4.23 12.96 -3.44
N GLU A 8 -4.44 13.46 -2.24
CA GLU A 8 -4.46 12.57 -1.04
C GLU A 8 -5.60 11.55 -1.17
N ALA A 9 -6.74 11.98 -1.68
CA ALA A 9 -7.88 11.03 -1.85
C ALA A 9 -7.51 9.94 -2.86
N VAL A 10 -6.83 10.30 -3.92
CA VAL A 10 -6.41 9.29 -4.94
C VAL A 10 -5.45 8.29 -4.28
N ALA A 11 -4.55 8.78 -3.47
CA ALA A 11 -3.59 7.86 -2.77
C ALA A 11 -4.36 6.92 -1.84
N ALA A 12 -5.36 7.44 -1.15
CA ALA A 12 -6.16 6.58 -0.24
C ALA A 12 -6.88 5.48 -1.04
N ALA A 13 -7.40 5.83 -2.20
CA ALA A 13 -8.09 4.80 -3.04
C ALA A 13 -7.09 3.72 -3.47
N VAL A 14 -5.89 4.12 -3.83
CA VAL A 14 -4.86 3.13 -4.24
C VAL A 14 -4.56 2.18 -3.07
N ALA A 15 -4.46 2.72 -1.87
CA ALA A 15 -4.20 1.87 -0.68
C ALA A 15 -5.38 0.91 -0.46
N SER A 16 -6.60 1.39 -0.66
CA SER A 16 -7.79 0.51 -0.49
C SER A 16 -7.74 -0.65 -1.48
N LYS A 17 -7.28 -0.40 -2.69
CA LYS A 17 -7.19 -1.51 -3.68
C LYS A 17 -6.12 -2.51 -3.24
N ILE A 18 -5.05 -2.04 -2.65
CA ILE A 18 -3.98 -2.98 -2.18
C ILE A 18 -4.54 -4.00 -1.19
N VAL A 19 -5.39 -3.57 -0.28
CA VAL A 19 -5.98 -4.52 0.72
C VAL A 19 -6.87 -5.54 0.01
N GLY A 20 -7.72 -5.09 -0.88
CA GLY A 20 -8.62 -6.05 -1.62
C GLY A 20 -7.86 -6.77 -2.76
N LEU A 21 -6.71 -6.27 -3.15
CA LEU A 21 -5.94 -6.91 -4.27
C LEU A 21 -4.82 -7.80 -3.72
N TRP A 22 -4.39 -7.58 -2.50
CA TRP A 22 -3.29 -8.41 -1.92
C TRP A 22 -3.72 -9.88 -1.74
N ARG A 23 -2.91 -10.79 -2.21
CA ARG A 23 -3.21 -12.23 -2.07
C ARG A 23 -2.42 -12.80 -0.87
N ASN A 24 -2.23 -14.10 -0.80
CA ASN A 24 -1.45 -14.68 0.34
C ASN A 24 -0.14 -13.92 0.53
N GLU A 25 0.58 -13.65 -0.53
CA GLU A 25 1.88 -12.90 -0.43
C GLU A 25 2.24 -12.22 -1.76
N LYS A 26 1.26 -11.86 -2.55
CA LYS A 26 1.57 -11.20 -3.87
C LYS A 26 0.43 -10.25 -4.27
N THR A 27 0.73 -9.29 -5.11
CA THR A 27 -0.31 -8.33 -5.57
C THR A 27 0.06 -7.78 -6.95
N GLU A 28 -0.91 -7.52 -7.79
CA GLU A 28 -0.61 -6.99 -9.16
C GLU A 28 -0.90 -5.47 -9.19
N LEU A 29 0.14 -4.66 -9.25
CA LEU A 29 -0.07 -3.18 -9.26
C LEU A 29 0.36 -2.58 -10.61
N LEU A 30 -0.49 -1.79 -11.23
CA LEU A 30 -0.15 -1.15 -12.54
C LEU A 30 0.18 -2.21 -13.60
N GLY A 31 -0.38 -3.39 -13.48
CA GLY A 31 -0.09 -4.46 -14.48
C GLY A 31 1.31 -5.05 -14.20
N HIS A 32 1.81 -4.89 -13.00
CA HIS A 32 3.16 -5.42 -12.66
C HIS A 32 3.05 -6.40 -11.49
N GLU A 33 3.97 -7.31 -11.36
CA GLU A 33 3.92 -8.29 -10.22
C GLU A 33 4.61 -7.67 -9.00
N CYS A 34 3.85 -7.45 -7.95
CA CYS A 34 4.45 -6.86 -6.71
C CYS A 34 4.33 -7.87 -5.57
N LYS A 35 4.92 -7.57 -4.44
CA LYS A 35 4.85 -8.50 -3.29
C LYS A 35 4.47 -7.76 -2.00
N PHE A 36 3.29 -7.98 -1.52
CA PHE A 36 2.84 -7.34 -0.25
C PHE A 36 2.78 -8.43 0.83
N THR A 37 3.20 -8.14 2.03
CA THR A 37 3.17 -9.20 3.09
C THR A 37 2.85 -8.63 4.47
N VAL A 38 2.28 -9.43 5.32
CA VAL A 38 1.93 -8.97 6.71
C VAL A 38 2.39 -10.03 7.72
N LYS A 39 3.21 -9.66 8.67
CA LYS A 39 3.69 -10.65 9.67
C LYS A 39 3.70 -10.05 11.07
N PRO A 40 2.90 -10.62 11.94
CA PRO A 40 2.82 -10.13 13.34
C PRO A 40 3.98 -10.69 14.18
N TYR A 41 4.31 -10.04 15.25
CA TYR A 41 5.41 -10.51 16.13
C TYR A 41 4.94 -10.47 17.59
N LEU A 42 5.84 -10.64 18.52
CA LEU A 42 5.45 -10.61 19.95
C LEU A 42 6.43 -9.78 20.77
N LYS A 43 5.96 -9.15 21.82
CA LYS A 43 6.84 -8.32 22.69
C LYS A 43 6.76 -8.82 24.13
N ARG A 44 7.49 -8.19 25.03
CA ARG A 44 7.50 -8.60 26.48
C ARG A 44 6.12 -9.09 26.93
N PHE A 45 5.09 -8.38 26.60
CA PHE A 45 3.71 -8.80 27.00
C PHE A 45 2.66 -8.22 26.04
N GLN A 46 2.95 -8.16 24.76
CA GLN A 46 1.97 -7.61 23.79
C GLN A 46 2.23 -8.15 22.37
N VAL A 47 1.18 -8.42 21.63
CA VAL A 47 1.37 -8.93 20.23
C VAL A 47 1.24 -7.76 19.25
N TYR A 48 2.23 -7.55 18.42
CA TYR A 48 2.18 -6.42 17.45
C TYR A 48 2.00 -6.93 16.02
N TYR A 49 1.35 -6.16 15.18
CA TYR A 49 1.14 -6.58 13.76
C TYR A 49 1.99 -5.72 12.83
N LYS A 50 2.72 -6.32 11.94
CA LYS A 50 3.58 -5.51 11.01
C LYS A 50 3.34 -5.94 9.56
N GLY A 51 3.67 -5.09 8.61
CA GLY A 51 3.46 -5.45 7.19
C GLY A 51 4.46 -4.70 6.31
N ARG A 52 4.95 -5.34 5.28
CA ARG A 52 5.93 -4.70 4.36
C ARG A 52 5.59 -5.05 2.91
N MET A 53 5.90 -4.18 1.97
CA MET A 53 5.60 -4.50 0.54
C MET A 53 6.66 -3.92 -0.40
N TRP A 54 6.78 -4.49 -1.57
CA TRP A 54 7.78 -4.00 -2.57
C TRP A 54 7.49 -4.60 -3.95
N CYS A 55 8.07 -4.05 -5.00
CA CYS A 55 7.82 -4.59 -6.37
C CYS A 55 9.16 -4.86 -7.07
N PRO A 56 9.58 -6.11 -7.05
CA PRO A 56 10.85 -6.51 -7.70
C PRO A 56 10.70 -6.55 -9.23
N GLY A 57 10.83 -5.42 -9.88
CA GLY A 57 10.69 -5.40 -11.37
C GLY A 57 10.00 -4.10 -11.81
N TRP A 58 8.96 -3.70 -11.11
CA TRP A 58 8.25 -2.44 -11.49
C TRP A 58 9.12 -1.22 -11.16
N THR A 59 9.48 -1.06 -9.91
CA THR A 59 10.33 0.10 -9.52
C THR A 59 11.21 -0.26 -8.32
N ALA A 60 11.86 0.70 -7.73
CA ALA A 60 12.74 0.43 -6.54
C ALA A 60 12.20 1.14 -5.30
N ILE A 61 10.91 1.14 -5.12
CA ILE A 61 10.30 1.81 -3.93
C ILE A 61 9.57 0.77 -3.07
N ARG A 62 9.44 1.03 -1.79
CA ARG A 62 8.74 0.04 -0.91
C ARG A 62 7.77 0.72 0.05
N GLY A 63 6.99 -0.05 0.75
CA GLY A 63 6.01 0.52 1.72
C GLY A 63 5.97 -0.39 2.95
N GLU A 64 6.15 0.18 4.11
CA GLU A 64 6.13 -0.65 5.36
C GLU A 64 5.32 0.05 6.45
N ALA A 65 4.75 -0.72 7.35
CA ALA A 65 3.94 -0.11 8.45
C ALA A 65 3.58 -1.18 9.50
N SER A 66 3.16 -0.75 10.67
CA SER A 66 2.78 -1.72 11.74
C SER A 66 1.74 -1.13 12.69
N THR A 67 0.91 -1.97 13.25
CA THR A 67 -0.15 -1.50 14.20
C THR A 67 -0.87 -2.71 14.81
N ARG A 68 -1.48 -2.56 15.96
CA ARG A 68 -2.20 -3.71 16.60
C ARG A 68 -3.33 -4.23 15.68
N SER A 69 -3.84 -3.39 14.82
CA SER A 69 -4.93 -3.83 13.90
C SER A 69 -4.41 -4.85 12.87
N GLN A 70 -5.18 -5.88 12.59
CA GLN A 70 -4.74 -6.91 11.59
C GLN A 70 -4.87 -6.36 10.16
N SER A 71 -6.04 -5.89 9.80
CA SER A 71 -6.24 -5.33 8.42
C SER A 71 -5.71 -3.90 8.36
N GLY A 72 -5.77 -3.18 9.46
CA GLY A 72 -5.27 -1.77 9.50
C GLY A 72 -3.79 -1.74 9.10
N VAL A 73 -3.02 -2.73 9.50
CA VAL A 73 -1.57 -2.75 9.14
C VAL A 73 -1.40 -2.85 7.61
N ALA A 74 -2.27 -3.57 6.95
CA ALA A 74 -2.17 -3.69 5.46
C ALA A 74 -2.45 -2.34 4.79
N GLY A 75 -3.42 -1.61 5.30
CA GLY A 75 -3.74 -0.28 4.72
C GLY A 75 -2.60 0.69 5.01
N LYS A 76 -1.93 0.51 6.13
CA LYS A 76 -0.80 1.42 6.48
C LYS A 76 0.42 1.11 5.60
N THR A 77 0.69 -0.15 5.34
CA THR A 77 1.87 -0.50 4.47
C THR A 77 1.62 0.05 3.06
N ALA A 78 0.41 -0.05 2.58
CA ALA A 78 0.09 0.47 1.23
C ALA A 78 0.19 2.01 1.22
N LYS A 79 -0.24 2.63 2.29
CA LYS A 79 -0.16 4.13 2.37
C LYS A 79 1.30 4.59 2.25
N ASP A 80 2.20 3.90 2.90
CA ASP A 80 3.64 4.28 2.82
C ASP A 80 4.14 4.09 1.39
N PHE A 81 3.74 3.01 0.75
CA PHE A 81 4.17 2.78 -0.67
C PHE A 81 3.49 3.78 -1.60
N VAL A 82 2.24 4.11 -1.34
CA VAL A 82 1.52 5.09 -2.20
C VAL A 82 2.12 6.49 -1.99
N ARG A 83 2.50 6.83 -0.78
CA ARG A 83 3.09 8.18 -0.54
C ARG A 83 4.45 8.27 -1.22
N LYS A 84 5.23 7.22 -1.17
CA LYS A 84 6.56 7.22 -1.84
C LYS A 84 6.37 7.28 -3.36
N ALA A 85 5.41 6.55 -3.88
CA ALA A 85 5.15 6.57 -5.34
C ALA A 85 4.62 7.95 -5.76
N PHE A 86 3.81 8.56 -4.93
CA PHE A 86 3.26 9.91 -5.26
C PHE A 86 4.39 10.95 -5.24
N GLN A 87 5.36 10.78 -4.36
CA GLN A 87 6.49 11.74 -4.28
C GLN A 87 7.31 11.75 -5.57
N LYS A 88 7.39 10.62 -6.25
CA LYS A 88 8.15 10.56 -7.52
C LYS A 88 7.23 10.82 -8.72
N GLY A 89 6.31 9.92 -8.98
CA GLY A 89 5.38 10.12 -10.13
C GLY A 89 4.92 8.77 -10.68
N LEU A 90 4.42 7.90 -9.82
CA LEU A 90 3.95 6.57 -10.30
C LEU A 90 2.42 6.46 -10.16
N ILE A 91 1.86 6.98 -9.10
CA ILE A 91 0.39 6.89 -8.91
C ILE A 91 -0.24 8.26 -9.21
N SER A 92 -0.24 8.65 -10.47
CA SER A 92 -0.83 9.97 -10.87
C SER A 92 -2.37 9.89 -10.81
N GLN A 93 -3.04 10.97 -11.16
CA GLN A 93 -4.54 10.96 -11.11
C GLN A 93 -5.11 10.01 -12.19
N GLN A 94 -4.80 10.26 -13.44
CA GLN A 94 -5.32 9.36 -14.52
C GLN A 94 -4.76 7.95 -14.35
N GLU A 95 -3.51 7.84 -13.98
CA GLU A 95 -2.90 6.49 -13.78
C GLU A 95 -3.65 5.77 -12.66
N ALA A 96 -3.96 6.46 -11.59
CA ALA A 96 -4.71 5.82 -10.46
C ALA A 96 -6.07 5.33 -10.95
N ASN A 97 -6.71 6.06 -11.83
CA ASN A 97 -8.02 5.61 -12.37
C ASN A 97 -7.83 4.29 -13.10
N GLN A 98 -6.80 4.19 -13.92
CA GLN A 98 -6.55 2.91 -14.64
C GLN A 98 -5.98 1.88 -13.64
N TRP A 99 -5.27 2.35 -12.65
CA TRP A 99 -4.70 1.44 -11.61
C TRP A 99 -5.83 0.83 -10.77
N LEU A 100 -6.82 1.62 -10.42
CA LEU A 100 -7.94 1.10 -9.60
C LEU A 100 -8.96 0.37 -10.50
N SER A 101 -9.11 0.81 -11.73
CA SER A 101 -10.09 0.15 -12.64
C SER A 101 -9.43 -1.02 -13.38
N SER A 102 -8.49 -0.72 -14.26
CA SER A 102 -7.79 -1.81 -15.04
C SER A 102 -8.80 -2.61 -15.90
N GLU A 1 -16.71 20.69 -3.27
CA GLU A 1 -17.89 21.09 -4.09
C GLU A 1 -17.44 21.71 -5.42
N ALA A 2 -16.69 22.79 -5.37
CA ALA A 2 -16.22 23.44 -6.63
C ALA A 2 -14.70 23.23 -6.79
N TYR A 3 -14.31 22.11 -7.36
CA TYR A 3 -12.85 21.82 -7.57
C TYR A 3 -12.10 21.82 -6.22
N VAL A 4 -12.02 20.68 -5.58
CA VAL A 4 -11.30 20.61 -4.26
C VAL A 4 -10.09 19.66 -4.38
N GLN A 5 -9.11 19.84 -3.53
CA GLN A 5 -7.91 18.95 -3.58
C GLN A 5 -8.19 17.64 -2.85
N GLY A 6 -7.60 16.56 -3.29
CA GLY A 6 -7.84 15.24 -2.62
C GLY A 6 -6.73 14.25 -3.01
N TRP A 7 -5.51 14.71 -3.10
CA TRP A 7 -4.38 13.78 -3.46
C TRP A 7 -4.24 12.70 -2.40
N GLU A 8 -4.44 13.05 -1.15
CA GLU A 8 -4.34 12.04 -0.05
C GLU A 8 -5.43 10.98 -0.23
N ALA A 9 -6.63 11.40 -0.58
CA ALA A 9 -7.74 10.43 -0.79
C ALA A 9 -7.40 9.48 -1.93
N VAL A 10 -6.79 9.98 -2.98
CA VAL A 10 -6.41 9.11 -4.13
C VAL A 10 -5.37 8.09 -3.67
N ALA A 11 -4.41 8.52 -2.89
CA ALA A 11 -3.36 7.59 -2.39
C ALA A 11 -3.99 6.62 -1.38
N ALA A 12 -4.92 7.09 -0.59
CA ALA A 12 -5.60 6.20 0.40
C ALA A 12 -6.43 5.16 -0.33
N ALA A 13 -7.10 5.54 -1.40
CA ALA A 13 -7.92 4.55 -2.17
C ALA A 13 -7.00 3.49 -2.78
N VAL A 14 -5.87 3.91 -3.29
CA VAL A 14 -4.91 2.93 -3.89
C VAL A 14 -4.43 1.95 -2.81
N ALA A 15 -4.17 2.45 -1.61
CA ALA A 15 -3.72 1.56 -0.51
C ALA A 15 -4.85 0.57 -0.17
N SER A 16 -6.08 1.03 -0.18
CA SER A 16 -7.24 0.13 0.12
C SER A 16 -7.31 -0.98 -0.94
N LYS A 17 -7.05 -0.64 -2.19
CA LYS A 17 -7.10 -1.69 -3.26
C LYS A 17 -6.01 -2.74 -3.00
N ILE A 18 -4.86 -2.32 -2.53
CA ILE A 18 -3.76 -3.31 -2.24
C ILE A 18 -4.22 -4.30 -1.16
N VAL A 19 -4.96 -3.85 -0.18
CA VAL A 19 -5.43 -4.79 0.89
C VAL A 19 -6.37 -5.84 0.28
N GLY A 20 -7.34 -5.43 -0.51
CA GLY A 20 -8.26 -6.42 -1.14
C GLY A 20 -7.60 -7.12 -2.34
N LEU A 21 -6.50 -6.59 -2.83
CA LEU A 21 -5.81 -7.21 -4.01
C LEU A 21 -4.61 -8.07 -3.55
N TRP A 22 -4.14 -7.88 -2.34
CA TRP A 22 -2.97 -8.66 -1.85
C TRP A 22 -3.33 -10.14 -1.64
N ARG A 23 -2.44 -11.01 -2.06
CA ARG A 23 -2.67 -12.48 -1.90
C ARG A 23 -1.80 -13.00 -0.75
N ASN A 24 -1.57 -14.30 -0.68
CA ASN A 24 -0.72 -14.87 0.42
C ASN A 24 0.56 -14.04 0.60
N GLU A 25 1.21 -13.69 -0.48
CA GLU A 25 2.47 -12.88 -0.38
C GLU A 25 2.79 -12.17 -1.71
N LYS A 26 1.78 -11.80 -2.47
CA LYS A 26 2.03 -11.12 -3.77
C LYS A 26 0.85 -10.22 -4.15
N THR A 27 1.05 -9.30 -5.07
CA THR A 27 -0.06 -8.40 -5.50
C THR A 27 0.24 -7.83 -6.90
N GLU A 28 -0.78 -7.66 -7.70
CA GLU A 28 -0.56 -7.11 -9.08
C GLU A 28 -0.96 -5.64 -9.11
N LEU A 29 0.00 -4.75 -9.23
CA LEU A 29 -0.33 -3.29 -9.25
C LEU A 29 0.00 -2.67 -10.62
N LEU A 30 -0.93 -1.94 -11.20
CA LEU A 30 -0.69 -1.29 -12.54
C LEU A 30 -0.32 -2.35 -13.59
N GLY A 31 -0.80 -3.55 -13.44
CA GLY A 31 -0.47 -4.63 -14.41
C GLY A 31 0.97 -5.11 -14.20
N HIS A 32 1.50 -4.94 -13.01
CA HIS A 32 2.90 -5.36 -12.72
C HIS A 32 2.91 -6.32 -11.53
N GLU A 33 3.95 -7.10 -11.36
CA GLU A 33 4.00 -8.03 -10.21
C GLU A 33 4.70 -7.37 -9.01
N CYS A 34 4.01 -7.29 -7.90
CA CYS A 34 4.60 -6.68 -6.68
C CYS A 34 4.56 -7.69 -5.54
N LYS A 35 5.31 -7.45 -4.50
CA LYS A 35 5.32 -8.42 -3.36
C LYS A 35 4.99 -7.72 -2.04
N PHE A 36 3.83 -7.99 -1.49
CA PHE A 36 3.43 -7.38 -0.19
C PHE A 36 3.42 -8.48 0.87
N THR A 37 3.91 -8.20 2.06
CA THR A 37 3.93 -9.26 3.11
C THR A 37 3.64 -8.67 4.51
N VAL A 38 3.18 -9.50 5.41
CA VAL A 38 2.88 -9.03 6.79
C VAL A 38 3.58 -9.94 7.83
N LYS A 39 4.28 -9.35 8.77
CA LYS A 39 4.98 -10.18 9.80
C LYS A 39 4.65 -9.67 11.21
N PRO A 40 3.53 -10.11 11.72
CA PRO A 40 3.10 -9.71 13.08
C PRO A 40 3.84 -10.51 14.16
N TYR A 41 3.89 -10.01 15.36
CA TYR A 41 4.58 -10.75 16.46
C TYR A 41 3.78 -10.63 17.77
N LEU A 42 4.24 -11.27 18.80
CA LEU A 42 3.51 -11.22 20.10
C LEU A 42 4.49 -11.04 21.27
N LYS A 43 4.00 -10.50 22.35
CA LYS A 43 4.85 -10.28 23.55
C LYS A 43 4.13 -10.80 24.80
N ARG A 44 4.76 -10.72 25.94
CA ARG A 44 4.13 -11.22 27.21
C ARG A 44 2.64 -10.87 27.29
N PHE A 45 2.26 -9.70 26.85
CA PHE A 45 0.81 -9.30 26.89
C PHE A 45 0.52 -8.25 25.80
N GLN A 46 1.25 -8.27 24.71
CA GLN A 46 0.99 -7.27 23.63
C GLN A 46 1.20 -7.90 22.24
N VAL A 47 0.34 -7.56 21.30
CA VAL A 47 0.48 -8.13 19.92
C VAL A 47 0.65 -6.98 18.92
N TYR A 48 1.69 -7.01 18.13
CA TYR A 48 1.91 -5.91 17.14
C TYR A 48 1.92 -6.47 15.72
N TYR A 49 1.31 -5.77 14.79
CA TYR A 49 1.28 -6.25 13.38
C TYR A 49 2.22 -5.41 12.51
N LYS A 50 3.05 -6.06 11.73
CA LYS A 50 3.99 -5.32 10.84
C LYS A 50 3.79 -5.77 9.39
N GLY A 51 4.16 -4.94 8.44
CA GLY A 51 3.99 -5.33 7.02
C GLY A 51 4.90 -4.51 6.12
N ARG A 52 5.46 -5.14 5.11
CA ARG A 52 6.35 -4.41 4.16
C ARG A 52 6.11 -4.91 2.73
N MET A 53 6.25 -4.05 1.75
CA MET A 53 6.02 -4.49 0.34
C MET A 53 7.06 -3.88 -0.60
N TRP A 54 7.28 -4.53 -1.72
CA TRP A 54 8.28 -4.03 -2.72
C TRP A 54 7.92 -4.57 -4.11
N CYS A 55 8.17 -3.80 -5.15
CA CYS A 55 7.83 -4.28 -6.53
C CYS A 55 9.10 -4.52 -7.35
N PRO A 56 9.60 -5.73 -7.28
CA PRO A 56 10.82 -6.10 -8.05
C PRO A 56 10.47 -6.35 -9.52
N GLY A 57 10.37 -5.30 -10.29
CA GLY A 57 10.02 -5.45 -11.74
C GLY A 57 9.32 -4.18 -12.24
N TRP A 58 8.38 -3.66 -11.47
CA TRP A 58 7.67 -2.43 -11.89
C TRP A 58 8.57 -1.20 -11.71
N THR A 59 8.94 -0.91 -10.48
CA THR A 59 9.83 0.26 -10.22
C THR A 59 10.83 -0.09 -9.11
N ALA A 60 11.44 0.90 -8.51
CA ALA A 60 12.42 0.63 -7.42
C ALA A 60 12.01 1.36 -6.13
N ILE A 61 10.75 1.29 -5.78
CA ILE A 61 10.27 1.97 -4.53
C ILE A 61 9.60 0.95 -3.59
N ARG A 62 9.83 1.09 -2.31
CA ARG A 62 9.21 0.13 -1.34
C ARG A 62 8.41 0.89 -0.27
N GLY A 63 7.67 0.18 0.55
CA GLY A 63 6.87 0.86 1.60
C GLY A 63 6.55 -0.14 2.72
N GLU A 64 6.68 0.27 3.96
CA GLU A 64 6.38 -0.63 5.11
C GLU A 64 5.65 0.13 6.20
N ALA A 65 5.00 -0.58 7.09
CA ALA A 65 4.26 0.07 8.21
C ALA A 65 3.89 -0.96 9.28
N SER A 66 3.78 -0.55 10.52
CA SER A 66 3.42 -1.50 11.61
C SER A 66 2.49 -0.83 12.63
N THR A 67 1.53 -1.57 13.14
CA THR A 67 0.57 -0.99 14.14
C THR A 67 -0.25 -2.12 14.79
N ARG A 68 -1.03 -1.79 15.80
CA ARG A 68 -1.86 -2.83 16.49
C ARG A 68 -3.01 -3.29 15.59
N SER A 69 -3.45 -2.45 14.66
CA SER A 69 -4.58 -2.85 13.76
C SER A 69 -4.15 -3.99 12.82
N GLN A 70 -5.03 -4.93 12.60
CA GLN A 70 -4.72 -6.09 11.69
C GLN A 70 -4.80 -5.64 10.23
N SER A 71 -5.90 -5.06 9.82
CA SER A 71 -6.03 -4.60 8.41
C SER A 71 -5.40 -3.21 8.25
N GLY A 72 -5.44 -2.41 9.29
CA GLY A 72 -4.85 -1.04 9.22
C GLY A 72 -3.36 -1.12 8.85
N VAL A 73 -2.64 -2.08 9.38
CA VAL A 73 -1.18 -2.20 9.03
C VAL A 73 -1.00 -2.44 7.53
N ALA A 74 -1.86 -3.21 6.93
CA ALA A 74 -1.74 -3.48 5.46
C ALA A 74 -2.02 -2.21 4.67
N GLY A 75 -3.01 -1.45 5.07
CA GLY A 75 -3.33 -0.17 4.35
C GLY A 75 -2.18 0.82 4.56
N LYS A 76 -1.59 0.83 5.74
CA LYS A 76 -0.47 1.77 6.01
C LYS A 76 0.75 1.39 5.16
N THR A 77 1.03 0.12 5.00
CA THR A 77 2.20 -0.29 4.15
C THR A 77 1.95 0.16 2.71
N ALA A 78 0.74 0.00 2.23
CA ALA A 78 0.42 0.43 0.84
C ALA A 78 0.41 1.97 0.77
N LYS A 79 -0.10 2.61 1.81
CA LYS A 79 -0.14 4.10 1.83
C LYS A 79 1.29 4.67 1.80
N ASP A 80 2.20 4.05 2.50
CA ASP A 80 3.60 4.56 2.50
C ASP A 80 4.23 4.33 1.12
N PHE A 81 3.94 3.22 0.50
CA PHE A 81 4.49 2.96 -0.86
C PHE A 81 3.82 3.88 -1.88
N VAL A 82 2.53 4.12 -1.73
CA VAL A 82 1.83 5.02 -2.68
C VAL A 82 2.31 6.47 -2.48
N ARG A 83 2.63 6.85 -1.26
CA ARG A 83 3.13 8.24 -1.02
C ARG A 83 4.50 8.40 -1.71
N LYS A 84 5.35 7.41 -1.61
CA LYS A 84 6.68 7.50 -2.27
C LYS A 84 6.49 7.49 -3.79
N ALA A 85 5.56 6.70 -4.27
CA ALA A 85 5.30 6.63 -5.75
C ALA A 85 4.68 7.97 -6.20
N PHE A 86 3.88 8.58 -5.37
CA PHE A 86 3.26 9.90 -5.73
C PHE A 86 4.37 10.96 -5.86
N GLN A 87 5.33 10.92 -4.98
CA GLN A 87 6.45 11.91 -5.02
C GLN A 87 7.27 11.73 -6.31
N LYS A 88 7.51 10.51 -6.71
CA LYS A 88 8.31 10.26 -7.95
C LYS A 88 7.45 10.54 -9.20
N GLY A 89 6.30 9.92 -9.30
CA GLY A 89 5.42 10.16 -10.47
C GLY A 89 4.92 8.82 -11.02
N LEU A 90 4.33 8.00 -10.18
CA LEU A 90 3.81 6.68 -10.67
C LEU A 90 2.30 6.60 -10.47
N ILE A 91 1.82 6.94 -9.30
CA ILE A 91 0.34 6.87 -9.05
C ILE A 91 -0.29 8.22 -9.42
N SER A 92 -0.46 8.47 -10.70
CA SER A 92 -1.08 9.76 -11.14
C SER A 92 -2.58 9.75 -10.88
N GLN A 93 -3.26 10.85 -11.13
CA GLN A 93 -4.74 10.91 -10.88
C GLN A 93 -5.49 9.97 -11.84
N GLN A 94 -5.35 10.17 -13.12
CA GLN A 94 -6.07 9.29 -14.10
C GLN A 94 -5.53 7.87 -14.01
N GLU A 95 -4.24 7.71 -13.85
CA GLU A 95 -3.64 6.35 -13.75
C GLU A 95 -4.17 5.65 -12.48
N ALA A 96 -4.30 6.38 -11.40
CA ALA A 96 -4.83 5.77 -10.14
C ALA A 96 -6.28 5.31 -10.38
N ASN A 97 -7.02 6.04 -11.17
CA ASN A 97 -8.42 5.62 -11.47
C ASN A 97 -8.40 4.28 -12.20
N GLN A 98 -7.54 4.16 -13.19
CA GLN A 98 -7.42 2.86 -13.92
C GLN A 98 -6.76 1.83 -13.00
N TRP A 99 -5.82 2.28 -12.20
CA TRP A 99 -5.14 1.36 -11.23
C TRP A 99 -6.16 0.80 -10.24
N LEU A 100 -7.06 1.64 -9.76
CA LEU A 100 -8.09 1.16 -8.79
C LEU A 100 -9.14 0.32 -9.53
N SER A 101 -9.40 0.62 -10.78
CA SER A 101 -10.40 -0.18 -11.56
C SER A 101 -9.91 -1.62 -11.70
N SER A 102 -8.66 -1.79 -12.09
CA SER A 102 -8.09 -3.16 -12.24
C SER A 102 -6.56 -3.10 -12.33
#